data_3WUD
# 
_entry.id   3WUD 
# 
_audit_conform.dict_name       mmcif_pdbx.dic 
_audit_conform.dict_version    5.398 
_audit_conform.dict_location   http://mmcif.pdb.org/dictionaries/ascii/mmcif_pdbx.dic 
# 
loop_
_database_2.database_id 
_database_2.database_code 
_database_2.pdbx_database_accession 
_database_2.pdbx_DOI 
PDB   3WUD         pdb_00003wud 10.2210/pdb3wud/pdb 
RCSB  RCSB096803   ?            ?                   
WWPDB D_1000096803 ?            ?                   
# 
loop_
_pdbx_audit_revision_history.ordinal 
_pdbx_audit_revision_history.data_content_type 
_pdbx_audit_revision_history.major_revision 
_pdbx_audit_revision_history.minor_revision 
_pdbx_audit_revision_history.revision_date 
1 'Structure model' 1 0 2015-04-08 
2 'Structure model' 2 0 2020-07-29 
3 'Structure model' 2 1 2022-08-24 
4 'Structure model' 2 2 2023-11-08 
5 'Structure model' 2 3 2024-11-06 
# 
loop_
_pdbx_audit_revision_details.ordinal 
_pdbx_audit_revision_details.revision_ordinal 
_pdbx_audit_revision_details.data_content_type 
_pdbx_audit_revision_details.provider 
_pdbx_audit_revision_details.type 
_pdbx_audit_revision_details.description 
_pdbx_audit_revision_details.details 
1 1 'Structure model' repository 'Initial release' ?                          ? 
2 2 'Structure model' repository Remediation       'Carbohydrate remediation' ? 
# 
loop_
_pdbx_audit_revision_group.ordinal 
_pdbx_audit_revision_group.revision_ordinal 
_pdbx_audit_revision_group.data_content_type 
_pdbx_audit_revision_group.group 
1  2 'Structure model' 'Atomic model'           
2  2 'Structure model' 'Data collection'        
3  2 'Structure model' 'Database references'    
4  2 'Structure model' 'Derived calculations'   
5  2 'Structure model' 'Structure summary'      
6  3 'Structure model' 'Database references'    
7  3 'Structure model' 'Structure summary'      
8  4 'Structure model' 'Data collection'        
9  4 'Structure model' 'Refinement description' 
10 5 'Structure model' 'Structure summary'      
# 
loop_
_pdbx_audit_revision_category.ordinal 
_pdbx_audit_revision_category.revision_ordinal 
_pdbx_audit_revision_category.data_content_type 
_pdbx_audit_revision_category.category 
1  2 'Structure model' atom_site                     
2  2 'Structure model' chem_comp                     
3  2 'Structure model' entity                        
4  2 'Structure model' entity_name_com               
5  2 'Structure model' pdbx_branch_scheme            
6  2 'Structure model' pdbx_chem_comp_identifier     
7  2 'Structure model' pdbx_entity_branch            
8  2 'Structure model' pdbx_entity_branch_descriptor 
9  2 'Structure model' pdbx_entity_branch_link       
10 2 'Structure model' pdbx_entity_branch_list       
11 2 'Structure model' pdbx_entity_nonpoly           
12 2 'Structure model' pdbx_molecule_features        
13 2 'Structure model' pdbx_nonpoly_scheme           
14 2 'Structure model' pdbx_struct_assembly_gen      
15 2 'Structure model' struct_asym                   
16 2 'Structure model' struct_conn                   
17 2 'Structure model' struct_ref_seq_dif            
18 2 'Structure model' struct_site                   
19 2 'Structure model' struct_site_gen               
20 3 'Structure model' chem_comp                     
21 3 'Structure model' citation                      
22 3 'Structure model' database_2                    
23 4 'Structure model' chem_comp_atom                
24 4 'Structure model' chem_comp_bond                
25 4 'Structure model' pdbx_initial_refinement_model 
26 5 'Structure model' pdbx_entry_details            
27 5 'Structure model' pdbx_modification_feature     
# 
loop_
_pdbx_audit_revision_item.ordinal 
_pdbx_audit_revision_item.revision_ordinal 
_pdbx_audit_revision_item.data_content_type 
_pdbx_audit_revision_item.item 
1  2 'Structure model' '_atom_site.auth_asym_id'                
2  2 'Structure model' '_atom_site.auth_seq_id'                 
3  2 'Structure model' '_atom_site.label_asym_id'               
4  2 'Structure model' '_atom_site.label_entity_id'             
5  2 'Structure model' '_chem_comp.name'                        
6  2 'Structure model' '_chem_comp.type'                        
7  2 'Structure model' '_pdbx_struct_assembly_gen.asym_id_list' 
8  2 'Structure model' '_struct_conn.pdbx_leaving_atom_flag'    
9  2 'Structure model' '_struct_conn.ptnr1_auth_asym_id'        
10 2 'Structure model' '_struct_conn.ptnr1_auth_seq_id'         
11 2 'Structure model' '_struct_conn.ptnr2_auth_asym_id'        
12 2 'Structure model' '_struct_conn.ptnr2_auth_seq_id'         
13 2 'Structure model' '_struct_conn.ptnr2_label_asym_id'       
14 2 'Structure model' '_struct_ref_seq_dif.details'            
15 3 'Structure model' '_chem_comp.pdbx_synonyms'               
16 3 'Structure model' '_citation.journal_volume'               
17 3 'Structure model' '_citation.page_first'                   
18 3 'Structure model' '_citation.page_last'                    
19 3 'Structure model' '_citation.title'                        
20 3 'Structure model' '_database_2.pdbx_DOI'                   
21 3 'Structure model' '_database_2.pdbx_database_accession'    
# 
_pdbx_database_status.status_code                     REL 
_pdbx_database_status.entry_id                        3WUD 
_pdbx_database_status.recvd_initial_deposition_date   2014-04-23 
_pdbx_database_status.deposit_site                    PDBJ 
_pdbx_database_status.process_site                    PDBJ 
_pdbx_database_status.methods_development_category    ? 
_pdbx_database_status.status_code_sf                  REL 
_pdbx_database_status.status_code_mr                  ? 
_pdbx_database_status.SG_entry                        ? 
_pdbx_database_status.status_code_cs                  ? 
_pdbx_database_status.pdb_format_compatible           Y 
_pdbx_database_status.status_code_nmr_data            ? 
# 
_pdbx_database_related.db_name        PDB 
_pdbx_database_related.db_id          3WUC 
_pdbx_database_related.details        . 
_pdbx_database_related.content_type   unspecified 
# 
loop_
_audit_author.name 
_audit_author.pdbx_ordinal 
'Nonaka, Y.'   1 
'Yoshida, H.'  2 
'Kamitori, S.' 3 
'Nakamura, T.' 4 
# 
_citation.id                        primary 
_citation.title                     
'Crystal structure of a Xenopus laevis skin proto-type galectin, close to but distinct from galectin-1.' 
_citation.journal_abbrev            Glycobiology 
_citation.journal_volume            25 
_citation.page_first                792 
_citation.page_last                 803 
_citation.year                      2015 
_citation.journal_id_ASTM           ? 
_citation.country                   UK 
_citation.journal_id_ISSN           1460-2423 
_citation.journal_id_CSD            9999 
_citation.book_publisher            ? 
_citation.pdbx_database_id_PubMed   25804418 
_citation.pdbx_database_id_DOI      10.1093/glycob/cwv020 
# 
loop_
_citation_author.citation_id 
_citation_author.name 
_citation_author.ordinal 
_citation_author.identifier_ORCID 
primary 'Nonaka, Y.'   1 ? 
primary 'Ogawa, T.'    2 ? 
primary 'Yoshida, H.'  3 ? 
primary 'Shoji, H.'    4 ? 
primary 'Nishi, N.'    5 ? 
primary 'Kamitori, S.' 6 ? 
primary 'Nakamura, T.' 7 ? 
# 
loop_
_entity.id 
_entity.type 
_entity.src_method 
_entity.pdbx_description 
_entity.formula_weight 
_entity.pdbx_number_of_molecules 
_entity.pdbx_ec 
_entity.pdbx_mutation 
_entity.pdbx_fragment 
_entity.details 
1 polymer     man Galectin                                             15367.341 1  ? ? ? ? 
2 branched    man 'beta-D-galactopyranose-(1-4)-alpha-D-glucopyranose' 342.297   1  ? ? ? ? 
3 non-polymer syn 'SULFATE ION'                                        96.063    1  ? ? ? ? 
4 water       nat water                                                18.015    49 ? ? ? ? 
# 
_entity_name_com.entity_id   2 
_entity_name_com.name        alpha-lactose 
# 
_entity_poly.entity_id                      1 
_entity_poly.type                           'polypeptide(L)' 
_entity_poly.nstd_linkage                   no 
_entity_poly.nstd_monomer                   no 
_entity_poly.pdbx_seq_one_letter_code       
;GSMAAGMVMNNFSLKQGHCLELKGFIPKDAKSFAINLGKDSSNYVIHFNPRFDHEGDTNKIICNSKEENSWGTEQRENVF
PFQQGAETSICFEYQADHLKVKLSDGQEFNFPIRMPLDTITFLSMDGIELKAISLH
;
_entity_poly.pdbx_seq_one_letter_code_can   
;GSMAAGMVMNNFSLKQGHCLELKGFIPKDAKSFAINLGKDSSNYVIHFNPRFDHEGDTNKIICNSKEENSWGTEQRENVF
PFQQGAETSICFEYQADHLKVKLSDGQEFNFPIRMPLDTITFLSMDGIELKAISLH
;
_entity_poly.pdbx_strand_id                 A 
_entity_poly.pdbx_target_identifier         ? 
# 
loop_
_pdbx_entity_nonpoly.entity_id 
_pdbx_entity_nonpoly.name 
_pdbx_entity_nonpoly.comp_id 
3 'SULFATE ION' SO4 
4 water         HOH 
# 
loop_
_entity_poly_seq.entity_id 
_entity_poly_seq.num 
_entity_poly_seq.mon_id 
_entity_poly_seq.hetero 
1 1   GLY n 
1 2   SER n 
1 3   MET n 
1 4   ALA n 
1 5   ALA n 
1 6   GLY n 
1 7   MET n 
1 8   VAL n 
1 9   MET n 
1 10  ASN n 
1 11  ASN n 
1 12  PHE n 
1 13  SER n 
1 14  LEU n 
1 15  LYS n 
1 16  GLN n 
1 17  GLY n 
1 18  HIS n 
1 19  CYS n 
1 20  LEU n 
1 21  GLU n 
1 22  LEU n 
1 23  LYS n 
1 24  GLY n 
1 25  PHE n 
1 26  ILE n 
1 27  PRO n 
1 28  LYS n 
1 29  ASP n 
1 30  ALA n 
1 31  LYS n 
1 32  SER n 
1 33  PHE n 
1 34  ALA n 
1 35  ILE n 
1 36  ASN n 
1 37  LEU n 
1 38  GLY n 
1 39  LYS n 
1 40  ASP n 
1 41  SER n 
1 42  SER n 
1 43  ASN n 
1 44  TYR n 
1 45  VAL n 
1 46  ILE n 
1 47  HIS n 
1 48  PHE n 
1 49  ASN n 
1 50  PRO n 
1 51  ARG n 
1 52  PHE n 
1 53  ASP n 
1 54  HIS n 
1 55  GLU n 
1 56  GLY n 
1 57  ASP n 
1 58  THR n 
1 59  ASN n 
1 60  LYS n 
1 61  ILE n 
1 62  ILE n 
1 63  CYS n 
1 64  ASN n 
1 65  SER n 
1 66  LYS n 
1 67  GLU n 
1 68  GLU n 
1 69  ASN n 
1 70  SER n 
1 71  TRP n 
1 72  GLY n 
1 73  THR n 
1 74  GLU n 
1 75  GLN n 
1 76  ARG n 
1 77  GLU n 
1 78  ASN n 
1 79  VAL n 
1 80  PHE n 
1 81  PRO n 
1 82  PHE n 
1 83  GLN n 
1 84  GLN n 
1 85  GLY n 
1 86  ALA n 
1 87  GLU n 
1 88  THR n 
1 89  SER n 
1 90  ILE n 
1 91  CYS n 
1 92  PHE n 
1 93  GLU n 
1 94  TYR n 
1 95  GLN n 
1 96  ALA n 
1 97  ASP n 
1 98  HIS n 
1 99  LEU n 
1 100 LYS n 
1 101 VAL n 
1 102 LYS n 
1 103 LEU n 
1 104 SER n 
1 105 ASP n 
1 106 GLY n 
1 107 GLN n 
1 108 GLU n 
1 109 PHE n 
1 110 ASN n 
1 111 PHE n 
1 112 PRO n 
1 113 ILE n 
1 114 ARG n 
1 115 MET n 
1 116 PRO n 
1 117 LEU n 
1 118 ASP n 
1 119 THR n 
1 120 ILE n 
1 121 THR n 
1 122 PHE n 
1 123 LEU n 
1 124 SER n 
1 125 MET n 
1 126 ASP n 
1 127 GLY n 
1 128 ILE n 
1 129 GLU n 
1 130 LEU n 
1 131 LYS n 
1 132 ALA n 
1 133 ILE n 
1 134 SER n 
1 135 LEU n 
1 136 HIS n 
# 
_entity_src_gen.entity_id                          1 
_entity_src_gen.pdbx_src_id                        1 
_entity_src_gen.pdbx_alt_source_flag               sample 
_entity_src_gen.pdbx_seq_type                      ? 
_entity_src_gen.pdbx_beg_seq_num                   ? 
_entity_src_gen.pdbx_end_seq_num                   ? 
_entity_src_gen.gene_src_common_name               'clawed frog, common platanna, platanna' 
_entity_src_gen.gene_src_genus                     ? 
_entity_src_gen.pdbx_gene_src_gene                 'lgals1, xgalectin-Ib' 
_entity_src_gen.gene_src_species                   ? 
_entity_src_gen.gene_src_strain                    ? 
_entity_src_gen.gene_src_tissue                    ? 
_entity_src_gen.gene_src_tissue_fraction           ? 
_entity_src_gen.gene_src_details                   ? 
_entity_src_gen.pdbx_gene_src_fragment             ? 
_entity_src_gen.pdbx_gene_src_scientific_name      'Xenopus laevis' 
_entity_src_gen.pdbx_gene_src_ncbi_taxonomy_id     8355 
_entity_src_gen.pdbx_gene_src_variant              ? 
_entity_src_gen.pdbx_gene_src_cell_line            ? 
_entity_src_gen.pdbx_gene_src_atcc                 ? 
_entity_src_gen.pdbx_gene_src_organ                ? 
_entity_src_gen.pdbx_gene_src_organelle            ? 
_entity_src_gen.pdbx_gene_src_cell                 ? 
_entity_src_gen.pdbx_gene_src_cellular_location    ? 
_entity_src_gen.host_org_common_name               ? 
_entity_src_gen.pdbx_host_org_scientific_name      'Escherichia coli' 
_entity_src_gen.pdbx_host_org_ncbi_taxonomy_id     562 
_entity_src_gen.host_org_genus                     ? 
_entity_src_gen.pdbx_host_org_gene                 ? 
_entity_src_gen.pdbx_host_org_organ                ? 
_entity_src_gen.host_org_species                   ? 
_entity_src_gen.pdbx_host_org_tissue               ? 
_entity_src_gen.pdbx_host_org_tissue_fraction      ? 
_entity_src_gen.pdbx_host_org_strain               BL21 
_entity_src_gen.pdbx_host_org_variant              ? 
_entity_src_gen.pdbx_host_org_cell_line            ? 
_entity_src_gen.pdbx_host_org_atcc                 ? 
_entity_src_gen.pdbx_host_org_culture_collection   ? 
_entity_src_gen.pdbx_host_org_cell                 ? 
_entity_src_gen.pdbx_host_org_organelle            ? 
_entity_src_gen.pdbx_host_org_cellular_location    ? 
_entity_src_gen.pdbx_host_org_vector_type          plasmid 
_entity_src_gen.pdbx_host_org_vector               ? 
_entity_src_gen.host_org_details                   ? 
_entity_src_gen.expression_system_id               ? 
_entity_src_gen.plasmid_name                       pGEX4T-2 
_entity_src_gen.plasmid_details                    ? 
_entity_src_gen.pdbx_description                   ? 
# 
_pdbx_entity_branch.entity_id   2 
_pdbx_entity_branch.type        oligosaccharide 
# 
loop_
_pdbx_entity_branch_descriptor.ordinal 
_pdbx_entity_branch_descriptor.entity_id 
_pdbx_entity_branch_descriptor.descriptor 
_pdbx_entity_branch_descriptor.type 
_pdbx_entity_branch_descriptor.program 
_pdbx_entity_branch_descriptor.program_version 
1 2 DGalpb1-4DGlcpa1-ROH                                       'Glycam Condensed Sequence' GMML       1.0   
2 2 'WURCS=2.0/2,2,1/[a2122h-1a_1-5][a2112h-1b_1-5]/1-2/a4-b1' WURCS                       PDB2Glycan 1.1.0 
3 2 '[][a-D-Glcp]{[(4+1)][b-D-Galp]{}}'                        LINUCS                      PDB-CARE   ?     
# 
_pdbx_entity_branch_link.link_id                    1 
_pdbx_entity_branch_link.entity_id                  2 
_pdbx_entity_branch_link.entity_branch_list_num_1   2 
_pdbx_entity_branch_link.comp_id_1                  GAL 
_pdbx_entity_branch_link.atom_id_1                  C1 
_pdbx_entity_branch_link.leaving_atom_id_1          O1 
_pdbx_entity_branch_link.entity_branch_list_num_2   1 
_pdbx_entity_branch_link.comp_id_2                  GLC 
_pdbx_entity_branch_link.atom_id_2                  O4 
_pdbx_entity_branch_link.leaving_atom_id_2          HO4 
_pdbx_entity_branch_link.value_order                sing 
_pdbx_entity_branch_link.details                    ? 
# 
loop_
_chem_comp.id 
_chem_comp.type 
_chem_comp.mon_nstd_flag 
_chem_comp.name 
_chem_comp.pdbx_synonyms 
_chem_comp.formula 
_chem_comp.formula_weight 
ALA 'L-peptide linking'           y ALANINE                ?                                          'C3 H7 N O2'     89.093  
ARG 'L-peptide linking'           y ARGININE               ?                                          'C6 H15 N4 O2 1' 175.209 
ASN 'L-peptide linking'           y ASPARAGINE             ?                                          'C4 H8 N2 O3'    132.118 
ASP 'L-peptide linking'           y 'ASPARTIC ACID'        ?                                          'C4 H7 N O4'     133.103 
CYS 'L-peptide linking'           y CYSTEINE               ?                                          'C3 H7 N O2 S'   121.158 
GAL 'D-saccharide, beta linking'  . beta-D-galactopyranose 'beta-D-galactose; D-galactose; galactose' 'C6 H12 O6'      180.156 
GLC 'D-saccharide, alpha linking' . alpha-D-glucopyranose  'alpha-D-glucose; D-glucose; glucose'      'C6 H12 O6'      180.156 
GLN 'L-peptide linking'           y GLUTAMINE              ?                                          'C5 H10 N2 O3'   146.144 
GLU 'L-peptide linking'           y 'GLUTAMIC ACID'        ?                                          'C5 H9 N O4'     147.129 
GLY 'peptide linking'             y GLYCINE                ?                                          'C2 H5 N O2'     75.067  
HIS 'L-peptide linking'           y HISTIDINE              ?                                          'C6 H10 N3 O2 1' 156.162 
HOH non-polymer                   . WATER                  ?                                          'H2 O'           18.015  
ILE 'L-peptide linking'           y ISOLEUCINE             ?                                          'C6 H13 N O2'    131.173 
LEU 'L-peptide linking'           y LEUCINE                ?                                          'C6 H13 N O2'    131.173 
LYS 'L-peptide linking'           y LYSINE                 ?                                          'C6 H15 N2 O2 1' 147.195 
MET 'L-peptide linking'           y METHIONINE             ?                                          'C5 H11 N O2 S'  149.211 
PHE 'L-peptide linking'           y PHENYLALANINE          ?                                          'C9 H11 N O2'    165.189 
PRO 'L-peptide linking'           y PROLINE                ?                                          'C5 H9 N O2'     115.130 
SER 'L-peptide linking'           y SERINE                 ?                                          'C3 H7 N O3'     105.093 
SO4 non-polymer                   . 'SULFATE ION'          ?                                          'O4 S -2'        96.063  
THR 'L-peptide linking'           y THREONINE              ?                                          'C4 H9 N O3'     119.119 
TRP 'L-peptide linking'           y TRYPTOPHAN             ?                                          'C11 H12 N2 O2'  204.225 
TYR 'L-peptide linking'           y TYROSINE               ?                                          'C9 H11 N O3'    181.189 
VAL 'L-peptide linking'           y VALINE                 ?                                          'C5 H11 N O2'    117.146 
# 
loop_
_pdbx_chem_comp_identifier.comp_id 
_pdbx_chem_comp_identifier.type 
_pdbx_chem_comp_identifier.program 
_pdbx_chem_comp_identifier.program_version 
_pdbx_chem_comp_identifier.identifier 
GAL 'CONDENSED IUPAC CARBOHYDRATE SYMBOL' GMML     1.0 DGalpb              
GAL 'COMMON NAME'                         GMML     1.0 b-D-galactopyranose 
GAL 'IUPAC CARBOHYDRATE SYMBOL'           PDB-CARE 1.0 b-D-Galp            
GAL 'SNFG CARBOHYDRATE SYMBOL'            GMML     1.0 Gal                 
GLC 'CONDENSED IUPAC CARBOHYDRATE SYMBOL' GMML     1.0 DGlcpa              
GLC 'COMMON NAME'                         GMML     1.0 a-D-glucopyranose   
GLC 'IUPAC CARBOHYDRATE SYMBOL'           PDB-CARE 1.0 a-D-Glcp            
GLC 'SNFG CARBOHYDRATE SYMBOL'            GMML     1.0 Glc                 
# 
loop_
_pdbx_poly_seq_scheme.asym_id 
_pdbx_poly_seq_scheme.entity_id 
_pdbx_poly_seq_scheme.seq_id 
_pdbx_poly_seq_scheme.mon_id 
_pdbx_poly_seq_scheme.ndb_seq_num 
_pdbx_poly_seq_scheme.pdb_seq_num 
_pdbx_poly_seq_scheme.auth_seq_num 
_pdbx_poly_seq_scheme.pdb_mon_id 
_pdbx_poly_seq_scheme.auth_mon_id 
_pdbx_poly_seq_scheme.pdb_strand_id 
_pdbx_poly_seq_scheme.pdb_ins_code 
_pdbx_poly_seq_scheme.hetero 
A 1 1   GLY 1   -1  ?   ?   ?   A . n 
A 1 2   SER 2   0   ?   ?   ?   A . n 
A 1 3   MET 3   1   ?   ?   ?   A . n 
A 1 4   ALA 4   2   ?   ?   ?   A . n 
A 1 5   ALA 5   3   3   ALA ALA A . n 
A 1 6   GLY 6   4   4   GLY GLY A . n 
A 1 7   MET 7   5   5   MET MET A . n 
A 1 8   VAL 8   6   6   VAL VAL A . n 
A 1 9   MET 9   7   7   MET MET A . n 
A 1 10  ASN 10  8   8   ASN ASN A . n 
A 1 11  ASN 11  9   9   ASN ASN A . n 
A 1 12  PHE 12  10  10  PHE PHE A . n 
A 1 13  SER 13  11  11  SER SER A . n 
A 1 14  LEU 14  12  12  LEU LEU A . n 
A 1 15  LYS 15  13  13  LYS LYS A . n 
A 1 16  GLN 16  14  14  GLN GLN A . n 
A 1 17  GLY 17  15  15  GLY GLY A . n 
A 1 18  HIS 18  16  16  HIS HIS A . n 
A 1 19  CYS 19  17  17  CYS CYS A . n 
A 1 20  LEU 20  18  18  LEU LEU A . n 
A 1 21  GLU 21  19  19  GLU GLU A . n 
A 1 22  LEU 22  20  20  LEU LEU A . n 
A 1 23  LYS 23  21  21  LYS LYS A . n 
A 1 24  GLY 24  22  22  GLY GLY A . n 
A 1 25  PHE 25  23  23  PHE PHE A . n 
A 1 26  ILE 26  24  24  ILE ILE A . n 
A 1 27  PRO 27  25  25  PRO PRO A . n 
A 1 28  LYS 28  26  26  LYS LYS A . n 
A 1 29  ASP 29  27  27  ASP ASP A . n 
A 1 30  ALA 30  28  28  ALA ALA A . n 
A 1 31  LYS 31  29  29  LYS LYS A . n 
A 1 32  SER 32  30  30  SER SER A . n 
A 1 33  PHE 33  31  31  PHE PHE A . n 
A 1 34  ALA 34  32  32  ALA ALA A . n 
A 1 35  ILE 35  33  33  ILE ILE A . n 
A 1 36  ASN 36  34  34  ASN ASN A . n 
A 1 37  LEU 37  35  35  LEU LEU A . n 
A 1 38  GLY 38  36  36  GLY GLY A . n 
A 1 39  LYS 39  37  37  LYS LYS A . n 
A 1 40  ASP 40  38  38  ASP ASP A . n 
A 1 41  SER 41  39  39  SER SER A . n 
A 1 42  SER 42  40  40  SER SER A . n 
A 1 43  ASN 43  41  41  ASN ASN A . n 
A 1 44  TYR 44  42  42  TYR TYR A . n 
A 1 45  VAL 45  43  43  VAL VAL A . n 
A 1 46  ILE 46  44  44  ILE ILE A . n 
A 1 47  HIS 47  45  45  HIS HIS A . n 
A 1 48  PHE 48  46  46  PHE PHE A . n 
A 1 49  ASN 49  47  47  ASN ASN A . n 
A 1 50  PRO 50  48  48  PRO PRO A . n 
A 1 51  ARG 51  49  49  ARG ARG A . n 
A 1 52  PHE 52  50  50  PHE PHE A . n 
A 1 53  ASP 53  51  51  ASP ASP A . n 
A 1 54  HIS 54  52  52  HIS HIS A . n 
A 1 55  GLU 55  53  53  GLU GLU A . n 
A 1 56  GLY 56  54  54  GLY GLY A . n 
A 1 57  ASP 57  55  55  ASP ASP A . n 
A 1 58  THR 58  56  56  THR THR A . n 
A 1 59  ASN 59  57  57  ASN ASN A . n 
A 1 60  LYS 60  58  58  LYS LYS A . n 
A 1 61  ILE 61  59  59  ILE ILE A . n 
A 1 62  ILE 62  60  60  ILE ILE A . n 
A 1 63  CYS 63  61  61  CYS CYS A . n 
A 1 64  ASN 64  62  62  ASN ASN A . n 
A 1 65  SER 65  63  63  SER SER A . n 
A 1 66  LYS 66  64  64  LYS LYS A . n 
A 1 67  GLU 67  65  65  GLU GLU A . n 
A 1 68  GLU 68  66  66  GLU GLU A . n 
A 1 69  ASN 69  67  67  ASN ASN A . n 
A 1 70  SER 70  68  68  SER SER A . n 
A 1 71  TRP 71  69  69  TRP TRP A . n 
A 1 72  GLY 72  70  70  GLY GLY A . n 
A 1 73  THR 73  71  71  THR THR A . n 
A 1 74  GLU 74  72  72  GLU GLU A . n 
A 1 75  GLN 75  73  73  GLN GLN A . n 
A 1 76  ARG 76  74  74  ARG ARG A . n 
A 1 77  GLU 77  75  75  GLU GLU A . n 
A 1 78  ASN 78  76  76  ASN ASN A . n 
A 1 79  VAL 79  77  77  VAL VAL A . n 
A 1 80  PHE 80  78  78  PHE PHE A . n 
A 1 81  PRO 81  79  79  PRO PRO A . n 
A 1 82  PHE 82  80  80  PHE PHE A . n 
A 1 83  GLN 83  81  81  GLN GLN A . n 
A 1 84  GLN 84  82  82  GLN GLN A . n 
A 1 85  GLY 85  83  83  GLY GLY A . n 
A 1 86  ALA 86  84  84  ALA ALA A . n 
A 1 87  GLU 87  85  85  GLU GLU A . n 
A 1 88  THR 88  86  86  THR THR A . n 
A 1 89  SER 89  87  87  SER SER A . n 
A 1 90  ILE 90  88  88  ILE ILE A . n 
A 1 91  CYS 91  89  89  CYS CYS A . n 
A 1 92  PHE 92  90  90  PHE PHE A . n 
A 1 93  GLU 93  91  91  GLU GLU A . n 
A 1 94  TYR 94  92  92  TYR TYR A . n 
A 1 95  GLN 95  93  93  GLN GLN A . n 
A 1 96  ALA 96  94  94  ALA ALA A . n 
A 1 97  ASP 97  95  95  ASP ASP A . n 
A 1 98  HIS 98  96  96  HIS HIS A . n 
A 1 99  LEU 99  97  97  LEU LEU A . n 
A 1 100 LYS 100 98  98  LYS LYS A . n 
A 1 101 VAL 101 99  99  VAL VAL A . n 
A 1 102 LYS 102 100 100 LYS LYS A . n 
A 1 103 LEU 103 101 101 LEU LEU A . n 
A 1 104 SER 104 102 102 SER SER A . n 
A 1 105 ASP 105 103 103 ASP ASP A . n 
A 1 106 GLY 106 104 104 GLY GLY A . n 
A 1 107 GLN 107 105 105 GLN GLN A . n 
A 1 108 GLU 108 106 106 GLU GLU A . n 
A 1 109 PHE 109 107 107 PHE PHE A . n 
A 1 110 ASN 110 108 108 ASN ASN A . n 
A 1 111 PHE 111 109 109 PHE PHE A . n 
A 1 112 PRO 112 110 110 PRO PRO A . n 
A 1 113 ILE 113 111 111 ILE ILE A . n 
A 1 114 ARG 114 112 112 ARG ARG A . n 
A 1 115 MET 115 113 113 MET MET A . n 
A 1 116 PRO 116 114 114 PRO PRO A . n 
A 1 117 LEU 117 115 115 LEU LEU A . n 
A 1 118 ASP 118 116 116 ASP ASP A . n 
A 1 119 THR 119 117 117 THR THR A . n 
A 1 120 ILE 120 118 118 ILE ILE A . n 
A 1 121 THR 121 119 119 THR THR A . n 
A 1 122 PHE 122 120 120 PHE PHE A . n 
A 1 123 LEU 123 121 121 LEU LEU A . n 
A 1 124 SER 124 122 122 SER SER A . n 
A 1 125 MET 125 123 123 MET MET A . n 
A 1 126 ASP 126 124 124 ASP ASP A . n 
A 1 127 GLY 127 125 125 GLY GLY A . n 
A 1 128 ILE 128 126 126 ILE ILE A . n 
A 1 129 GLU 129 127 127 GLU GLU A . n 
A 1 130 LEU 130 128 128 LEU LEU A . n 
A 1 131 LYS 131 129 129 LYS LYS A . n 
A 1 132 ALA 132 130 130 ALA ALA A . n 
A 1 133 ILE 133 131 131 ILE ILE A . n 
A 1 134 SER 134 132 132 SER SER A . n 
A 1 135 LEU 135 133 133 LEU LEU A . n 
A 1 136 HIS 136 134 134 HIS HIS A . n 
# 
loop_
_pdbx_branch_scheme.asym_id 
_pdbx_branch_scheme.entity_id 
_pdbx_branch_scheme.mon_id 
_pdbx_branch_scheme.num 
_pdbx_branch_scheme.pdb_asym_id 
_pdbx_branch_scheme.pdb_mon_id 
_pdbx_branch_scheme.pdb_seq_num 
_pdbx_branch_scheme.auth_asym_id 
_pdbx_branch_scheme.auth_mon_id 
_pdbx_branch_scheme.auth_seq_num 
_pdbx_branch_scheme.hetero 
B 2 GLC 1 B GLC 1 A GLC 201 n 
B 2 GAL 2 B GAL 2 A GAL 202 n 
# 
loop_
_pdbx_nonpoly_scheme.asym_id 
_pdbx_nonpoly_scheme.entity_id 
_pdbx_nonpoly_scheme.mon_id 
_pdbx_nonpoly_scheme.ndb_seq_num 
_pdbx_nonpoly_scheme.pdb_seq_num 
_pdbx_nonpoly_scheme.auth_seq_num 
_pdbx_nonpoly_scheme.pdb_mon_id 
_pdbx_nonpoly_scheme.auth_mon_id 
_pdbx_nonpoly_scheme.pdb_strand_id 
_pdbx_nonpoly_scheme.pdb_ins_code 
C 3 SO4 1  203 301 SO4 SO4 A . 
D 4 HOH 1  401 401 HOH HOH A . 
D 4 HOH 2  402 402 HOH HOH A . 
D 4 HOH 3  403 403 HOH HOH A . 
D 4 HOH 4  404 404 HOH HOH A . 
D 4 HOH 5  405 405 HOH HOH A . 
D 4 HOH 6  406 406 HOH HOH A . 
D 4 HOH 7  407 407 HOH HOH A . 
D 4 HOH 8  408 408 HOH HOH A . 
D 4 HOH 9  409 409 HOH HOH A . 
D 4 HOH 10 410 410 HOH HOH A . 
D 4 HOH 11 411 411 HOH HOH A . 
D 4 HOH 12 412 412 HOH HOH A . 
D 4 HOH 13 413 413 HOH HOH A . 
D 4 HOH 14 414 414 HOH HOH A . 
D 4 HOH 15 415 415 HOH HOH A . 
D 4 HOH 16 416 416 HOH HOH A . 
D 4 HOH 17 417 417 HOH HOH A . 
D 4 HOH 18 418 418 HOH HOH A . 
D 4 HOH 19 419 419 HOH HOH A . 
D 4 HOH 20 420 420 HOH HOH A . 
D 4 HOH 21 421 421 HOH HOH A . 
D 4 HOH 22 422 422 HOH HOH A . 
D 4 HOH 23 423 423 HOH HOH A . 
D 4 HOH 24 424 424 HOH HOH A . 
D 4 HOH 25 425 425 HOH HOH A . 
D 4 HOH 26 426 426 HOH HOH A . 
D 4 HOH 27 427 427 HOH HOH A . 
D 4 HOH 28 428 428 HOH HOH A . 
D 4 HOH 29 429 429 HOH HOH A . 
D 4 HOH 30 430 430 HOH HOH A . 
D 4 HOH 31 431 431 HOH HOH A . 
D 4 HOH 32 432 432 HOH HOH A . 
D 4 HOH 33 433 433 HOH HOH A . 
D 4 HOH 34 434 434 HOH HOH A . 
D 4 HOH 35 435 435 HOH HOH A . 
D 4 HOH 36 436 436 HOH HOH A . 
D 4 HOH 37 437 437 HOH HOH A . 
D 4 HOH 38 438 438 HOH HOH A . 
D 4 HOH 39 439 439 HOH HOH A . 
D 4 HOH 40 440 440 HOH HOH A . 
D 4 HOH 41 441 441 HOH HOH A . 
D 4 HOH 42 442 442 HOH HOH A . 
D 4 HOH 43 443 443 HOH HOH A . 
D 4 HOH 44 444 444 HOH HOH A . 
D 4 HOH 45 445 445 HOH HOH A . 
D 4 HOH 46 446 446 HOH HOH A . 
D 4 HOH 47 447 447 HOH HOH A . 
D 4 HOH 48 448 448 HOH HOH A . 
D 4 HOH 49 449 449 HOH HOH A . 
# 
loop_
_software.name 
_software.classification 
_software.version 
_software.citation_id 
_software.pdbx_ordinal 
CrystalClear 'data collection' .        ? 1 
MOLREP       phasing           .        ? 2 
REFMAC       refinement        5.7.0032 ? 3 
CrystalClear 'data reduction'  .        ? 4 
CrystalClear 'data scaling'    .        ? 5 
# 
_cell.entry_id           3WUD 
_cell.length_a           67.210 
_cell.length_b           35.320 
_cell.length_c           58.510 
_cell.angle_alpha        90.00 
_cell.angle_beta         111.82 
_cell.angle_gamma        90.00 
_cell.Z_PDB              4 
_cell.pdbx_unique_axis   ? 
_cell.length_a_esd       ? 
_cell.length_b_esd       ? 
_cell.length_c_esd       ? 
_cell.angle_alpha_esd    ? 
_cell.angle_beta_esd     ? 
_cell.angle_gamma_esd    ? 
# 
_symmetry.entry_id                         3WUD 
_symmetry.space_group_name_H-M             'C 1 2 1' 
_symmetry.pdbx_full_space_group_name_H-M   ? 
_symmetry.cell_setting                     ? 
_symmetry.Int_Tables_number                5 
_symmetry.space_group_name_Hall            ? 
# 
_exptl.entry_id          3WUD 
_exptl.method            'X-RAY DIFFRACTION' 
_exptl.crystals_number   1 
# 
_exptl_crystal.id                    1 
_exptl_crystal.density_meas          ? 
_exptl_crystal.density_Matthews      2.10 
_exptl_crystal.density_percent_sol   41.36 
_exptl_crystal.description           ? 
_exptl_crystal.F_000                 ? 
_exptl_crystal.preparation           ? 
# 
_exptl_crystal_grow.crystal_id      1 
_exptl_crystal_grow.method          'VAPOR DIFFUSION, SITTING DROP' 
_exptl_crystal_grow.temp            293 
_exptl_crystal_grow.temp_details    ? 
_exptl_crystal_grow.pH              6.0 
_exptl_crystal_grow.pdbx_details    
'34% PEG 3350, 0.1M MES, 0.2M ammonium sulfate, pH 6.0, VAPOR DIFFUSION, SITTING DROP, temperature 293K' 
_exptl_crystal_grow.pdbx_pH_range   . 
# 
_diffrn.id                     1 
_diffrn.ambient_temp           100 
_diffrn.ambient_temp_details   ? 
_diffrn.crystal_id             1 
# 
_diffrn_detector.diffrn_id              1 
_diffrn_detector.detector               'IMAGE PLATE' 
_diffrn_detector.type                   'RIGAKU RAXIS VII' 
_diffrn_detector.pdbx_collection_date   2013-11-27 
_diffrn_detector.details                ? 
# 
_diffrn_radiation.diffrn_id                        1 
_diffrn_radiation.wavelength_id                    1 
_diffrn_radiation.pdbx_monochromatic_or_laue_m_l   M 
_diffrn_radiation.monochromator                    ? 
_diffrn_radiation.pdbx_diffrn_protocol             'SINGLE WAVELENGTH' 
_diffrn_radiation.pdbx_scattering_type             x-ray 
# 
_diffrn_radiation_wavelength.id           1 
_diffrn_radiation_wavelength.wavelength   1.5418 
_diffrn_radiation_wavelength.wt           1.0 
# 
_diffrn_source.diffrn_id                   1 
_diffrn_source.source                      'ROTATING ANODE' 
_diffrn_source.type                        'RIGAKU MICROMAX-007 HF' 
_diffrn_source.pdbx_synchrotron_site       ? 
_diffrn_source.pdbx_synchrotron_beamline   ? 
_diffrn_source.pdbx_wavelength             ? 
_diffrn_source.pdbx_wavelength_list        1.5418 
# 
_reflns.entry_id                     3WUD 
_reflns.observed_criterion_sigma_I   0 
_reflns.observed_criterion_sigma_F   0 
_reflns.d_resolution_low             18.92 
_reflns.d_resolution_high            1.68 
_reflns.number_obs                   13973 
_reflns.number_all                   13973 
_reflns.percent_possible_obs         94.8 
_reflns.pdbx_Rmerge_I_obs            0.046 
_reflns.pdbx_Rsym_value              ? 
_reflns.pdbx_netI_over_sigmaI        14.3 
_reflns.B_iso_Wilson_estimate        31.8 
_reflns.pdbx_redundancy              4.04 
_reflns.R_free_details               ? 
_reflns.limit_h_max                  ? 
_reflns.limit_h_min                  ? 
_reflns.limit_k_max                  ? 
_reflns.limit_k_min                  ? 
_reflns.limit_l_max                  ? 
_reflns.limit_l_min                  ? 
_reflns.observed_criterion_F_max     ? 
_reflns.observed_criterion_F_min     ? 
_reflns.pdbx_chi_squared             ? 
_reflns.pdbx_scaling_rejects         ? 
_reflns.pdbx_ordinal                 1 
_reflns.pdbx_diffrn_id               1 
# 
_reflns_shell.d_res_high                  1.68 
_reflns_shell.d_res_low                   1.74 
_reflns_shell.percent_possible_all        91.4 
_reflns_shell.Rmerge_I_obs                0.344 
_reflns_shell.pdbx_Rsym_value             ? 
_reflns_shell.meanI_over_sigI_obs         2.9 
_reflns_shell.pdbx_redundancy             4.04 
_reflns_shell.percent_possible_obs        ? 
_reflns_shell.number_unique_all           1334 
_reflns_shell.number_measured_all         ? 
_reflns_shell.number_measured_obs         ? 
_reflns_shell.number_unique_obs           ? 
_reflns_shell.pdbx_chi_squared            ? 
_reflns_shell.pdbx_rejects                ? 
_reflns_shell.pdbx_netI_over_sigmaI_obs   ? 
_reflns_shell.number_possible             ? 
_reflns_shell.Rmerge_F_all                ? 
_reflns_shell.Rmerge_F_obs                ? 
_reflns_shell.Rmerge_I_all                ? 
_reflns_shell.meanI_over_sigI_all         ? 
_reflns_shell.pdbx_Rrim_I_all             ? 
_reflns_shell.pdbx_Rpim_I_all             ? 
_reflns_shell.pdbx_ordinal                1 
_reflns_shell.pdbx_diffrn_id              1 
# 
_refine.entry_id                                 3WUD 
_refine.ls_number_reflns_obs                     13263 
_refine.ls_number_reflns_all                     ? 
_refine.pdbx_ls_sigma_I                          ? 
_refine.pdbx_ls_sigma_F                          0.0 
_refine.pdbx_data_cutoff_high_absF               ? 
_refine.pdbx_data_cutoff_low_absF                ? 
_refine.pdbx_data_cutoff_high_rms_absF           ? 
_refine.ls_d_res_low                             18.92 
_refine.ls_d_res_high                            1.68 
_refine.ls_percent_reflns_obs                    94.74 
_refine.ls_R_factor_obs                          0.20000 
_refine.ls_R_factor_all                          ? 
_refine.ls_R_factor_R_work                       0.19716 
_refine.ls_R_factor_R_free                       0.25329 
_refine.ls_R_factor_R_free_error                 ? 
_refine.ls_R_factor_R_free_error_details         ? 
_refine.ls_percent_reflns_R_free                 5.1 
_refine.ls_number_reflns_R_free                  710 
_refine.ls_number_parameters                     ? 
_refine.ls_number_restraints                     ? 
_refine.occupancy_min                            ? 
_refine.occupancy_max                            ? 
_refine.correlation_coeff_Fo_to_Fc               0.961 
_refine.correlation_coeff_Fo_to_Fc_free          0.941 
_refine.B_iso_mean                               22.589 
_refine.aniso_B[1][1]                            0.92 
_refine.aniso_B[2][2]                            0.63 
_refine.aniso_B[3][3]                            -0.72 
_refine.aniso_B[1][2]                            0.00 
_refine.aniso_B[1][3]                            -1.47 
_refine.aniso_B[2][3]                            0.00 
_refine.solvent_model_details                    MASK 
_refine.solvent_model_param_ksol                 ? 
_refine.solvent_model_param_bsol                 ? 
_refine.pdbx_solvent_vdw_probe_radii             1.20 
_refine.pdbx_solvent_ion_probe_radii             0.80 
_refine.pdbx_solvent_shrinkage_radii             0.80 
_refine.pdbx_ls_cross_valid_method               THROUGHOUT 
_refine.details                                  ? 
_refine.pdbx_starting_model                      3WUC 
_refine.pdbx_method_to_determine_struct          'MOLECULAR REPLACEMENT' 
_refine.pdbx_isotropic_thermal_model             ? 
_refine.pdbx_stereochemistry_target_values       'MAXIMUM LIKELIHOOD' 
_refine.pdbx_stereochem_target_val_spec_case     ? 
_refine.pdbx_R_Free_selection_details            RANDOM 
_refine.pdbx_overall_ESU_R                       0.124 
_refine.pdbx_overall_ESU_R_Free                  0.129 
_refine.overall_SU_ML                            0.087 
_refine.pdbx_overall_phase_error                 ? 
_refine.overall_SU_B                             2.630 
_refine.overall_SU_R_Cruickshank_DPI             ? 
_refine.ls_redundancy_reflns_obs                 ? 
_refine.B_iso_min                                ? 
_refine.B_iso_max                                ? 
_refine.overall_SU_R_free                        ? 
_refine.ls_wR_factor_R_free                      ? 
_refine.ls_wR_factor_R_work                      ? 
_refine.overall_FOM_free_R_set                   ? 
_refine.overall_FOM_work_R_set                   ? 
_refine.pdbx_diffrn_id                           1 
_refine.pdbx_refine_id                           'X-RAY DIFFRACTION' 
_refine.pdbx_TLS_residual_ADP_flag               ? 
_refine.pdbx_overall_SU_R_free_Cruickshank_DPI   ? 
_refine.pdbx_overall_SU_R_Blow_DPI               ? 
_refine.pdbx_overall_SU_R_free_Blow_DPI          ? 
# 
_refine_hist.pdbx_refine_id                   'X-RAY DIFFRACTION' 
_refine_hist.cycle_id                         LAST 
_refine_hist.pdbx_number_atoms_protein        1055 
_refine_hist.pdbx_number_atoms_nucleic_acid   0 
_refine_hist.pdbx_number_atoms_ligand         28 
_refine_hist.number_atoms_solvent             49 
_refine_hist.number_atoms_total               1132 
_refine_hist.d_res_high                       1.68 
_refine_hist.d_res_low                        18.92 
# 
loop_
_refine_ls_restr.type 
_refine_ls_restr.dev_ideal 
_refine_ls_restr.dev_ideal_target 
_refine_ls_restr.weight 
_refine_ls_restr.number 
_refine_ls_restr.pdbx_restraint_function 
_refine_ls_restr.pdbx_refine_id 
r_bond_refined_d             0.019  0.019  ? 1116 ? 'X-RAY DIFFRACTION' 
r_bond_other_d               0.001  0.020  ? 1024 ? 'X-RAY DIFFRACTION' 
r_angle_refined_deg          2.152  1.969  ? 1509 ? 'X-RAY DIFFRACTION' 
r_angle_other_deg            0.973  3.002  ? 2367 ? 'X-RAY DIFFRACTION' 
r_dihedral_angle_1_deg       7.559  5.000  ? 135  ? 'X-RAY DIFFRACTION' 
r_dihedral_angle_2_deg       35.934 25.536 ? 56   ? 'X-RAY DIFFRACTION' 
r_dihedral_angle_3_deg       16.342 15.000 ? 194  ? 'X-RAY DIFFRACTION' 
r_dihedral_angle_4_deg       11.734 15.000 ? 3    ? 'X-RAY DIFFRACTION' 
r_chiral_restr               0.160  0.200  ? 165  ? 'X-RAY DIFFRACTION' 
r_gen_planes_refined         0.009  0.020  ? 1256 ? 'X-RAY DIFFRACTION' 
r_gen_planes_other           0.001  0.020  ? 261  ? 'X-RAY DIFFRACTION' 
r_nbd_refined                ?      ?      ? ?    ? 'X-RAY DIFFRACTION' 
r_nbd_other                  ?      ?      ? ?    ? 'X-RAY DIFFRACTION' 
r_nbtor_refined              ?      ?      ? ?    ? 'X-RAY DIFFRACTION' 
r_nbtor_other                ?      ?      ? ?    ? 'X-RAY DIFFRACTION' 
r_xyhbond_nbd_refined        ?      ?      ? ?    ? 'X-RAY DIFFRACTION' 
r_xyhbond_nbd_other          ?      ?      ? ?    ? 'X-RAY DIFFRACTION' 
r_metal_ion_refined          ?      ?      ? ?    ? 'X-RAY DIFFRACTION' 
r_metal_ion_other            ?      ?      ? ?    ? 'X-RAY DIFFRACTION' 
r_symmetry_vdw_refined       ?      ?      ? ?    ? 'X-RAY DIFFRACTION' 
r_symmetry_vdw_other         ?      ?      ? ?    ? 'X-RAY DIFFRACTION' 
r_symmetry_hbond_refined     ?      ?      ? ?    ? 'X-RAY DIFFRACTION' 
r_symmetry_hbond_other       ?      ?      ? ?    ? 'X-RAY DIFFRACTION' 
r_symmetry_metal_ion_refined ?      ?      ? ?    ? 'X-RAY DIFFRACTION' 
r_symmetry_metal_ion_other   ?      ?      ? ?    ? 'X-RAY DIFFRACTION' 
r_mcbond_it                  2.076  1.984  ? 531  ? 'X-RAY DIFFRACTION' 
r_mcbond_other               2.076  1.982  ? 530  ? 'X-RAY DIFFRACTION' 
r_mcangle_it                 2.847  2.969  ? 663  ? 'X-RAY DIFFRACTION' 
r_mcangle_other              2.845  2.971  ? 664  ? 'X-RAY DIFFRACTION' 
r_scbond_it                  3.444  2.357  ? 585  ? 'X-RAY DIFFRACTION' 
r_scbond_other               3.441  2.339  ? 581  ? 'X-RAY DIFFRACTION' 
r_scangle_it                 ?      ?      ? ?    ? 'X-RAY DIFFRACTION' 
r_scangle_other              5.130  3.357  ? 839  ? 'X-RAY DIFFRACTION' 
r_long_range_B_refined       6.637  16.100 ? 1133 ? 'X-RAY DIFFRACTION' 
r_long_range_B_other         6.581  16.022 ? 1128 ? 'X-RAY DIFFRACTION' 
r_rigid_bond_restr           ?      ?      ? ?    ? 'X-RAY DIFFRACTION' 
r_sphericity_free            ?      ?      ? ?    ? 'X-RAY DIFFRACTION' 
r_sphericity_bonded          ?      ?      ? ?    ? 'X-RAY DIFFRACTION' 
# 
_refine_ls_shell.pdbx_refine_id                   'X-RAY DIFFRACTION' 
_refine_ls_shell.pdbx_total_number_of_bins_used   20 
_refine_ls_shell.d_res_high                       1.680 
_refine_ls_shell.d_res_low                        1.724 
_refine_ls_shell.number_reflns_R_work             927 
_refine_ls_shell.R_factor_R_work                  0.341 
_refine_ls_shell.percent_reflns_obs               91.09 
_refine_ls_shell.R_factor_R_free                  0.353 
_refine_ls_shell.R_factor_R_free_error            ? 
_refine_ls_shell.percent_reflns_R_free            ? 
_refine_ls_shell.number_reflns_R_free             55 
_refine_ls_shell.number_reflns_all                ? 
_refine_ls_shell.R_factor_all                     ? 
_refine_ls_shell.number_reflns_obs                ? 
_refine_ls_shell.redundancy_reflns_obs            ? 
# 
_struct.entry_id                  3WUD 
_struct.title                     'X-ray crystal structure of Xenopus laevis galectin-Ib' 
_struct.pdbx_model_details        ? 
_struct.pdbx_CASP_flag            ? 
_struct.pdbx_model_type_details   ? 
# 
_struct_keywords.entry_id        3WUD 
_struct_keywords.pdbx_keywords   'SUGAR BINDING PROTEIN' 
_struct_keywords.text            'Beta-Sandwich, Lectin, Carbohydrate/Sugar Binding, SUGAR BINDING PROTEIN' 
# 
loop_
_struct_asym.id 
_struct_asym.pdbx_blank_PDB_chainid_flag 
_struct_asym.pdbx_modified 
_struct_asym.entity_id 
_struct_asym.details 
A N N 1 ? 
B N N 2 ? 
C N N 3 ? 
D N N 4 ? 
# 
_struct_ref.id                         1 
_struct_ref.db_name                    UNP 
_struct_ref.db_code                    Q98UD4_XENLA 
_struct_ref.pdbx_db_accession          Q98UD4 
_struct_ref.entity_id                  1 
_struct_ref.pdbx_seq_one_letter_code   
;MAAGMVMNNFSLKQGHCLELKGFIPKDAKSFAINLGKDSSNYVIHFNPRFDHEGDTNKIICNSKEENSWGTEQRENVFPF
QQGAETSICFEYQADHLKVKLSDGQEFNFPIRMPLDTITFLSMDGIELKAISLH
;
_struct_ref.pdbx_align_begin           1 
_struct_ref.pdbx_db_isoform            ? 
# 
_struct_ref_seq.align_id                      1 
_struct_ref_seq.ref_id                        1 
_struct_ref_seq.pdbx_PDB_id_code              3WUD 
_struct_ref_seq.pdbx_strand_id                A 
_struct_ref_seq.seq_align_beg                 3 
_struct_ref_seq.pdbx_seq_align_beg_ins_code   ? 
_struct_ref_seq.seq_align_end                 136 
_struct_ref_seq.pdbx_seq_align_end_ins_code   ? 
_struct_ref_seq.pdbx_db_accession             Q98UD4 
_struct_ref_seq.db_align_beg                  1 
_struct_ref_seq.pdbx_db_align_beg_ins_code    ? 
_struct_ref_seq.db_align_end                  134 
_struct_ref_seq.pdbx_db_align_end_ins_code    ? 
_struct_ref_seq.pdbx_auth_seq_align_beg       1 
_struct_ref_seq.pdbx_auth_seq_align_end       134 
# 
loop_
_struct_ref_seq_dif.align_id 
_struct_ref_seq_dif.pdbx_pdb_id_code 
_struct_ref_seq_dif.mon_id 
_struct_ref_seq_dif.pdbx_pdb_strand_id 
_struct_ref_seq_dif.seq_num 
_struct_ref_seq_dif.pdbx_pdb_ins_code 
_struct_ref_seq_dif.pdbx_seq_db_name 
_struct_ref_seq_dif.pdbx_seq_db_accession_code 
_struct_ref_seq_dif.db_mon_id 
_struct_ref_seq_dif.pdbx_seq_db_seq_num 
_struct_ref_seq_dif.details 
_struct_ref_seq_dif.pdbx_auth_seq_num 
_struct_ref_seq_dif.pdbx_ordinal 
1 3WUD GLY A 1 ? UNP Q98UD4 ? ? 'expression tag' -1 1 
1 3WUD SER A 2 ? UNP Q98UD4 ? ? 'expression tag' 0  2 
# 
_pdbx_struct_assembly.id                   1 
_pdbx_struct_assembly.details              software_defined_assembly 
_pdbx_struct_assembly.method_details       PISA 
_pdbx_struct_assembly.oligomeric_details   dimeric 
_pdbx_struct_assembly.oligomeric_count     2 
# 
loop_
_pdbx_struct_assembly_prop.biol_id 
_pdbx_struct_assembly_prop.type 
_pdbx_struct_assembly_prop.value 
_pdbx_struct_assembly_prop.details 
1 'ABSA (A^2)' 1130  ? 
1 MORE         -8    ? 
1 'SSA (A^2)'  11840 ? 
# 
_pdbx_struct_assembly_gen.assembly_id       1 
_pdbx_struct_assembly_gen.oper_expression   1,2 
_pdbx_struct_assembly_gen.asym_id_list      A,B,C,D 
# 
loop_
_pdbx_struct_oper_list.id 
_pdbx_struct_oper_list.type 
_pdbx_struct_oper_list.name 
_pdbx_struct_oper_list.symmetry_operation 
_pdbx_struct_oper_list.matrix[1][1] 
_pdbx_struct_oper_list.matrix[1][2] 
_pdbx_struct_oper_list.matrix[1][3] 
_pdbx_struct_oper_list.vector[1] 
_pdbx_struct_oper_list.matrix[2][1] 
_pdbx_struct_oper_list.matrix[2][2] 
_pdbx_struct_oper_list.matrix[2][3] 
_pdbx_struct_oper_list.vector[2] 
_pdbx_struct_oper_list.matrix[3][1] 
_pdbx_struct_oper_list.matrix[3][2] 
_pdbx_struct_oper_list.matrix[3][3] 
_pdbx_struct_oper_list.vector[3] 
1 'identity operation'         1_555 x,y,z   1.0000000000  0.0000000000  0.0000000000 0.0000000000   0.0000000000  1.0000000000 0.0000000000  0.0000000000   0.0000000000 0.0000000000  1.0000000000  0.0000000000 
2 'crystal symmetry operation' 2_555 -x,y,-z -0.2199614311 -0.9008146940 0.3743659385 -21.4958268242 -0.9008146940 0.0402910129 -0.4323303382 -17.9420044527 0.3743659385 -0.4323303382 -0.8203295818 1.6164738300 
# 
_struct_biol.id        1 
_struct_biol.details   'AUTHOR DETERMINED BIOLOGICAL UNIT: UNKNOWN' 
# 
loop_
_struct_conn.id 
_struct_conn.conn_type_id 
_struct_conn.pdbx_leaving_atom_flag 
_struct_conn.pdbx_PDB_id 
_struct_conn.ptnr1_label_asym_id 
_struct_conn.ptnr1_label_comp_id 
_struct_conn.ptnr1_label_seq_id 
_struct_conn.ptnr1_label_atom_id 
_struct_conn.pdbx_ptnr1_label_alt_id 
_struct_conn.pdbx_ptnr1_PDB_ins_code 
_struct_conn.pdbx_ptnr1_standard_comp_id 
_struct_conn.ptnr1_symmetry 
_struct_conn.ptnr2_label_asym_id 
_struct_conn.ptnr2_label_comp_id 
_struct_conn.ptnr2_label_seq_id 
_struct_conn.ptnr2_label_atom_id 
_struct_conn.pdbx_ptnr2_label_alt_id 
_struct_conn.pdbx_ptnr2_PDB_ins_code 
_struct_conn.ptnr1_auth_asym_id 
_struct_conn.ptnr1_auth_comp_id 
_struct_conn.ptnr1_auth_seq_id 
_struct_conn.ptnr2_auth_asym_id 
_struct_conn.ptnr2_auth_comp_id 
_struct_conn.ptnr2_auth_seq_id 
_struct_conn.ptnr2_symmetry 
_struct_conn.pdbx_ptnr3_label_atom_id 
_struct_conn.pdbx_ptnr3_label_seq_id 
_struct_conn.pdbx_ptnr3_label_comp_id 
_struct_conn.pdbx_ptnr3_label_asym_id 
_struct_conn.pdbx_ptnr3_label_alt_id 
_struct_conn.pdbx_ptnr3_PDB_ins_code 
_struct_conn.details 
_struct_conn.pdbx_dist_value 
_struct_conn.pdbx_value_order 
_struct_conn.pdbx_role 
disulf1 disulf ?    ? A CYS 19 SG A ? ? 1_555 A CYS 91 SG A ? A CYS 17 A CYS 89 1_555 ? ? ? ? ? ? ? 2.063 ? ? 
covale1 covale both ? B GLC .  O4 ? ? ? 1_555 B GAL .  C1 ? ? B GLC 1  B GAL 2  1_555 ? ? ? ? ? ? ? 1.456 ? ? 
# 
loop_
_struct_conn_type.id 
_struct_conn_type.criteria 
_struct_conn_type.reference 
disulf ? ? 
covale ? ? 
# 
_pdbx_modification_feature.ordinal                            1 
_pdbx_modification_feature.label_comp_id                      CYS 
_pdbx_modification_feature.label_asym_id                      A 
_pdbx_modification_feature.label_seq_id                       19 
_pdbx_modification_feature.label_alt_id                       A 
_pdbx_modification_feature.modified_residue_label_comp_id     CYS 
_pdbx_modification_feature.modified_residue_label_asym_id     A 
_pdbx_modification_feature.modified_residue_label_seq_id      91 
_pdbx_modification_feature.modified_residue_label_alt_id      A 
_pdbx_modification_feature.auth_comp_id                       CYS 
_pdbx_modification_feature.auth_asym_id                       A 
_pdbx_modification_feature.auth_seq_id                        17 
_pdbx_modification_feature.PDB_ins_code                       ? 
_pdbx_modification_feature.symmetry                           1_555 
_pdbx_modification_feature.modified_residue_auth_comp_id      CYS 
_pdbx_modification_feature.modified_residue_auth_asym_id      A 
_pdbx_modification_feature.modified_residue_auth_seq_id       89 
_pdbx_modification_feature.modified_residue_PDB_ins_code      ? 
_pdbx_modification_feature.modified_residue_symmetry          1_555 
_pdbx_modification_feature.comp_id_linking_atom               SG 
_pdbx_modification_feature.modified_residue_id_linking_atom   SG 
_pdbx_modification_feature.modified_residue_id                . 
_pdbx_modification_feature.ref_pcm_id                         . 
_pdbx_modification_feature.ref_comp_id                        . 
_pdbx_modification_feature.type                               None 
_pdbx_modification_feature.category                           'Disulfide bridge' 
# 
loop_
_struct_sheet.id 
_struct_sheet.type 
_struct_sheet.number_strands 
_struct_sheet.details 
A ? 6 ? 
B ? 6 ? 
C ? 5 ? 
# 
loop_
_struct_sheet_order.sheet_id 
_struct_sheet_order.range_id_1 
_struct_sheet_order.range_id_2 
_struct_sheet_order.offset 
_struct_sheet_order.sense 
A 1 2 ? anti-parallel 
A 2 3 ? anti-parallel 
A 3 4 ? anti-parallel 
A 4 5 ? anti-parallel 
A 5 6 ? anti-parallel 
B 1 2 ? anti-parallel 
B 2 3 ? anti-parallel 
B 3 4 ? anti-parallel 
B 4 5 ? anti-parallel 
B 5 6 ? anti-parallel 
C 1 2 ? anti-parallel 
C 2 3 ? anti-parallel 
C 3 4 ? anti-parallel 
C 4 5 ? anti-parallel 
# 
loop_
_struct_sheet_range.sheet_id 
_struct_sheet_range.id 
_struct_sheet_range.beg_label_comp_id 
_struct_sheet_range.beg_label_asym_id 
_struct_sheet_range.beg_label_seq_id 
_struct_sheet_range.pdbx_beg_PDB_ins_code 
_struct_sheet_range.end_label_comp_id 
_struct_sheet_range.end_label_asym_id 
_struct_sheet_range.end_label_seq_id 
_struct_sheet_range.pdbx_end_PDB_ins_code 
_struct_sheet_range.beg_auth_comp_id 
_struct_sheet_range.beg_auth_asym_id 
_struct_sheet_range.beg_auth_seq_id 
_struct_sheet_range.end_auth_comp_id 
_struct_sheet_range.end_auth_asym_id 
_struct_sheet_range.end_auth_seq_id 
A 1 MET A 7   ? LEU A 14  ? MET A 5   LEU A 12  
A 2 ILE A 120 ? ASP A 126 ? ILE A 118 ASP A 124 
A 3 ALA A 34  ? ASP A 40  ? ALA A 32  ASP A 38  
A 4 ASN A 43  ? ARG A 51  ? ASN A 41  ARG A 49  
A 5 LYS A 60  ? GLU A 67  ? LYS A 58  GLU A 65  
A 6 SER A 70  ? TRP A 71  ? SER A 68  TRP A 69  
B 1 MET A 7   ? LEU A 14  ? MET A 5   LEU A 12  
B 2 ILE A 120 ? ASP A 126 ? ILE A 118 ASP A 124 
B 3 ALA A 34  ? ASP A 40  ? ALA A 32  ASP A 38  
B 4 ASN A 43  ? ARG A 51  ? ASN A 41  ARG A 49  
B 5 LYS A 60  ? GLU A 67  ? LYS A 58  GLU A 65  
B 6 GLN A 75  ? GLU A 77  ? GLN A 73  GLU A 75  
C 1 GLU A 108 ? PRO A 112 ? GLU A 106 PRO A 110 
C 2 HIS A 98  ? LEU A 103 ? HIS A 96  LEU A 101 
C 3 ALA A 86  ? GLN A 95  ? ALA A 84  GLN A 93  
C 4 CYS A 19  ? ILE A 26  ? CYS A 17  ILE A 24  
C 5 GLU A 129 ? LEU A 135 ? GLU A 127 LEU A 133 
# 
loop_
_pdbx_struct_sheet_hbond.sheet_id 
_pdbx_struct_sheet_hbond.range_id_1 
_pdbx_struct_sheet_hbond.range_id_2 
_pdbx_struct_sheet_hbond.range_1_label_atom_id 
_pdbx_struct_sheet_hbond.range_1_label_comp_id 
_pdbx_struct_sheet_hbond.range_1_label_asym_id 
_pdbx_struct_sheet_hbond.range_1_label_seq_id 
_pdbx_struct_sheet_hbond.range_1_PDB_ins_code 
_pdbx_struct_sheet_hbond.range_1_auth_atom_id 
_pdbx_struct_sheet_hbond.range_1_auth_comp_id 
_pdbx_struct_sheet_hbond.range_1_auth_asym_id 
_pdbx_struct_sheet_hbond.range_1_auth_seq_id 
_pdbx_struct_sheet_hbond.range_2_label_atom_id 
_pdbx_struct_sheet_hbond.range_2_label_comp_id 
_pdbx_struct_sheet_hbond.range_2_label_asym_id 
_pdbx_struct_sheet_hbond.range_2_label_seq_id 
_pdbx_struct_sheet_hbond.range_2_PDB_ins_code 
_pdbx_struct_sheet_hbond.range_2_auth_atom_id 
_pdbx_struct_sheet_hbond.range_2_auth_comp_id 
_pdbx_struct_sheet_hbond.range_2_auth_asym_id 
_pdbx_struct_sheet_hbond.range_2_auth_seq_id 
A 1 2 N LEU A 14  ? N LEU A 12  O ILE A 120 ? O ILE A 118 
A 2 3 O SER A 124 ? O SER A 122 N ASN A 36  ? N ASN A 34  
A 3 4 N ILE A 35  ? N ILE A 33  O PHE A 48  ? O PHE A 46  
A 4 5 N TYR A 44  ? N TYR A 42  O LYS A 66  ? O LYS A 64  
A 5 6 N GLU A 67  ? N GLU A 65  O SER A 70  ? O SER A 68  
B 1 2 N LEU A 14  ? N LEU A 12  O ILE A 120 ? O ILE A 118 
B 2 3 O SER A 124 ? O SER A 122 N ASN A 36  ? N ASN A 34  
B 3 4 N ILE A 35  ? N ILE A 33  O PHE A 48  ? O PHE A 46  
B 4 5 N TYR A 44  ? N TYR A 42  O LYS A 66  ? O LYS A 64  
B 5 6 N CYS A 63  ? N CYS A 61  O GLN A 75  ? O GLN A 73  
C 1 2 O PHE A 109 ? O PHE A 107 N VAL A 101 ? N VAL A 99  
C 2 3 O LYS A 100 ? O LYS A 98  N GLU A 93  ? N GLU A 91  
C 3 4 O ILE A 90  ? O ILE A 88  N LEU A 22  ? N LEU A 20  
C 4 5 N LYS A 23  ? N LYS A 21  O ALA A 132 ? O ALA A 130 
# 
_pdbx_entry_details.entry_id                   3WUD 
_pdbx_entry_details.compound_details           ? 
_pdbx_entry_details.source_details             ? 
_pdbx_entry_details.nonpolymer_details         ? 
_pdbx_entry_details.sequence_details           ? 
_pdbx_entry_details.has_ligand_of_interest     ? 
_pdbx_entry_details.has_protein_modification   Y 
# 
loop_
_pdbx_validate_rmsd_angle.id 
_pdbx_validate_rmsd_angle.PDB_model_num 
_pdbx_validate_rmsd_angle.auth_atom_id_1 
_pdbx_validate_rmsd_angle.auth_asym_id_1 
_pdbx_validate_rmsd_angle.auth_comp_id_1 
_pdbx_validate_rmsd_angle.auth_seq_id_1 
_pdbx_validate_rmsd_angle.PDB_ins_code_1 
_pdbx_validate_rmsd_angle.label_alt_id_1 
_pdbx_validate_rmsd_angle.auth_atom_id_2 
_pdbx_validate_rmsd_angle.auth_asym_id_2 
_pdbx_validate_rmsd_angle.auth_comp_id_2 
_pdbx_validate_rmsd_angle.auth_seq_id_2 
_pdbx_validate_rmsd_angle.PDB_ins_code_2 
_pdbx_validate_rmsd_angle.label_alt_id_2 
_pdbx_validate_rmsd_angle.auth_atom_id_3 
_pdbx_validate_rmsd_angle.auth_asym_id_3 
_pdbx_validate_rmsd_angle.auth_comp_id_3 
_pdbx_validate_rmsd_angle.auth_seq_id_3 
_pdbx_validate_rmsd_angle.PDB_ins_code_3 
_pdbx_validate_rmsd_angle.label_alt_id_3 
_pdbx_validate_rmsd_angle.angle_value 
_pdbx_validate_rmsd_angle.angle_target_value 
_pdbx_validate_rmsd_angle.angle_deviation 
_pdbx_validate_rmsd_angle.angle_standard_deviation 
_pdbx_validate_rmsd_angle.linker_flag 
1 1 CA A CYS 17  ? A CB A CYS 17  ? A SG  A CYS 17  ? A 124.66 114.20 10.46 1.10 N 
2 1 CB A TYR 42  ? ? CG A TYR 42  ? ? CD1 A TYR 42  ? ? 124.82 121.00 3.82  0.60 N 
3 1 CB A LEU 121 ? ? CG A LEU 121 ? ? CD1 A LEU 121 ? ? 123.76 111.00 12.76 1.70 N 
# 
loop_
_pdbx_validate_torsion.id 
_pdbx_validate_torsion.PDB_model_num 
_pdbx_validate_torsion.auth_comp_id 
_pdbx_validate_torsion.auth_asym_id 
_pdbx_validate_torsion.auth_seq_id 
_pdbx_validate_torsion.PDB_ins_code 
_pdbx_validate_torsion.label_alt_id 
_pdbx_validate_torsion.phi 
_pdbx_validate_torsion.psi 
1 1 ASP A 38  ? ? -171.93 -177.82 
2 1 PHE A 78  ? ? -161.92 76.13   
3 1 PRO A 79  ? ? -84.68  31.73   
4 1 ASP A 116 ? ? -98.30  -74.13  
# 
_pdbx_molecule_features.prd_id    PRD_900008 
_pdbx_molecule_features.name      alpha-lactose 
_pdbx_molecule_features.type      Oligosaccharide 
_pdbx_molecule_features.class     Nutrient 
_pdbx_molecule_features.details   oligosaccharide 
# 
_pdbx_molecule.instance_id   1 
_pdbx_molecule.prd_id        PRD_900008 
_pdbx_molecule.asym_id       B 
# 
loop_
_pdbx_unobs_or_zero_occ_residues.id 
_pdbx_unobs_or_zero_occ_residues.PDB_model_num 
_pdbx_unobs_or_zero_occ_residues.polymer_flag 
_pdbx_unobs_or_zero_occ_residues.occupancy_flag 
_pdbx_unobs_or_zero_occ_residues.auth_asym_id 
_pdbx_unobs_or_zero_occ_residues.auth_comp_id 
_pdbx_unobs_or_zero_occ_residues.auth_seq_id 
_pdbx_unobs_or_zero_occ_residues.PDB_ins_code 
_pdbx_unobs_or_zero_occ_residues.label_asym_id 
_pdbx_unobs_or_zero_occ_residues.label_comp_id 
_pdbx_unobs_or_zero_occ_residues.label_seq_id 
1 1 Y 1 A GLY -1 ? A GLY 1 
2 1 Y 1 A SER 0  ? A SER 2 
3 1 Y 1 A MET 1  ? A MET 3 
4 1 Y 1 A ALA 2  ? A ALA 4 
# 
loop_
_chem_comp_atom.comp_id 
_chem_comp_atom.atom_id 
_chem_comp_atom.type_symbol 
_chem_comp_atom.pdbx_aromatic_flag 
_chem_comp_atom.pdbx_stereo_config 
_chem_comp_atom.pdbx_ordinal 
ALA N    N N N 1   
ALA CA   C N S 2   
ALA C    C N N 3   
ALA O    O N N 4   
ALA CB   C N N 5   
ALA OXT  O N N 6   
ALA H    H N N 7   
ALA H2   H N N 8   
ALA HA   H N N 9   
ALA HB1  H N N 10  
ALA HB2  H N N 11  
ALA HB3  H N N 12  
ALA HXT  H N N 13  
ARG N    N N N 14  
ARG CA   C N S 15  
ARG C    C N N 16  
ARG O    O N N 17  
ARG CB   C N N 18  
ARG CG   C N N 19  
ARG CD   C N N 20  
ARG NE   N N N 21  
ARG CZ   C N N 22  
ARG NH1  N N N 23  
ARG NH2  N N N 24  
ARG OXT  O N N 25  
ARG H    H N N 26  
ARG H2   H N N 27  
ARG HA   H N N 28  
ARG HB2  H N N 29  
ARG HB3  H N N 30  
ARG HG2  H N N 31  
ARG HG3  H N N 32  
ARG HD2  H N N 33  
ARG HD3  H N N 34  
ARG HE   H N N 35  
ARG HH11 H N N 36  
ARG HH12 H N N 37  
ARG HH21 H N N 38  
ARG HH22 H N N 39  
ARG HXT  H N N 40  
ASN N    N N N 41  
ASN CA   C N S 42  
ASN C    C N N 43  
ASN O    O N N 44  
ASN CB   C N N 45  
ASN CG   C N N 46  
ASN OD1  O N N 47  
ASN ND2  N N N 48  
ASN OXT  O N N 49  
ASN H    H N N 50  
ASN H2   H N N 51  
ASN HA   H N N 52  
ASN HB2  H N N 53  
ASN HB3  H N N 54  
ASN HD21 H N N 55  
ASN HD22 H N N 56  
ASN HXT  H N N 57  
ASP N    N N N 58  
ASP CA   C N S 59  
ASP C    C N N 60  
ASP O    O N N 61  
ASP CB   C N N 62  
ASP CG   C N N 63  
ASP OD1  O N N 64  
ASP OD2  O N N 65  
ASP OXT  O N N 66  
ASP H    H N N 67  
ASP H2   H N N 68  
ASP HA   H N N 69  
ASP HB2  H N N 70  
ASP HB3  H N N 71  
ASP HD2  H N N 72  
ASP HXT  H N N 73  
CYS N    N N N 74  
CYS CA   C N R 75  
CYS C    C N N 76  
CYS O    O N N 77  
CYS CB   C N N 78  
CYS SG   S N N 79  
CYS OXT  O N N 80  
CYS H    H N N 81  
CYS H2   H N N 82  
CYS HA   H N N 83  
CYS HB2  H N N 84  
CYS HB3  H N N 85  
CYS HG   H N N 86  
CYS HXT  H N N 87  
GAL C1   C N R 88  
GAL C2   C N R 89  
GAL C3   C N S 90  
GAL C4   C N R 91  
GAL C5   C N R 92  
GAL C6   C N N 93  
GAL O1   O N N 94  
GAL O2   O N N 95  
GAL O3   O N N 96  
GAL O4   O N N 97  
GAL O5   O N N 98  
GAL O6   O N N 99  
GAL H1   H N N 100 
GAL H2   H N N 101 
GAL H3   H N N 102 
GAL H4   H N N 103 
GAL H5   H N N 104 
GAL H61  H N N 105 
GAL H62  H N N 106 
GAL HO1  H N N 107 
GAL HO2  H N N 108 
GAL HO3  H N N 109 
GAL HO4  H N N 110 
GAL HO6  H N N 111 
GLC C1   C N S 112 
GLC C2   C N R 113 
GLC C3   C N S 114 
GLC C4   C N S 115 
GLC C5   C N R 116 
GLC C6   C N N 117 
GLC O1   O N N 118 
GLC O2   O N N 119 
GLC O3   O N N 120 
GLC O4   O N N 121 
GLC O5   O N N 122 
GLC O6   O N N 123 
GLC H1   H N N 124 
GLC H2   H N N 125 
GLC H3   H N N 126 
GLC H4   H N N 127 
GLC H5   H N N 128 
GLC H61  H N N 129 
GLC H62  H N N 130 
GLC HO1  H N N 131 
GLC HO2  H N N 132 
GLC HO3  H N N 133 
GLC HO4  H N N 134 
GLC HO6  H N N 135 
GLN N    N N N 136 
GLN CA   C N S 137 
GLN C    C N N 138 
GLN O    O N N 139 
GLN CB   C N N 140 
GLN CG   C N N 141 
GLN CD   C N N 142 
GLN OE1  O N N 143 
GLN NE2  N N N 144 
GLN OXT  O N N 145 
GLN H    H N N 146 
GLN H2   H N N 147 
GLN HA   H N N 148 
GLN HB2  H N N 149 
GLN HB3  H N N 150 
GLN HG2  H N N 151 
GLN HG3  H N N 152 
GLN HE21 H N N 153 
GLN HE22 H N N 154 
GLN HXT  H N N 155 
GLU N    N N N 156 
GLU CA   C N S 157 
GLU C    C N N 158 
GLU O    O N N 159 
GLU CB   C N N 160 
GLU CG   C N N 161 
GLU CD   C N N 162 
GLU OE1  O N N 163 
GLU OE2  O N N 164 
GLU OXT  O N N 165 
GLU H    H N N 166 
GLU H2   H N N 167 
GLU HA   H N N 168 
GLU HB2  H N N 169 
GLU HB3  H N N 170 
GLU HG2  H N N 171 
GLU HG3  H N N 172 
GLU HE2  H N N 173 
GLU HXT  H N N 174 
GLY N    N N N 175 
GLY CA   C N N 176 
GLY C    C N N 177 
GLY O    O N N 178 
GLY OXT  O N N 179 
GLY H    H N N 180 
GLY H2   H N N 181 
GLY HA2  H N N 182 
GLY HA3  H N N 183 
GLY HXT  H N N 184 
HIS N    N N N 185 
HIS CA   C N S 186 
HIS C    C N N 187 
HIS O    O N N 188 
HIS CB   C N N 189 
HIS CG   C Y N 190 
HIS ND1  N Y N 191 
HIS CD2  C Y N 192 
HIS CE1  C Y N 193 
HIS NE2  N Y N 194 
HIS OXT  O N N 195 
HIS H    H N N 196 
HIS H2   H N N 197 
HIS HA   H N N 198 
HIS HB2  H N N 199 
HIS HB3  H N N 200 
HIS HD1  H N N 201 
HIS HD2  H N N 202 
HIS HE1  H N N 203 
HIS HE2  H N N 204 
HIS HXT  H N N 205 
HOH O    O N N 206 
HOH H1   H N N 207 
HOH H2   H N N 208 
ILE N    N N N 209 
ILE CA   C N S 210 
ILE C    C N N 211 
ILE O    O N N 212 
ILE CB   C N S 213 
ILE CG1  C N N 214 
ILE CG2  C N N 215 
ILE CD1  C N N 216 
ILE OXT  O N N 217 
ILE H    H N N 218 
ILE H2   H N N 219 
ILE HA   H N N 220 
ILE HB   H N N 221 
ILE HG12 H N N 222 
ILE HG13 H N N 223 
ILE HG21 H N N 224 
ILE HG22 H N N 225 
ILE HG23 H N N 226 
ILE HD11 H N N 227 
ILE HD12 H N N 228 
ILE HD13 H N N 229 
ILE HXT  H N N 230 
LEU N    N N N 231 
LEU CA   C N S 232 
LEU C    C N N 233 
LEU O    O N N 234 
LEU CB   C N N 235 
LEU CG   C N N 236 
LEU CD1  C N N 237 
LEU CD2  C N N 238 
LEU OXT  O N N 239 
LEU H    H N N 240 
LEU H2   H N N 241 
LEU HA   H N N 242 
LEU HB2  H N N 243 
LEU HB3  H N N 244 
LEU HG   H N N 245 
LEU HD11 H N N 246 
LEU HD12 H N N 247 
LEU HD13 H N N 248 
LEU HD21 H N N 249 
LEU HD22 H N N 250 
LEU HD23 H N N 251 
LEU HXT  H N N 252 
LYS N    N N N 253 
LYS CA   C N S 254 
LYS C    C N N 255 
LYS O    O N N 256 
LYS CB   C N N 257 
LYS CG   C N N 258 
LYS CD   C N N 259 
LYS CE   C N N 260 
LYS NZ   N N N 261 
LYS OXT  O N N 262 
LYS H    H N N 263 
LYS H2   H N N 264 
LYS HA   H N N 265 
LYS HB2  H N N 266 
LYS HB3  H N N 267 
LYS HG2  H N N 268 
LYS HG3  H N N 269 
LYS HD2  H N N 270 
LYS HD3  H N N 271 
LYS HE2  H N N 272 
LYS HE3  H N N 273 
LYS HZ1  H N N 274 
LYS HZ2  H N N 275 
LYS HZ3  H N N 276 
LYS HXT  H N N 277 
MET N    N N N 278 
MET CA   C N S 279 
MET C    C N N 280 
MET O    O N N 281 
MET CB   C N N 282 
MET CG   C N N 283 
MET SD   S N N 284 
MET CE   C N N 285 
MET OXT  O N N 286 
MET H    H N N 287 
MET H2   H N N 288 
MET HA   H N N 289 
MET HB2  H N N 290 
MET HB3  H N N 291 
MET HG2  H N N 292 
MET HG3  H N N 293 
MET HE1  H N N 294 
MET HE2  H N N 295 
MET HE3  H N N 296 
MET HXT  H N N 297 
PHE N    N N N 298 
PHE CA   C N S 299 
PHE C    C N N 300 
PHE O    O N N 301 
PHE CB   C N N 302 
PHE CG   C Y N 303 
PHE CD1  C Y N 304 
PHE CD2  C Y N 305 
PHE CE1  C Y N 306 
PHE CE2  C Y N 307 
PHE CZ   C Y N 308 
PHE OXT  O N N 309 
PHE H    H N N 310 
PHE H2   H N N 311 
PHE HA   H N N 312 
PHE HB2  H N N 313 
PHE HB3  H N N 314 
PHE HD1  H N N 315 
PHE HD2  H N N 316 
PHE HE1  H N N 317 
PHE HE2  H N N 318 
PHE HZ   H N N 319 
PHE HXT  H N N 320 
PRO N    N N N 321 
PRO CA   C N S 322 
PRO C    C N N 323 
PRO O    O N N 324 
PRO CB   C N N 325 
PRO CG   C N N 326 
PRO CD   C N N 327 
PRO OXT  O N N 328 
PRO H    H N N 329 
PRO HA   H N N 330 
PRO HB2  H N N 331 
PRO HB3  H N N 332 
PRO HG2  H N N 333 
PRO HG3  H N N 334 
PRO HD2  H N N 335 
PRO HD3  H N N 336 
PRO HXT  H N N 337 
SER N    N N N 338 
SER CA   C N S 339 
SER C    C N N 340 
SER O    O N N 341 
SER CB   C N N 342 
SER OG   O N N 343 
SER OXT  O N N 344 
SER H    H N N 345 
SER H2   H N N 346 
SER HA   H N N 347 
SER HB2  H N N 348 
SER HB3  H N N 349 
SER HG   H N N 350 
SER HXT  H N N 351 
SO4 S    S N N 352 
SO4 O1   O N N 353 
SO4 O2   O N N 354 
SO4 O3   O N N 355 
SO4 O4   O N N 356 
THR N    N N N 357 
THR CA   C N S 358 
THR C    C N N 359 
THR O    O N N 360 
THR CB   C N R 361 
THR OG1  O N N 362 
THR CG2  C N N 363 
THR OXT  O N N 364 
THR H    H N N 365 
THR H2   H N N 366 
THR HA   H N N 367 
THR HB   H N N 368 
THR HG1  H N N 369 
THR HG21 H N N 370 
THR HG22 H N N 371 
THR HG23 H N N 372 
THR HXT  H N N 373 
TRP N    N N N 374 
TRP CA   C N S 375 
TRP C    C N N 376 
TRP O    O N N 377 
TRP CB   C N N 378 
TRP CG   C Y N 379 
TRP CD1  C Y N 380 
TRP CD2  C Y N 381 
TRP NE1  N Y N 382 
TRP CE2  C Y N 383 
TRP CE3  C Y N 384 
TRP CZ2  C Y N 385 
TRP CZ3  C Y N 386 
TRP CH2  C Y N 387 
TRP OXT  O N N 388 
TRP H    H N N 389 
TRP H2   H N N 390 
TRP HA   H N N 391 
TRP HB2  H N N 392 
TRP HB3  H N N 393 
TRP HD1  H N N 394 
TRP HE1  H N N 395 
TRP HE3  H N N 396 
TRP HZ2  H N N 397 
TRP HZ3  H N N 398 
TRP HH2  H N N 399 
TRP HXT  H N N 400 
TYR N    N N N 401 
TYR CA   C N S 402 
TYR C    C N N 403 
TYR O    O N N 404 
TYR CB   C N N 405 
TYR CG   C Y N 406 
TYR CD1  C Y N 407 
TYR CD2  C Y N 408 
TYR CE1  C Y N 409 
TYR CE2  C Y N 410 
TYR CZ   C Y N 411 
TYR OH   O N N 412 
TYR OXT  O N N 413 
TYR H    H N N 414 
TYR H2   H N N 415 
TYR HA   H N N 416 
TYR HB2  H N N 417 
TYR HB3  H N N 418 
TYR HD1  H N N 419 
TYR HD2  H N N 420 
TYR HE1  H N N 421 
TYR HE2  H N N 422 
TYR HH   H N N 423 
TYR HXT  H N N 424 
VAL N    N N N 425 
VAL CA   C N S 426 
VAL C    C N N 427 
VAL O    O N N 428 
VAL CB   C N N 429 
VAL CG1  C N N 430 
VAL CG2  C N N 431 
VAL OXT  O N N 432 
VAL H    H N N 433 
VAL H2   H N N 434 
VAL HA   H N N 435 
VAL HB   H N N 436 
VAL HG11 H N N 437 
VAL HG12 H N N 438 
VAL HG13 H N N 439 
VAL HG21 H N N 440 
VAL HG22 H N N 441 
VAL HG23 H N N 442 
VAL HXT  H N N 443 
# 
loop_
_chem_comp_bond.comp_id 
_chem_comp_bond.atom_id_1 
_chem_comp_bond.atom_id_2 
_chem_comp_bond.value_order 
_chem_comp_bond.pdbx_aromatic_flag 
_chem_comp_bond.pdbx_stereo_config 
_chem_comp_bond.pdbx_ordinal 
ALA N   CA   sing N N 1   
ALA N   H    sing N N 2   
ALA N   H2   sing N N 3   
ALA CA  C    sing N N 4   
ALA CA  CB   sing N N 5   
ALA CA  HA   sing N N 6   
ALA C   O    doub N N 7   
ALA C   OXT  sing N N 8   
ALA CB  HB1  sing N N 9   
ALA CB  HB2  sing N N 10  
ALA CB  HB3  sing N N 11  
ALA OXT HXT  sing N N 12  
ARG N   CA   sing N N 13  
ARG N   H    sing N N 14  
ARG N   H2   sing N N 15  
ARG CA  C    sing N N 16  
ARG CA  CB   sing N N 17  
ARG CA  HA   sing N N 18  
ARG C   O    doub N N 19  
ARG C   OXT  sing N N 20  
ARG CB  CG   sing N N 21  
ARG CB  HB2  sing N N 22  
ARG CB  HB3  sing N N 23  
ARG CG  CD   sing N N 24  
ARG CG  HG2  sing N N 25  
ARG CG  HG3  sing N N 26  
ARG CD  NE   sing N N 27  
ARG CD  HD2  sing N N 28  
ARG CD  HD3  sing N N 29  
ARG NE  CZ   sing N N 30  
ARG NE  HE   sing N N 31  
ARG CZ  NH1  sing N N 32  
ARG CZ  NH2  doub N N 33  
ARG NH1 HH11 sing N N 34  
ARG NH1 HH12 sing N N 35  
ARG NH2 HH21 sing N N 36  
ARG NH2 HH22 sing N N 37  
ARG OXT HXT  sing N N 38  
ASN N   CA   sing N N 39  
ASN N   H    sing N N 40  
ASN N   H2   sing N N 41  
ASN CA  C    sing N N 42  
ASN CA  CB   sing N N 43  
ASN CA  HA   sing N N 44  
ASN C   O    doub N N 45  
ASN C   OXT  sing N N 46  
ASN CB  CG   sing N N 47  
ASN CB  HB2  sing N N 48  
ASN CB  HB3  sing N N 49  
ASN CG  OD1  doub N N 50  
ASN CG  ND2  sing N N 51  
ASN ND2 HD21 sing N N 52  
ASN ND2 HD22 sing N N 53  
ASN OXT HXT  sing N N 54  
ASP N   CA   sing N N 55  
ASP N   H    sing N N 56  
ASP N   H2   sing N N 57  
ASP CA  C    sing N N 58  
ASP CA  CB   sing N N 59  
ASP CA  HA   sing N N 60  
ASP C   O    doub N N 61  
ASP C   OXT  sing N N 62  
ASP CB  CG   sing N N 63  
ASP CB  HB2  sing N N 64  
ASP CB  HB3  sing N N 65  
ASP CG  OD1  doub N N 66  
ASP CG  OD2  sing N N 67  
ASP OD2 HD2  sing N N 68  
ASP OXT HXT  sing N N 69  
CYS N   CA   sing N N 70  
CYS N   H    sing N N 71  
CYS N   H2   sing N N 72  
CYS CA  C    sing N N 73  
CYS CA  CB   sing N N 74  
CYS CA  HA   sing N N 75  
CYS C   O    doub N N 76  
CYS C   OXT  sing N N 77  
CYS CB  SG   sing N N 78  
CYS CB  HB2  sing N N 79  
CYS CB  HB3  sing N N 80  
CYS SG  HG   sing N N 81  
CYS OXT HXT  sing N N 82  
GAL C1  C2   sing N N 83  
GAL C1  O1   sing N N 84  
GAL C1  O5   sing N N 85  
GAL C1  H1   sing N N 86  
GAL C2  C3   sing N N 87  
GAL C2  O2   sing N N 88  
GAL C2  H2   sing N N 89  
GAL C3  C4   sing N N 90  
GAL C3  O3   sing N N 91  
GAL C3  H3   sing N N 92  
GAL C4  C5   sing N N 93  
GAL C4  O4   sing N N 94  
GAL C4  H4   sing N N 95  
GAL C5  C6   sing N N 96  
GAL C5  O5   sing N N 97  
GAL C5  H5   sing N N 98  
GAL C6  O6   sing N N 99  
GAL C6  H61  sing N N 100 
GAL C6  H62  sing N N 101 
GAL O1  HO1  sing N N 102 
GAL O2  HO2  sing N N 103 
GAL O3  HO3  sing N N 104 
GAL O4  HO4  sing N N 105 
GAL O6  HO6  sing N N 106 
GLC C1  C2   sing N N 107 
GLC C1  O1   sing N N 108 
GLC C1  O5   sing N N 109 
GLC C1  H1   sing N N 110 
GLC C2  C3   sing N N 111 
GLC C2  O2   sing N N 112 
GLC C2  H2   sing N N 113 
GLC C3  C4   sing N N 114 
GLC C3  O3   sing N N 115 
GLC C3  H3   sing N N 116 
GLC C4  C5   sing N N 117 
GLC C4  O4   sing N N 118 
GLC C4  H4   sing N N 119 
GLC C5  C6   sing N N 120 
GLC C5  O5   sing N N 121 
GLC C5  H5   sing N N 122 
GLC C6  O6   sing N N 123 
GLC C6  H61  sing N N 124 
GLC C6  H62  sing N N 125 
GLC O1  HO1  sing N N 126 
GLC O2  HO2  sing N N 127 
GLC O3  HO3  sing N N 128 
GLC O4  HO4  sing N N 129 
GLC O6  HO6  sing N N 130 
GLN N   CA   sing N N 131 
GLN N   H    sing N N 132 
GLN N   H2   sing N N 133 
GLN CA  C    sing N N 134 
GLN CA  CB   sing N N 135 
GLN CA  HA   sing N N 136 
GLN C   O    doub N N 137 
GLN C   OXT  sing N N 138 
GLN CB  CG   sing N N 139 
GLN CB  HB2  sing N N 140 
GLN CB  HB3  sing N N 141 
GLN CG  CD   sing N N 142 
GLN CG  HG2  sing N N 143 
GLN CG  HG3  sing N N 144 
GLN CD  OE1  doub N N 145 
GLN CD  NE2  sing N N 146 
GLN NE2 HE21 sing N N 147 
GLN NE2 HE22 sing N N 148 
GLN OXT HXT  sing N N 149 
GLU N   CA   sing N N 150 
GLU N   H    sing N N 151 
GLU N   H2   sing N N 152 
GLU CA  C    sing N N 153 
GLU CA  CB   sing N N 154 
GLU CA  HA   sing N N 155 
GLU C   O    doub N N 156 
GLU C   OXT  sing N N 157 
GLU CB  CG   sing N N 158 
GLU CB  HB2  sing N N 159 
GLU CB  HB3  sing N N 160 
GLU CG  CD   sing N N 161 
GLU CG  HG2  sing N N 162 
GLU CG  HG3  sing N N 163 
GLU CD  OE1  doub N N 164 
GLU CD  OE2  sing N N 165 
GLU OE2 HE2  sing N N 166 
GLU OXT HXT  sing N N 167 
GLY N   CA   sing N N 168 
GLY N   H    sing N N 169 
GLY N   H2   sing N N 170 
GLY CA  C    sing N N 171 
GLY CA  HA2  sing N N 172 
GLY CA  HA3  sing N N 173 
GLY C   O    doub N N 174 
GLY C   OXT  sing N N 175 
GLY OXT HXT  sing N N 176 
HIS N   CA   sing N N 177 
HIS N   H    sing N N 178 
HIS N   H2   sing N N 179 
HIS CA  C    sing N N 180 
HIS CA  CB   sing N N 181 
HIS CA  HA   sing N N 182 
HIS C   O    doub N N 183 
HIS C   OXT  sing N N 184 
HIS CB  CG   sing N N 185 
HIS CB  HB2  sing N N 186 
HIS CB  HB3  sing N N 187 
HIS CG  ND1  sing Y N 188 
HIS CG  CD2  doub Y N 189 
HIS ND1 CE1  doub Y N 190 
HIS ND1 HD1  sing N N 191 
HIS CD2 NE2  sing Y N 192 
HIS CD2 HD2  sing N N 193 
HIS CE1 NE2  sing Y N 194 
HIS CE1 HE1  sing N N 195 
HIS NE2 HE2  sing N N 196 
HIS OXT HXT  sing N N 197 
HOH O   H1   sing N N 198 
HOH O   H2   sing N N 199 
ILE N   CA   sing N N 200 
ILE N   H    sing N N 201 
ILE N   H2   sing N N 202 
ILE CA  C    sing N N 203 
ILE CA  CB   sing N N 204 
ILE CA  HA   sing N N 205 
ILE C   O    doub N N 206 
ILE C   OXT  sing N N 207 
ILE CB  CG1  sing N N 208 
ILE CB  CG2  sing N N 209 
ILE CB  HB   sing N N 210 
ILE CG1 CD1  sing N N 211 
ILE CG1 HG12 sing N N 212 
ILE CG1 HG13 sing N N 213 
ILE CG2 HG21 sing N N 214 
ILE CG2 HG22 sing N N 215 
ILE CG2 HG23 sing N N 216 
ILE CD1 HD11 sing N N 217 
ILE CD1 HD12 sing N N 218 
ILE CD1 HD13 sing N N 219 
ILE OXT HXT  sing N N 220 
LEU N   CA   sing N N 221 
LEU N   H    sing N N 222 
LEU N   H2   sing N N 223 
LEU CA  C    sing N N 224 
LEU CA  CB   sing N N 225 
LEU CA  HA   sing N N 226 
LEU C   O    doub N N 227 
LEU C   OXT  sing N N 228 
LEU CB  CG   sing N N 229 
LEU CB  HB2  sing N N 230 
LEU CB  HB3  sing N N 231 
LEU CG  CD1  sing N N 232 
LEU CG  CD2  sing N N 233 
LEU CG  HG   sing N N 234 
LEU CD1 HD11 sing N N 235 
LEU CD1 HD12 sing N N 236 
LEU CD1 HD13 sing N N 237 
LEU CD2 HD21 sing N N 238 
LEU CD2 HD22 sing N N 239 
LEU CD2 HD23 sing N N 240 
LEU OXT HXT  sing N N 241 
LYS N   CA   sing N N 242 
LYS N   H    sing N N 243 
LYS N   H2   sing N N 244 
LYS CA  C    sing N N 245 
LYS CA  CB   sing N N 246 
LYS CA  HA   sing N N 247 
LYS C   O    doub N N 248 
LYS C   OXT  sing N N 249 
LYS CB  CG   sing N N 250 
LYS CB  HB2  sing N N 251 
LYS CB  HB3  sing N N 252 
LYS CG  CD   sing N N 253 
LYS CG  HG2  sing N N 254 
LYS CG  HG3  sing N N 255 
LYS CD  CE   sing N N 256 
LYS CD  HD2  sing N N 257 
LYS CD  HD3  sing N N 258 
LYS CE  NZ   sing N N 259 
LYS CE  HE2  sing N N 260 
LYS CE  HE3  sing N N 261 
LYS NZ  HZ1  sing N N 262 
LYS NZ  HZ2  sing N N 263 
LYS NZ  HZ3  sing N N 264 
LYS OXT HXT  sing N N 265 
MET N   CA   sing N N 266 
MET N   H    sing N N 267 
MET N   H2   sing N N 268 
MET CA  C    sing N N 269 
MET CA  CB   sing N N 270 
MET CA  HA   sing N N 271 
MET C   O    doub N N 272 
MET C   OXT  sing N N 273 
MET CB  CG   sing N N 274 
MET CB  HB2  sing N N 275 
MET CB  HB3  sing N N 276 
MET CG  SD   sing N N 277 
MET CG  HG2  sing N N 278 
MET CG  HG3  sing N N 279 
MET SD  CE   sing N N 280 
MET CE  HE1  sing N N 281 
MET CE  HE2  sing N N 282 
MET CE  HE3  sing N N 283 
MET OXT HXT  sing N N 284 
PHE N   CA   sing N N 285 
PHE N   H    sing N N 286 
PHE N   H2   sing N N 287 
PHE CA  C    sing N N 288 
PHE CA  CB   sing N N 289 
PHE CA  HA   sing N N 290 
PHE C   O    doub N N 291 
PHE C   OXT  sing N N 292 
PHE CB  CG   sing N N 293 
PHE CB  HB2  sing N N 294 
PHE CB  HB3  sing N N 295 
PHE CG  CD1  doub Y N 296 
PHE CG  CD2  sing Y N 297 
PHE CD1 CE1  sing Y N 298 
PHE CD1 HD1  sing N N 299 
PHE CD2 CE2  doub Y N 300 
PHE CD2 HD2  sing N N 301 
PHE CE1 CZ   doub Y N 302 
PHE CE1 HE1  sing N N 303 
PHE CE2 CZ   sing Y N 304 
PHE CE2 HE2  sing N N 305 
PHE CZ  HZ   sing N N 306 
PHE OXT HXT  sing N N 307 
PRO N   CA   sing N N 308 
PRO N   CD   sing N N 309 
PRO N   H    sing N N 310 
PRO CA  C    sing N N 311 
PRO CA  CB   sing N N 312 
PRO CA  HA   sing N N 313 
PRO C   O    doub N N 314 
PRO C   OXT  sing N N 315 
PRO CB  CG   sing N N 316 
PRO CB  HB2  sing N N 317 
PRO CB  HB3  sing N N 318 
PRO CG  CD   sing N N 319 
PRO CG  HG2  sing N N 320 
PRO CG  HG3  sing N N 321 
PRO CD  HD2  sing N N 322 
PRO CD  HD3  sing N N 323 
PRO OXT HXT  sing N N 324 
SER N   CA   sing N N 325 
SER N   H    sing N N 326 
SER N   H2   sing N N 327 
SER CA  C    sing N N 328 
SER CA  CB   sing N N 329 
SER CA  HA   sing N N 330 
SER C   O    doub N N 331 
SER C   OXT  sing N N 332 
SER CB  OG   sing N N 333 
SER CB  HB2  sing N N 334 
SER CB  HB3  sing N N 335 
SER OG  HG   sing N N 336 
SER OXT HXT  sing N N 337 
SO4 S   O1   doub N N 338 
SO4 S   O2   doub N N 339 
SO4 S   O3   sing N N 340 
SO4 S   O4   sing N N 341 
THR N   CA   sing N N 342 
THR N   H    sing N N 343 
THR N   H2   sing N N 344 
THR CA  C    sing N N 345 
THR CA  CB   sing N N 346 
THR CA  HA   sing N N 347 
THR C   O    doub N N 348 
THR C   OXT  sing N N 349 
THR CB  OG1  sing N N 350 
THR CB  CG2  sing N N 351 
THR CB  HB   sing N N 352 
THR OG1 HG1  sing N N 353 
THR CG2 HG21 sing N N 354 
THR CG2 HG22 sing N N 355 
THR CG2 HG23 sing N N 356 
THR OXT HXT  sing N N 357 
TRP N   CA   sing N N 358 
TRP N   H    sing N N 359 
TRP N   H2   sing N N 360 
TRP CA  C    sing N N 361 
TRP CA  CB   sing N N 362 
TRP CA  HA   sing N N 363 
TRP C   O    doub N N 364 
TRP C   OXT  sing N N 365 
TRP CB  CG   sing N N 366 
TRP CB  HB2  sing N N 367 
TRP CB  HB3  sing N N 368 
TRP CG  CD1  doub Y N 369 
TRP CG  CD2  sing Y N 370 
TRP CD1 NE1  sing Y N 371 
TRP CD1 HD1  sing N N 372 
TRP CD2 CE2  doub Y N 373 
TRP CD2 CE3  sing Y N 374 
TRP NE1 CE2  sing Y N 375 
TRP NE1 HE1  sing N N 376 
TRP CE2 CZ2  sing Y N 377 
TRP CE3 CZ3  doub Y N 378 
TRP CE3 HE3  sing N N 379 
TRP CZ2 CH2  doub Y N 380 
TRP CZ2 HZ2  sing N N 381 
TRP CZ3 CH2  sing Y N 382 
TRP CZ3 HZ3  sing N N 383 
TRP CH2 HH2  sing N N 384 
TRP OXT HXT  sing N N 385 
TYR N   CA   sing N N 386 
TYR N   H    sing N N 387 
TYR N   H2   sing N N 388 
TYR CA  C    sing N N 389 
TYR CA  CB   sing N N 390 
TYR CA  HA   sing N N 391 
TYR C   O    doub N N 392 
TYR C   OXT  sing N N 393 
TYR CB  CG   sing N N 394 
TYR CB  HB2  sing N N 395 
TYR CB  HB3  sing N N 396 
TYR CG  CD1  doub Y N 397 
TYR CG  CD2  sing Y N 398 
TYR CD1 CE1  sing Y N 399 
TYR CD1 HD1  sing N N 400 
TYR CD2 CE2  doub Y N 401 
TYR CD2 HD2  sing N N 402 
TYR CE1 CZ   doub Y N 403 
TYR CE1 HE1  sing N N 404 
TYR CE2 CZ   sing Y N 405 
TYR CE2 HE2  sing N N 406 
TYR CZ  OH   sing N N 407 
TYR OH  HH   sing N N 408 
TYR OXT HXT  sing N N 409 
VAL N   CA   sing N N 410 
VAL N   H    sing N N 411 
VAL N   H2   sing N N 412 
VAL CA  C    sing N N 413 
VAL CA  CB   sing N N 414 
VAL CA  HA   sing N N 415 
VAL C   O    doub N N 416 
VAL C   OXT  sing N N 417 
VAL CB  CG1  sing N N 418 
VAL CB  CG2  sing N N 419 
VAL CB  HB   sing N N 420 
VAL CG1 HG11 sing N N 421 
VAL CG1 HG12 sing N N 422 
VAL CG1 HG13 sing N N 423 
VAL CG2 HG21 sing N N 424 
VAL CG2 HG22 sing N N 425 
VAL CG2 HG23 sing N N 426 
VAL OXT HXT  sing N N 427 
# 
loop_
_pdbx_entity_branch_list.entity_id 
_pdbx_entity_branch_list.comp_id 
_pdbx_entity_branch_list.num 
_pdbx_entity_branch_list.hetero 
2 GLC 1 n 
2 GAL 2 n 
# 
_pdbx_initial_refinement_model.id               1 
_pdbx_initial_refinement_model.entity_id_list   ? 
_pdbx_initial_refinement_model.type             'experimental model' 
_pdbx_initial_refinement_model.source_name      PDB 
_pdbx_initial_refinement_model.accession_code   3WUC 
_pdbx_initial_refinement_model.details          ? 
# 
_atom_sites.entry_id                    3WUD 
_atom_sites.fract_transf_matrix[1][1]   -0.00643003 
_atom_sites.fract_transf_matrix[1][2]   -0.01002505 
_atom_sites.fract_transf_matrix[1][3]   -0.01072491 
_atom_sites.fract_transf_matrix[2][1]   0.01768190 
_atom_sites.fract_transf_matrix[2][2]   -0.02041965 
_atom_sites.fract_transf_matrix[2][3]   0.00848612 
_atom_sites.fract_transf_matrix[3][1]   -0.01419786 
_atom_sites.fract_transf_matrix[3][2]   -0.00936741 
_atom_sites.fract_transf_matrix[3][3]   0.00704276 
_atom_sites.fract_transf_vector[1]      -0.150376 
_atom_sites.fract_transf_vector[2]      -0.488690 
_atom_sites.fract_transf_vector[3]      -0.242325 
# 
loop_
_atom_type.symbol 
C 
N 
O 
S 
# 
loop_
_atom_site.group_PDB 
_atom_site.id 
_atom_site.type_symbol 
_atom_site.label_atom_id 
_atom_site.label_alt_id 
_atom_site.label_comp_id 
_atom_site.label_asym_id 
_atom_site.label_entity_id 
_atom_site.label_seq_id 
_atom_site.pdbx_PDB_ins_code 
_atom_site.Cartn_x 
_atom_site.Cartn_y 
_atom_site.Cartn_z 
_atom_site.occupancy 
_atom_site.B_iso_or_equiv 
_atom_site.pdbx_formal_charge 
_atom_site.auth_seq_id 
_atom_site.auth_comp_id 
_atom_site.auth_asym_id 
_atom_site.auth_atom_id 
_atom_site.pdbx_PDB_model_num 
ATOM   1    N N   . ALA A 1 5   ? -11.087 -0.830  -13.380 1.00 55.45 ? 3   ALA A N   1 
ATOM   2    C CA  . ALA A 1 5   ? -10.497 -0.405  -12.082 1.00 53.76 ? 3   ALA A CA  1 
ATOM   3    C C   . ALA A 1 5   ? -10.227 -1.628  -11.214 1.00 55.14 ? 3   ALA A C   1 
ATOM   4    O O   . ALA A 1 5   ? -10.659 -2.757  -11.510 1.00 64.54 ? 3   ALA A O   1 
ATOM   5    C CB  . ALA A 1 5   ? -11.407 0.580   -11.349 1.00 54.04 ? 3   ALA A CB  1 
ATOM   6    N N   . GLY A 1 6   ? -9.491  -1.398  -10.141 1.00 47.68 ? 4   GLY A N   1 
ATOM   7    C CA  . GLY A 1 6   ? -9.044  -2.483  -9.318  1.00 39.19 ? 4   GLY A CA  1 
ATOM   8    C C   . GLY A 1 6   ? -10.127 -2.941  -8.353  1.00 37.04 ? 4   GLY A C   1 
ATOM   9    O O   . GLY A 1 6   ? -11.348 -2.697  -8.497  1.00 33.39 ? 4   GLY A O   1 
ATOM   10   N N   . MET A 1 7   ? -9.669  -3.642  -7.360  1.00 29.66 ? 5   MET A N   1 
ATOM   11   C CA  . MET A 1 7   ? -10.575 -4.244  -6.474  1.00 29.85 ? 5   MET A CA  1 
ATOM   12   C C   . MET A 1 7   ? -10.561 -3.485  -5.187  1.00 25.82 ? 5   MET A C   1 
ATOM   13   O O   . MET A 1 7   ? -9.519  -2.906  -4.829  1.00 23.04 ? 5   MET A O   1 
ATOM   14   C CB  . MET A 1 7   ? -10.219 -5.668  -6.334  1.00 30.32 ? 5   MET A CB  1 
ATOM   15   C CG  . MET A 1 7   ? -9.105  -6.029  -5.460  1.00 38.56 ? 5   MET A CG  1 
ATOM   16   S SD  . MET A 1 7   ? -9.950  -7.093  -4.321  1.00 47.04 ? 5   MET A SD  1 
ATOM   17   C CE  . MET A 1 7   ? -9.811  -6.100  -2.822  1.00 31.92 ? 5   MET A CE  1 
ATOM   18   N N   . VAL A 1 8   ? -11.711 -3.479  -4.504  1.00 20.82 ? 6   VAL A N   1 
ATOM   19   C CA  . VAL A 1 8   ? -11.925 -2.614  -3.376  1.00 18.81 ? 6   VAL A CA  1 
ATOM   20   C C   . VAL A 1 8   ? -12.435 -3.529  -2.238  1.00 16.68 ? 6   VAL A C   1 
ATOM   21   O O   . VAL A 1 8   ? -13.171 -4.489  -2.502  1.00 16.33 ? 6   VAL A O   1 
ATOM   22   C CB  . VAL A 1 8   ? -13.033 -1.590  -3.681  1.00 22.21 ? 6   VAL A CB  1 
ATOM   23   C CG1 . VAL A 1 8   ? -13.596 -0.995  -2.373  1.00 25.35 ? 6   VAL A CG1 1 
ATOM   24   C CG2 . VAL A 1 8   ? -12.484 -0.512  -4.593  1.00 26.47 ? 6   VAL A CG2 1 
ATOM   25   N N   . MET A 1 9   ? -11.953 -3.310  -1.052  1.00 15.93 ? 7   MET A N   1 
ATOM   26   C CA  . MET A 1 9   ? -12.564 -3.924  0.167   1.00 15.32 ? 7   MET A CA  1 
ATOM   27   C C   . MET A 1 9   ? -12.948 -2.784  1.058   1.00 15.48 ? 7   MET A C   1 
ATOM   28   O O   . MET A 1 9   ? -12.152 -1.834  1.280   1.00 14.03 ? 7   MET A O   1 
ATOM   29   C CB  . MET A 1 9   ? -11.562 -4.819  0.883   1.00 19.50 ? 7   MET A CB  1 
ATOM   30   C CG  . MET A 1 9   ? -12.188 -5.869  1.778   1.00 21.12 ? 7   MET A CG  1 
ATOM   31   S SD  . MET A 1 9   ? -11.006 -7.029  2.568   1.00 29.40 ? 7   MET A SD  1 
ATOM   32   C CE  . MET A 1 9   ? -10.042 -7.320  1.105   1.00 29.59 ? 7   MET A CE  1 
ATOM   33   N N   . ASN A 1 10  ? -14.132 -2.896  1.658   1.00 15.24 ? 8   ASN A N   1 
ATOM   34   C CA  . ASN A 1 10  ? -14.598 -1.823  2.493   1.00 13.74 ? 8   ASN A CA  1 
ATOM   35   C C   . ASN A 1 10  ? -15.315 -2.383  3.737   1.00 15.29 ? 8   ASN A C   1 
ATOM   36   O O   . ASN A 1 10  ? -15.969 -3.427  3.658   1.00 16.51 ? 8   ASN A O   1 
ATOM   37   C CB  . ASN A 1 10  ? -15.596 -0.996  1.624   1.00 16.29 ? 8   ASN A CB  1 
ATOM   38   C CG  . ASN A 1 10  ? -16.046 0.331   2.282   1.00 20.88 ? 8   ASN A CG  1 
ATOM   39   O OD1 . ASN A 1 10  ? -17.257 0.683   2.271   1.00 26.95 ? 8   ASN A OD1 1 
ATOM   40   N ND2 . ASN A 1 10  ? -15.117 1.077   2.785   1.00 19.20 ? 8   ASN A ND2 1 
ATOM   41   N N   . ASN A 1 11  ? -15.188 -1.638  4.834   1.00 18.63 ? 9   ASN A N   1 
ATOM   42   C CA  . ASN A 1 11  ? -15.856 -1.888  6.164   1.00 20.65 ? 9   ASN A CA  1 
ATOM   43   C C   . ASN A 1 11  ? -15.393 -3.152  6.822   1.00 22.30 ? 9   ASN A C   1 
ATOM   44   O O   . ASN A 1 11  ? -16.149 -3.830  7.501   1.00 21.33 ? 9   ASN A O   1 
ATOM   45   C CB  . ASN A 1 11  ? -17.366 -1.727  6.076   1.00 24.20 ? 9   ASN A CB  1 
ATOM   46   C CG  . ASN A 1 11  ? -17.789 -0.226  5.988   1.00 31.54 ? 9   ASN A CG  1 
ATOM   47   O OD1 . ASN A 1 11  ? -17.016 0.726   6.330   1.00 32.63 ? 9   ASN A OD1 1 
ATOM   48   N ND2 . ASN A 1 11  ? -19.011 -0.009  5.502   1.00 38.25 ? 9   ASN A ND2 1 
ATOM   49   N N   . PHE A 1 12  ? -14.119 -3.492  6.584   1.00 20.35 ? 10  PHE A N   1 
ATOM   50   C CA  . PHE A 1 12  ? -13.350 -4.310  7.514   1.00 20.48 ? 10  PHE A CA  1 
ATOM   51   C C   . PHE A 1 12  ? -12.855 -3.307  8.590   1.00 18.90 ? 10  PHE A C   1 
ATOM   52   O O   . PHE A 1 12  ? -13.046 -2.105  8.478   1.00 19.24 ? 10  PHE A O   1 
ATOM   53   C CB  . PHE A 1 12  ? -12.222 -5.051  6.798   1.00 20.11 ? 10  PHE A CB  1 
ATOM   54   C CG  . PHE A 1 12  ? -11.166 -4.125  6.194   1.00 18.10 ? 10  PHE A CG  1 
ATOM   55   C CD1 . PHE A 1 12  ? -9.982  -3.853  6.872   1.00 18.75 ? 10  PHE A CD1 1 
ATOM   56   C CD2 . PHE A 1 12  ? -11.366 -3.519  4.934   1.00 19.02 ? 10  PHE A CD2 1 
ATOM   57   C CE1 . PHE A 1 12  ? -9.022  -2.987  6.375   1.00 19.26 ? 10  PHE A CE1 1 
ATOM   58   C CE2 . PHE A 1 12  ? -10.443 -2.628  4.450   1.00 19.35 ? 10  PHE A CE2 1 
ATOM   59   C CZ  . PHE A 1 12  ? -9.250  -2.361  5.176   1.00 18.60 ? 10  PHE A CZ  1 
ATOM   60   N N   . SER A 1 13  ? -12.218 -3.767  9.650   1.00 21.44 ? 11  SER A N   1 
ATOM   61   C CA  . SER A 1 13  ? -11.546 -2.838  10.591  1.00 23.77 ? 11  SER A CA  1 
ATOM   62   C C   . SER A 1 13  ? -10.167 -3.282  10.982  1.00 22.82 ? 11  SER A C   1 
ATOM   63   O O   . SER A 1 13  ? -9.974  -4.297  11.671  1.00 27.21 ? 11  SER A O   1 
ATOM   64   C CB  . SER A 1 13  ? -12.385 -2.462  11.842  1.00 29.97 ? 11  SER A CB  1 
ATOM   65   O OG  . SER A 1 13  ? -13.179 -3.509  12.267  1.00 36.75 ? 11  SER A OG  1 
ATOM   66   N N   . LEU A 1 14  ? -9.180  -2.527  10.516  1.00 18.16 ? 12  LEU A N   1 
ATOM   67   C CA  . LEU A 1 14  ? -7.829  -2.676  10.939  1.00 19.85 ? 12  LEU A CA  1 
ATOM   68   C C   . LEU A 1 14  ? -7.560  -1.679  12.034  1.00 19.38 ? 12  LEU A C   1 
ATOM   69   O O   . LEU A 1 14  ? -7.584  -0.464  11.799  1.00 17.83 ? 12  LEU A O   1 
ATOM   70   C CB  . LEU A 1 14  ? -6.835  -2.444  9.777   1.00 21.02 ? 12  LEU A CB  1 
ATOM   71   C CG  . LEU A 1 14  ? -5.344  -2.598  9.981   1.00 22.70 ? 12  LEU A CG  1 
ATOM   72   C CD1 . LEU A 1 14  ? -5.046  -4.059  10.366  1.00 26.58 ? 12  LEU A CD1 1 
ATOM   73   C CD2 . LEU A 1 14  ? -4.544  -2.201  8.730   1.00 23.81 ? 12  LEU A CD2 1 
ATOM   74   N N   . LYS A 1 15  ? -7.276  -2.179  13.245  1.00 21.25 ? 13  LYS A N   1 
ATOM   75   C CA  . LYS A 1 15  ? -7.115  -1.298  14.447  1.00 24.02 ? 13  LYS A CA  1 
ATOM   76   C C   . LYS A 1 15  ? -5.656  -1.060  14.767  1.00 19.77 ? 13  LYS A C   1 
ATOM   77   O O   . LYS A 1 15  ? -4.809  -1.788  14.317  1.00 21.27 ? 13  LYS A O   1 
ATOM   78   C CB  . LYS A 1 15  ? -7.835  -1.922  15.688  1.00 25.74 ? 13  LYS A CB  1 
ATOM   79   C CG  . LYS A 1 15  ? -9.357  -1.897  15.567  1.00 31.43 ? 13  LYS A CG  1 
ATOM   80   C CD  . LYS A 1 15  ? -10.080 -2.517  16.764  1.00 36.94 ? 13  LYS A CD  1 
ATOM   81   C CE  . LYS A 1 15  ? -10.280 -4.017  16.605  1.00 41.68 ? 13  LYS A CE  1 
ATOM   82   N NZ  . LYS A 1 15  ? -9.047  -4.848  16.401  1.00 45.41 ? 13  LYS A NZ  1 
ATOM   83   N N   . GLN A 1 16  ? -5.343  -0.060  15.577  1.00 21.35 ? 14  GLN A N   1 
ATOM   84   C CA  . GLN A 1 16  ? -3.950  0.130   15.975  1.00 23.42 ? 14  GLN A CA  1 
ATOM   85   C C   . GLN A 1 16  ? -3.317  -1.070  16.587  1.00 22.98 ? 14  GLN A C   1 
ATOM   86   O O   . GLN A 1 16  ? -3.934  -1.795  17.384  1.00 23.91 ? 14  GLN A O   1 
ATOM   87   C CB  . GLN A 1 16  ? -3.793  1.245   16.980  1.00 28.03 ? 14  GLN A CB  1 
ATOM   88   C CG  . GLN A 1 16  ? -3.748  2.582   16.362  1.00 32.95 ? 14  GLN A CG  1 
ATOM   89   C CD  . GLN A 1 16  ? -3.503  3.594   17.438  1.00 38.24 ? 14  GLN A CD  1 
ATOM   90   O OE1 . GLN A 1 16  ? -2.592  3.445   18.268  1.00 41.51 ? 14  GLN A OE1 1 
ATOM   91   N NE2 . GLN A 1 16  ? -4.352  4.576   17.480  1.00 40.70 ? 14  GLN A NE2 1 
ATOM   92   N N   . GLY A 1 17  ? -2.066  -1.263  16.230  1.00 23.54 ? 15  GLY A N   1 
ATOM   93   C CA  . GLY A 1 17  ? -1.275  -2.389  16.682  1.00 27.52 ? 15  GLY A CA  1 
ATOM   94   C C   . GLY A 1 17  ? -1.407  -3.646  15.860  1.00 23.95 ? 15  GLY A C   1 
ATOM   95   O O   . GLY A 1 17  ? -0.735  -4.611  16.168  1.00 28.74 ? 15  GLY A O   1 
ATOM   96   N N   . HIS A 1 18  ? -2.252  -3.631  14.810  1.00 22.20 ? 16  HIS A N   1 
ATOM   97   C CA  . HIS A 1 18  ? -2.454  -4.773  13.924  1.00 22.41 ? 16  HIS A CA  1 
ATOM   98   C C   . HIS A 1 18  ? -1.935  -4.510  12.525  1.00 23.22 ? 16  HIS A C   1 
ATOM   99   O O   . HIS A 1 18  ? -1.675  -3.357  12.181  1.00 20.95 ? 16  HIS A O   1 
ATOM   100  C CB  . HIS A 1 18  ? -3.951  -5.094  13.874  1.00 25.64 ? 16  HIS A CB  1 
ATOM   101  C CG  . HIS A 1 18  ? -4.495  -5.475  15.214  1.00 27.70 ? 16  HIS A CG  1 
ATOM   102  N ND1 . HIS A 1 18  ? -4.583  -6.788  15.626  1.00 32.13 ? 16  HIS A ND1 1 
ATOM   103  C CD2 . HIS A 1 18  ? -4.841  -4.721  16.286  1.00 29.50 ? 16  HIS A CD2 1 
ATOM   104  C CE1 . HIS A 1 18  ? -5.030  -6.829  16.871  1.00 33.05 ? 16  HIS A CE1 1 
ATOM   105  N NE2 . HIS A 1 18  ? -5.192  -5.586  17.296  1.00 31.77 ? 16  HIS A NE2 1 
ATOM   106  N N   . CYS A 1 19  ? -1.828  -5.591  11.740  1.00 22.80 ? 17  CYS A N   1 
ATOM   107  C CA  A CYS A 1 19  ? -1.323  -5.476  10.379  0.50 24.13 ? 17  CYS A CA  1 
ATOM   108  C CA  B CYS A 1 19  ? -1.244  -5.608  10.427  0.50 23.90 ? 17  CYS A CA  1 
ATOM   109  C C   . CYS A 1 19  ? -2.227  -6.238  9.433   1.00 22.14 ? 17  CYS A C   1 
ATOM   110  O O   . CYS A 1 19  ? -2.956  -7.169  9.795   1.00 22.47 ? 17  CYS A O   1 
ATOM   111  C CB  A CYS A 1 19  ? 0.220   -5.740  10.207  0.50 27.04 ? 17  CYS A CB  1 
ATOM   112  C CB  B CYS A 1 19  ? 0.037   -6.435  10.526  0.50 26.67 ? 17  CYS A CB  1 
ATOM   113  S SG  A CYS A 1 19  ? 0.960   -7.367  9.794   0.50 31.31 ? 17  CYS A SG  1 
ATOM   114  S SG  B CYS A 1 19  ? 0.990   -6.006  12.004  0.50 31.35 ? 17  CYS A SG  1 
ATOM   115  N N   . LEU A 1 20  ? -2.263  -5.727  8.214   1.00 20.57 ? 18  LEU A N   1 
ATOM   116  C CA  . LEU A 1 20  ? -3.031  -6.281  7.121   1.00 20.24 ? 18  LEU A CA  1 
ATOM   117  C C   . LEU A 1 20  ? -1.956  -6.771  6.143   1.00 20.71 ? 18  LEU A C   1 
ATOM   118  O O   . LEU A 1 20  ? -1.102  -5.998  5.732   1.00 18.60 ? 18  LEU A O   1 
ATOM   119  C CB  . LEU A 1 20  ? -3.918  -5.195  6.524   1.00 20.74 ? 18  LEU A CB  1 
ATOM   120  C CG  . LEU A 1 20  ? -4.751  -5.588  5.276   1.00 20.94 ? 18  LEU A CG  1 
ATOM   121  C CD1 . LEU A 1 20  ? -5.816  -4.576  4.918   1.00 23.38 ? 18  LEU A CD1 1 
ATOM   122  C CD2 . LEU A 1 20  ? -3.873  -5.772  4.033   1.00 25.15 ? 18  LEU A CD2 1 
ATOM   123  N N   . GLU A 1 21  ? -1.936  -8.050  5.886   1.00 19.92 ? 19  GLU A N   1 
ATOM   124  C CA  . GLU A 1 21  ? -1.021  -8.639  4.898   1.00 22.88 ? 19  GLU A CA  1 
ATOM   125  C C   . GLU A 1 21  ? -1.716  -8.866  3.612   1.00 23.66 ? 19  GLU A C   1 
ATOM   126  O O   . GLU A 1 21  ? -2.788  -9.438  3.595   1.00 24.22 ? 19  GLU A O   1 
ATOM   127  C CB  . GLU A 1 21  ? -0.495  -10.003 5.365   1.00 25.21 ? 19  GLU A CB  1 
ATOM   128  C CG  . GLU A 1 21  ? 0.482   -10.592 4.337   1.00 32.05 ? 19  GLU A CG  1 
ATOM   129  C CD  . GLU A 1 21  ? 0.602   -12.100 4.405   1.00 37.41 ? 19  GLU A CD  1 
ATOM   130  O OE1 . GLU A 1 21  ? 0.626   -12.766 3.321   1.00 50.08 ? 19  GLU A OE1 1 
ATOM   131  O OE2 . GLU A 1 21  ? 0.677   -12.601 5.542   1.00 37.08 ? 19  GLU A OE2 1 
ATOM   132  N N   . LEU A 1 22  ? -1.117  -8.417  2.504   1.00 22.74 ? 20  LEU A N   1 
ATOM   133  C CA  . LEU A 1 22  ? -1.658  -8.638  1.163   1.00 25.24 ? 20  LEU A CA  1 
ATOM   134  C C   . LEU A 1 22  ? -0.666  -9.482  0.349   1.00 25.55 ? 20  LEU A C   1 
ATOM   135  O O   . LEU A 1 22  ? 0.521   -9.203  0.366   1.00 26.69 ? 20  LEU A O   1 
ATOM   136  C CB  . LEU A 1 22  ? -1.902  -7.317  0.431   1.00 26.11 ? 20  LEU A CB  1 
ATOM   137  C CG  . LEU A 1 22  ? -2.774  -7.373  -0.831  1.00 31.52 ? 20  LEU A CG  1 
ATOM   138  C CD1 . LEU A 1 22  ? -3.767  -6.236  -0.887  1.00 33.99 ? 20  LEU A CD1 1 
ATOM   139  C CD2 . LEU A 1 22  ? -1.941  -7.393  -2.128  1.00 33.38 ? 20  LEU A CD2 1 
ATOM   140  N N   . LYS A 1 23  ? -1.170  -10.510 -0.326  1.00 22.62 ? 21  LYS A N   1 
ATOM   141  C CA  . LYS A 1 23  ? -0.379  -11.279 -1.269  1.00 20.77 ? 21  LYS A CA  1 
ATOM   142  C C   . LYS A 1 23  ? -1.053  -11.161 -2.631  1.00 19.05 ? 21  LYS A C   1 
ATOM   143  O O   . LYS A 1 23  ? -2.256  -11.305 -2.746  1.00 16.43 ? 21  LYS A O   1 
ATOM   144  C CB  . LYS A 1 23  ? -0.276  -12.752 -0.810  1.00 24.62 ? 21  LYS A CB  1 
ATOM   145  C CG  . LYS A 1 23  ? 0.667   -13.602 -1.655  1.00 29.25 ? 21  LYS A CG  1 
ATOM   146  C CD  . LYS A 1 23  ? 0.811   -15.008 -1.068  1.00 35.55 ? 21  LYS A CD  1 
ATOM   147  C CE  . LYS A 1 23  ? 1.828   -15.043 0.045   1.00 41.46 ? 21  LYS A CE  1 
ATOM   148  N NZ  . LYS A 1 23  ? 2.020   -16.450 0.551   1.00 48.35 ? 21  LYS A NZ  1 
ATOM   149  N N   . GLY A 1 24  ? -0.283  -10.977 -3.704  1.00 17.72 ? 22  GLY A N   1 
ATOM   150  C CA  . GLY A 1 24  ? -0.870  -10.755 -5.002  1.00 18.18 ? 22  GLY A CA  1 
ATOM   151  C C   . GLY A 1 24  ? 0.151   -11.141 -6.066  1.00 18.85 ? 22  GLY A C   1 
ATOM   152  O O   . GLY A 1 24  ? 1.338   -11.306 -5.756  1.00 20.28 ? 22  GLY A O   1 
ATOM   153  N N   . PHE A 1 25  ? -0.299  -11.179 -7.325  1.00 18.25 ? 23  PHE A N   1 
ATOM   154  C CA  . PHE A 1 25  ? 0.560   -11.529 -8.449  1.00 19.68 ? 23  PHE A CA  1 
ATOM   155  C C   . PHE A 1 25  ? 0.743   -10.307 -9.342  1.00 16.62 ? 23  PHE A C   1 
ATOM   156  O O   . PHE A 1 25  ? -0.216  -9.706  -9.732  1.00 18.90 ? 23  PHE A O   1 
ATOM   157  C CB  . PHE A 1 25  ? -0.001  -12.708 -9.290  1.00 19.12 ? 23  PHE A CB  1 
ATOM   158  C CG  . PHE A 1 25  ? 0.964   -13.198 -10.368 1.00 20.10 ? 23  PHE A CG  1 
ATOM   159  C CD1 . PHE A 1 25  ? 1.852   -14.233 -10.109 1.00 22.83 ? 23  PHE A CD1 1 
ATOM   160  C CD2 . PHE A 1 25  ? 0.960   -12.610 -11.613 1.00 22.90 ? 23  PHE A CD2 1 
ATOM   161  C CE1 . PHE A 1 25  ? 2.732   -14.672 -11.093 1.00 23.86 ? 23  PHE A CE1 1 
ATOM   162  C CE2 . PHE A 1 25  ? 1.843   -13.047 -12.627 1.00 19.91 ? 23  PHE A CE2 1 
ATOM   163  C CZ  . PHE A 1 25  ? 2.728   -14.052 -12.348 1.00 24.23 ? 23  PHE A CZ  1 
ATOM   164  N N   . ILE A 1 26  ? 2.002   -9.960  -9.604  1.00 19.80 ? 24  ILE A N   1 
ATOM   165  C CA  . ILE A 1 26  ? 2.309   -8.831  -10.430 1.00 17.65 ? 24  ILE A CA  1 
ATOM   166  C C   . ILE A 1 26  ? 2.423   -9.346  -11.876 1.00 18.22 ? 24  ILE A C   1 
ATOM   167  O O   . ILE A 1 26  ? 3.304   -10.128 -12.110 1.00 17.81 ? 24  ILE A O   1 
ATOM   168  C CB  . ILE A 1 26  ? 3.626   -8.176  -10.044 1.00 18.01 ? 24  ILE A CB  1 
ATOM   169  C CG1 . ILE A 1 26  ? 3.651   -7.735  -8.586  1.00 18.48 ? 24  ILE A CG1 1 
ATOM   170  C CG2 . ILE A 1 26  ? 3.881   -6.996  -10.932 1.00 18.52 ? 24  ILE A CG2 1 
ATOM   171  C CD1 . ILE A 1 26  ? 5.045   -7.577  -8.015  1.00 18.80 ? 24  ILE A CD1 1 
ATOM   172  N N   . PRO A 1 27  ? 1.552   -8.890  -12.786 1.00 19.22 ? 25  PRO A N   1 
ATOM   173  C CA  . PRO A 1 27  ? 1.603   -9.207  -14.209 1.00 20.69 ? 25  PRO A CA  1 
ATOM   174  C C   . PRO A 1 27  ? 2.995   -8.970  -14.818 1.00 20.36 ? 25  PRO A C   1 
ATOM   175  O O   . PRO A 1 27  ? 3.766   -8.051  -14.446 1.00 17.48 ? 25  PRO A O   1 
ATOM   176  C CB  . PRO A 1 27  ? 0.574   -8.258  -14.839 1.00 21.14 ? 25  PRO A CB  1 
ATOM   177  C CG  . PRO A 1 27  ? -0.305  -7.792  -13.692 1.00 22.31 ? 25  PRO A CG  1 
ATOM   178  C CD  . PRO A 1 27  ? 0.549   -7.831  -12.500 1.00 20.40 ? 25  PRO A CD  1 
ATOM   179  N N   . LYS A 1 28  ? 3.310   -9.798  -15.809 1.00 20.51 ? 26  LYS A N   1 
ATOM   180  C CA  . LYS A 1 28  ? 4.671   -9.808  -16.354 1.00 22.30 ? 26  LYS A CA  1 
ATOM   181  C C   . LYS A 1 28  ? 5.022   -8.462  -17.045 1.00 21.28 ? 26  LYS A C   1 
ATOM   182  O O   . LYS A 1 28  ? 6.223   -8.076  -17.161 1.00 21.83 ? 26  LYS A O   1 
ATOM   183  C CB  . LYS A 1 28  ? 4.793   -11.006 -17.350 1.00 24.34 ? 26  LYS A CB  1 
ATOM   184  C CG  . LYS A 1 28  ? 6.100   -11.034 -18.145 1.00 28.67 ? 26  LYS A CG  1 
ATOM   185  C CD  . LYS A 1 28  ? 7.307   -11.017 -17.182 1.00 32.48 ? 26  LYS A CD  1 
ATOM   186  C CE  . LYS A 1 28  ? 8.511   -11.810 -17.685 1.00 33.38 ? 26  LYS A CE  1 
ATOM   187  N NZ  . LYS A 1 28  ? 9.363   -12.170 -16.500 1.00 34.23 ? 26  LYS A NZ  1 
ATOM   188  N N   . ASP A 1 29  ? 4.010   -7.766  -17.508 1.00 23.11 ? 27  ASP A N   1 
ATOM   189  C CA  . ASP A 1 29  ? 4.221   -6.492  -18.202 1.00 27.74 ? 27  ASP A CA  1 
ATOM   190  C C   . ASP A 1 29  ? 3.778   -5.266  -17.371 1.00 27.38 ? 27  ASP A C   1 
ATOM   191  O O   . ASP A 1 29  ? 3.512   -4.205  -17.938 1.00 23.95 ? 27  ASP A O   1 
ATOM   192  C CB  . ASP A 1 29  ? 3.406   -6.496  -19.475 1.00 31.80 ? 27  ASP A CB  1 
ATOM   193  C CG  . ASP A 1 29  ? 1.927   -6.608  -19.211 1.00 36.67 ? 27  ASP A CG  1 
ATOM   194  O OD1 . ASP A 1 29  ? 1.530   -6.895  -18.046 1.00 44.59 ? 27  ASP A OD1 1 
ATOM   195  O OD2 . ASP A 1 29  ? 1.166   -6.427  -20.182 1.00 42.80 ? 27  ASP A OD2 1 
ATOM   196  N N   . ALA A 1 30  ? 3.721   -5.423  -16.035 1.00 23.80 ? 28  ALA A N   1 
ATOM   197  C CA  . ALA A 1 30  ? 3.291   -4.345  -15.139 1.00 22.83 ? 28  ALA A CA  1 
ATOM   198  C C   . ALA A 1 30  ? 4.280   -3.182  -15.195 1.00 17.47 ? 28  ALA A C   1 
ATOM   199  O O   . ALA A 1 30  ? 5.468   -3.369  -15.043 1.00 22.20 ? 28  ALA A O   1 
ATOM   200  C CB  . ALA A 1 30  ? 3.205   -4.892  -13.714 1.00 20.63 ? 28  ALA A CB  1 
ATOM   201  N N   . LYS A 1 31  ? 3.760   -1.978  -15.399 1.00 20.40 ? 29  LYS A N   1 
ATOM   202  C CA  . LYS A 1 31  ? 4.583   -0.768  -15.303 1.00 20.90 ? 29  LYS A CA  1 
ATOM   203  C C   . LYS A 1 31  ? 4.589   -0.255  -13.886 1.00 16.58 ? 29  LYS A C   1 
ATOM   204  O O   . LYS A 1 31  ? 5.562   0.371   -13.500 1.00 17.13 ? 29  LYS A O   1 
ATOM   205  C CB  . LYS A 1 31  ? 4.079   0.300   -16.239 1.00 24.13 ? 29  LYS A CB  1 
ATOM   206  C CG  . LYS A 1 31  ? 4.373   -0.022  -17.700 1.00 29.52 ? 29  LYS A CG  1 
ATOM   207  C CD  . LYS A 1 31  ? 3.192   0.503   -18.479 1.00 32.29 ? 29  LYS A CD  1 
ATOM   208  C CE  . LYS A 1 31  ? 3.516   1.842   -19.089 1.00 34.03 ? 29  LYS A CE  1 
ATOM   209  N NZ  . LYS A 1 31  ? 4.136   1.615   -20.454 1.00 35.53 ? 29  LYS A NZ  1 
ATOM   210  N N   . SER A 1 32  ? 3.507   -0.528  -13.119 1.00 17.10 ? 30  SER A N   1 
ATOM   211  C CA  . SER A 1 32  ? 3.413   -0.174  -11.684 1.00 17.44 ? 30  SER A CA  1 
ATOM   212  C C   . SER A 1 32  ? 2.185   -0.918  -11.078 1.00 15.60 ? 30  SER A C   1 
ATOM   213  O O   . SER A 1 32  ? 1.365   -1.493  -11.827 1.00 16.58 ? 30  SER A O   1 
ATOM   214  C CB  . SER A 1 32  ? 3.216   1.350   -11.492 1.00 19.52 ? 30  SER A CB  1 
ATOM   215  O OG  . SER A 1 32  ? 2.022   1.738   -12.073 1.00 22.14 ? 30  SER A OG  1 
ATOM   216  N N   . PHE A 1 33  ? 2.073   -0.942  -9.802  1.00 14.86 ? 31  PHE A N   1 
ATOM   217  C CA  . PHE A 1 33  ? 0.817   -1.374  -9.158  1.00 14.72 ? 31  PHE A CA  1 
ATOM   218  C C   . PHE A 1 33  ? 0.637   -0.510  -7.871  1.00 13.60 ? 31  PHE A C   1 
ATOM   219  O O   . PHE A 1 33  ? 1.595   0.140   -7.414  1.00 13.82 ? 31  PHE A O   1 
ATOM   220  C CB  . PHE A 1 33  ? 0.835   -2.887  -8.844  1.00 15.71 ? 31  PHE A CB  1 
ATOM   221  C CG  . PHE A 1 33  ? 1.851   -3.323  -7.806  1.00 17.35 ? 31  PHE A CG  1 
ATOM   222  C CD1 . PHE A 1 33  ? 1.471   -3.491  -6.471  1.00 16.69 ? 31  PHE A CD1 1 
ATOM   223  C CD2 . PHE A 1 33  ? 3.159   -3.665  -8.157  1.00 17.18 ? 31  PHE A CD2 1 
ATOM   224  C CE1 . PHE A 1 33  ? 2.374   -3.893  -5.519  1.00 18.77 ? 31  PHE A CE1 1 
ATOM   225  C CE2 . PHE A 1 33  ? 4.073   -4.103  -7.209  1.00 16.95 ? 31  PHE A CE2 1 
ATOM   226  C CZ  . PHE A 1 33  ? 3.679   -4.217  -5.894  1.00 16.90 ? 31  PHE A CZ  1 
ATOM   227  N N   . ALA A 1 34  ? -0.592  -0.444  -7.326  1.00 12.53 ? 32  ALA A N   1 
ATOM   228  C CA  . ALA A 1 34  ? -0.797  0.423   -6.159  1.00 13.84 ? 32  ALA A CA  1 
ATOM   229  C C   . ALA A 1 34  ? -1.705  -0.331  -5.222  1.00 11.90 ? 32  ALA A C   1 
ATOM   230  O O   . ALA A 1 34  ? -2.638  -1.028  -5.680  1.00 11.05 ? 32  ALA A O   1 
ATOM   231  C CB  . ALA A 1 34  ? -1.410  1.773   -6.565  1.00 15.46 ? 32  ALA A CB  1 
ATOM   232  N N   . ILE A 1 35  ? -1.416  -0.195  -3.924  1.00 14.04 ? 33  ILE A N   1 
ATOM   233  C CA  . ILE A 1 35  ? -2.321  -0.640  -2.876  1.00 13.87 ? 33  ILE A CA  1 
ATOM   234  C C   . ILE A 1 35  ? -2.597  0.603   -1.987  1.00 12.62 ? 33  ILE A C   1 
ATOM   235  O O   . ILE A 1 35  ? -1.677  1.301   -1.539  1.00 13.74 ? 33  ILE A O   1 
ATOM   236  C CB  . ILE A 1 35  ? -1.643  -1.698  -2.012  1.00 14.32 ? 33  ILE A CB  1 
ATOM   237  C CG1 . ILE A 1 35  ? -1.262  -2.923  -2.847  1.00 15.37 ? 33  ILE A CG1 1 
ATOM   238  C CG2 . ILE A 1 35  ? -2.526  -2.036  -0.771  1.00 16.01 ? 33  ILE A CG2 1 
ATOM   239  C CD1 . ILE A 1 35  ? -0.125  -3.643  -2.239  1.00 17.69 ? 33  ILE A CD1 1 
ATOM   240  N N   . ASN A 1 36  ? -3.875  0.903   -1.860  1.00 11.78 ? 34  ASN A N   1 
ATOM   241  C CA  . ASN A 1 36  ? -4.367  1.991   -1.058  1.00 12.10 ? 34  ASN A CA  1 
ATOM   242  C C   . ASN A 1 36  ? -5.067  1.541   0.224   1.00 12.59 ? 34  ASN A C   1 
ATOM   243  O O   . ASN A 1 36  ? -5.889  0.666   0.147   1.00 11.98 ? 34  ASN A O   1 
ATOM   244  C CB  . ASN A 1 36  ? -5.362  2.699   -1.919  1.00 11.94 ? 34  ASN A CB  1 
ATOM   245  C CG  . ASN A 1 36  ? -4.750  3.243   -3.188  1.00 12.33 ? 34  ASN A CG  1 
ATOM   246  O OD1 . ASN A 1 36  ? -3.710  3.909   -3.149  1.00 11.96 ? 34  ASN A OD1 1 
ATOM   247  N ND2 . ASN A 1 36  ? -5.386  2.972   -4.293  1.00 14.78 ? 34  ASN A ND2 1 
ATOM   248  N N   . LEU A 1 37  ? -4.765  2.134   1.363   1.00 11.76 ? 35  LEU A N   1 
ATOM   249  C CA  . LEU A 1 37  ? -5.442  1.838   2.634   0.50 13.20 ? 35  LEU A CA  1 
ATOM   250  C C   . LEU A 1 37  ? -5.908  3.156   3.210   1.00 12.71 ? 35  LEU A C   1 
ATOM   251  O O   . LEU A 1 37  ? -5.132  4.145   3.212   1.00 12.82 ? 35  LEU A O   1 
ATOM   252  C CB  . LEU A 1 37  ? -4.451  1.231   3.629   1.00 16.36 ? 35  LEU A CB  1 
ATOM   253  C CG  . LEU A 1 37  ? -3.961  -0.192  3.455   1.00 19.44 ? 35  LEU A CG  1 
ATOM   254  C CD1 . LEU A 1 37  ? -3.252  -0.561  4.761   1.00 22.48 ? 35  LEU A CD1 1 
ATOM   255  C CD2 . LEU A 1 37  ? -5.129  -1.095  3.265   1.00 22.60 ? 35  LEU A CD2 1 
ATOM   256  N N   . GLY A 1 38  ? -7.118  3.220   3.737   1.00 12.67 ? 36  GLY A N   1 
ATOM   257  C CA  . GLY A 1 38  ? -7.577  4.449   4.344   1.00 12.89 ? 36  GLY A CA  1 
ATOM   258  C C   . GLY A 1 38  ? -8.990  4.271   4.809   1.00 14.03 ? 36  GLY A C   1 
ATOM   259  O O   . GLY A 1 38  ? -9.335  3.221   5.430   1.00 13.08 ? 36  GLY A O   1 
ATOM   260  N N   . LYS A 1 39  ? -9.789  5.294   4.535   1.00 14.96 ? 37  LYS A N   1 
ATOM   261  C CA  . LYS A 1 39  ? -11.146 5.439   5.127   1.00 16.95 ? 37  LYS A CA  1 
ATOM   262  C C   . LYS A 1 39  ? -12.269 5.332   4.119   1.00 17.29 ? 37  LYS A C   1 
ATOM   263  O O   . LYS A 1 39  ? -13.424 4.867   4.424   1.00 16.34 ? 37  LYS A O   1 
ATOM   264  C CB  . LYS A 1 39  ? -11.217 6.771   5.939   1.00 18.47 ? 37  LYS A CB  1 
ATOM   265  C CG  . LYS A 1 39  ? -10.130 6.953   7.004   1.00 23.74 ? 37  LYS A CG  1 
ATOM   266  C CD  . LYS A 1 39  ? -10.324 8.256   7.794   1.00 26.66 ? 37  LYS A CD  1 
ATOM   267  C CE  . LYS A 1 39  ? -10.129 9.541   7.010   1.00 29.69 ? 37  LYS A CE  1 
ATOM   268  N NZ  . LYS A 1 39  ? -10.202 10.643  8.006   1.00 30.71 ? 37  LYS A NZ  1 
ATOM   269  N N   . ASP A 1 40  ? -11.950 5.694   2.858   1.00 16.35 ? 38  ASP A N   1 
ATOM   270  C CA  . ASP A 1 40  ? -12.806 5.552   1.721   1.00 17.16 ? 38  ASP A CA  1 
ATOM   271  C C   . ASP A 1 40  ? -12.003 5.891   0.437   1.00 14.89 ? 38  ASP A C   1 
ATOM   272  O O   . ASP A 1 40  ? -10.829 6.209   0.524   1.00 13.84 ? 38  ASP A O   1 
ATOM   273  C CB  . ASP A 1 40  ? -14.058 6.491   1.843   1.00 19.62 ? 38  ASP A CB  1 
ATOM   274  C CG  . ASP A 1 40  ? -13.683 7.914   2.110   1.00 23.72 ? 38  ASP A CG  1 
ATOM   275  O OD1 . ASP A 1 40  ? -12.832 8.420   1.392   1.00 19.87 ? 38  ASP A OD1 1 
ATOM   276  O OD2 . ASP A 1 40  ? -14.170 8.522   3.107   1.00 25.98 ? 38  ASP A OD2 1 
ATOM   277  N N   . SER A 1 41  ? -12.669 5.853   -0.731  1.00 17.40 ? 39  SER A N   1 
ATOM   278  C CA  . SER A 1 41  ? -12.039 6.057   -2.021  1.00 17.38 ? 39  SER A CA  1 
ATOM   279  C C   . SER A 1 41  ? -11.450 7.463   -2.173  1.00 16.79 ? 39  SER A C   1 
ATOM   280  O O   . SER A 1 41  ? -10.617 7.663   -3.005  1.00 17.37 ? 39  SER A O   1 
ATOM   281  C CB  . SER A 1 41  ? -13.024 5.715   -3.175  1.00 20.51 ? 39  SER A CB  1 
ATOM   282  O OG  . SER A 1 41  ? -14.072 6.635   -3.271  1.00 23.08 ? 39  SER A OG  1 
ATOM   283  N N   . SER A 1 42  ? -11.814 8.401   -1.298  1.00 16.53 ? 40  SER A N   1 
ATOM   284  C CA  . SER A 1 42  ? -11.294 9.753   -1.349  1.00 17.40 ? 40  SER A CA  1 
ATOM   285  C C   . SER A 1 42  ? -10.224 10.059  -0.334  1.00 16.29 ? 40  SER A C   1 
ATOM   286  O O   . SER A 1 42  ? -9.602  11.112  -0.388  1.00 16.13 ? 40  SER A O   1 
ATOM   287  C CB  . SER A 1 42  ? -12.464 10.808  -1.203  1.00 18.63 ? 40  SER A CB  1 
ATOM   288  O OG  . SER A 1 42  ? -13.298 10.714  -2.365  1.00 19.75 ? 40  SER A OG  1 
ATOM   289  N N   . ASN A 1 43  ? -9.952  9.118   0.581   1.00 15.92 ? 41  ASN A N   1 
ATOM   290  C CA  . ASN A 1 43  ? -9.123  9.340   1.740   1.00 14.83 ? 41  ASN A CA  1 
ATOM   291  C C   . ASN A 1 43  ? -8.205  8.113   2.001   1.00 15.60 ? 41  ASN A C   1 
ATOM   292  O O   . ASN A 1 43  ? -8.588  7.086   2.543   1.00 13.30 ? 41  ASN A O   1 
ATOM   293  C CB  . ASN A 1 43  ? -10.000 9.616   2.951   1.00 14.70 ? 41  ASN A CB  1 
ATOM   294  C CG  . ASN A 1 43  ? -10.703 10.989  2.865   1.00 14.44 ? 41  ASN A CG  1 
ATOM   295  O OD1 . ASN A 1 43  ? -10.073 11.990  3.000   1.00 16.50 ? 41  ASN A OD1 1 
ATOM   296  N ND2 . ASN A 1 43  ? -11.942 10.996  2.489   1.00 19.40 ? 41  ASN A ND2 1 
ATOM   297  N N   . TYR A 1 44  ? -6.982  8.242   1.516   1.00 15.56 ? 42  TYR A N   1 
ATOM   298  C CA  . TYR A 1 44  ? -5.968  7.191   1.633   1.00 14.26 ? 42  TYR A CA  1 
ATOM   299  C C   . TYR A 1 44  ? -4.980  7.692   2.650   1.00 15.18 ? 42  TYR A C   1 
ATOM   300  O O   . TYR A 1 44  ? -4.256  8.675   2.454   1.00 14.02 ? 42  TYR A O   1 
ATOM   301  C CB  . TYR A 1 44  ? -5.254  6.882   0.315   1.00 15.26 ? 42  TYR A CB  1 
ATOM   302  C CG  . TYR A 1 44  ? -6.075  6.584   -0.900  1.00 13.07 ? 42  TYR A CG  1 
ATOM   303  C CD1 . TYR A 1 44  ? -7.363  6.001   -0.881  1.00 14.18 ? 42  TYR A CD1 1 
ATOM   304  C CD2 . TYR A 1 44  ? -5.522  6.802   -2.163  1.00 13.69 ? 42  TYR A CD2 1 
ATOM   305  C CE1 . TYR A 1 44  ? -8.067  5.702   -2.059  1.00 17.21 ? 42  TYR A CE1 1 
ATOM   306  C CE2 . TYR A 1 44  ? -6.217  6.497   -3.351  1.00 18.33 ? 42  TYR A CE2 1 
ATOM   307  C CZ  . TYR A 1 44  ? -7.459  5.946   -3.299  1.00 16.09 ? 42  TYR A CZ  1 
ATOM   308  O OH  . TYR A 1 44  ? -8.054  5.704   -4.510  1.00 20.32 ? 42  TYR A OH  1 
ATOM   309  N N   . VAL A 1 45  ? -4.907  6.962   3.767   1.00 15.77 ? 43  VAL A N   1 
ATOM   310  C CA  . VAL A 1 45  ? -3.810  7.098   4.687   1.00 15.51 ? 43  VAL A CA  1 
ATOM   311  C C   . VAL A 1 45  ? -2.469  6.723   4.032   1.00 15.67 ? 43  VAL A C   1 
ATOM   312  O O   . VAL A 1 45  ? -1.480  7.368   4.264   1.00 18.29 ? 43  VAL A O   1 
ATOM   313  C CB  . VAL A 1 45  ? -4.052  6.257   5.992   1.00 19.73 ? 43  VAL A CB  1 
ATOM   314  C CG1 . VAL A 1 45  ? -2.957  6.563   6.963   1.00 20.71 ? 43  VAL A CG1 1 
ATOM   315  C CG2 . VAL A 1 45  ? -5.392  6.639   6.662   1.00 22.29 ? 43  VAL A CG2 1 
ATOM   316  N N   . ILE A 1 46  ? -2.459  5.670   3.231   1.00 13.07 ? 44  ILE A N   1 
ATOM   317  C CA  . ILE A 1 46  ? -1.303  5.337   2.317   1.00 13.49 ? 44  ILE A CA  1 
ATOM   318  C C   . ILE A 1 46  ? -1.775  4.910   0.914   1.00 13.55 ? 44  ILE A C   1 
ATOM   319  O O   . ILE A 1 46  ? -2.686  4.133   0.716   1.00 13.26 ? 44  ILE A O   1 
ATOM   320  C CB  . ILE A 1 46  ? -0.286  4.326   2.934   1.00 13.31 ? 44  ILE A CB  1 
ATOM   321  C CG1 . ILE A 1 46  ? 0.997   4.241   2.071   1.00 15.89 ? 44  ILE A CG1 1 
ATOM   322  C CG2 . ILE A 1 46  ? -0.932  2.981   3.081   1.00 12.84 ? 44  ILE A CG2 1 
ATOM   323  C CD1 . ILE A 1 46  ? 2.105   3.447   2.781   1.00 16.92 ? 44  ILE A CD1 1 
ATOM   324  N N   . HIS A 1 47  ? -1.064  5.458   -0.088  1.00 12.96 ? 45  HIS A N   1 
ATOM   325  C CA  . HIS A 1 47  ? -1.053  5.040   -1.450  1.00 12.42 ? 45  HIS A CA  1 
ATOM   326  C C   . HIS A 1 47  ? 0.357   4.535   -1.619  1.00 13.52 ? 45  HIS A C   1 
ATOM   327  O O   . HIS A 1 47  ? 1.317   5.326   -1.510  1.00 14.88 ? 45  HIS A O   1 
ATOM   328  C CB  . HIS A 1 47  ? -1.352  6.218   -2.388  1.00 12.20 ? 45  HIS A CB  1 
ATOM   329  C CG  . HIS A 1 47  ? -1.068  5.959   -3.848  1.00 12.86 ? 45  HIS A CG  1 
ATOM   330  N ND1 . HIS A 1 47  ? -1.888  5.204   -4.652  1.00 15.36 ? 45  HIS A ND1 1 
ATOM   331  C CD2 . HIS A 1 47  ? -0.094  6.440   -4.640  1.00 13.31 ? 45  HIS A CD2 1 
ATOM   332  C CE1 . HIS A 1 47  ? -1.427  5.248   -5.901  1.00 14.36 ? 45  HIS A CE1 1 
ATOM   333  N NE2 . HIS A 1 47  ? -0.374  6.036   -5.911  1.00 14.51 ? 45  HIS A NE2 1 
ATOM   334  N N   . PHE A 1 48  ? 0.479   3.230   -1.799  1.00 14.16 ? 46  PHE A N   1 
ATOM   335  C CA  . PHE A 1 48  ? 1.717   2.482   -1.870  1.00 12.70 ? 46  PHE A CA  1 
ATOM   336  C C   . PHE A 1 48  ? 1.898   2.033   -3.312  1.00 11.90 ? 46  PHE A C   1 
ATOM   337  O O   . PHE A 1 48  ? 1.112   1.237   -3.824  1.00 15.59 ? 46  PHE A O   1 
ATOM   338  C CB  . PHE A 1 48  ? 1.600   1.259   -0.962  1.00 13.89 ? 46  PHE A CB  1 
ATOM   339  C CG  . PHE A 1 48  ? 2.768   0.341   -1.019  1.00 14.62 ? 46  PHE A CG  1 
ATOM   340  C CD1 . PHE A 1 48  ? 3.905   0.613   -0.265  1.00 15.07 ? 46  PHE A CD1 1 
ATOM   341  C CD2 . PHE A 1 48  ? 2.742   -0.804  -1.808  1.00 14.21 ? 46  PHE A CD2 1 
ATOM   342  C CE1 . PHE A 1 48  ? 4.993   -0.241  -0.290  1.00 15.96 ? 46  PHE A CE1 1 
ATOM   343  C CE2 . PHE A 1 48  ? 3.846   -1.672  -1.872  1.00 14.93 ? 46  PHE A CE2 1 
ATOM   344  C CZ  . PHE A 1 48  ? 4.978   -1.351  -1.121  1.00 14.72 ? 46  PHE A CZ  1 
ATOM   345  N N   . ASN A 1 49  ? 2.811   2.672   -4.038  1.00 13.02 ? 47  ASN A N   1 
ATOM   346  C CA  . ASN A 1 49  ? 2.908   2.543   -5.477  1.00 13.14 ? 47  ASN A CA  1 
ATOM   347  C C   . ASN A 1 49  ? 4.346   2.178   -6.056  1.00 13.36 ? 47  ASN A C   1 
ATOM   348  O O   . ASN A 1 49  ? 5.089   3.067   -6.447  1.00 13.01 ? 47  ASN A O   1 
ATOM   349  C CB  . ASN A 1 49  ? 2.449   3.885   -6.076  1.00 13.72 ? 47  ASN A CB  1 
ATOM   350  C CG  . ASN A 1 49  ? 2.321   3.894   -7.601  1.00 16.52 ? 47  ASN A CG  1 
ATOM   351  O OD1 . ASN A 1 49  ? 2.473   4.953   -8.192  1.00 16.20 ? 47  ASN A OD1 1 
ATOM   352  N ND2 . ASN A 1 49  ? 2.012   2.775   -8.220  1.00 16.33 ? 47  ASN A ND2 1 
ATOM   353  N N   . PRO A 1 50  ? 4.673   0.852   -6.075  1.00 12.57 ? 48  PRO A N   1 
ATOM   354  C CA  . PRO A 1 50  ? 5.894   0.378   -6.657  1.00 12.72 ? 48  PRO A CA  1 
ATOM   355  C C   . PRO A 1 50  ? 5.775   0.630   -8.158  1.00 12.20 ? 48  PRO A C   1 
ATOM   356  O O   . PRO A 1 50  ? 4.782   0.346   -8.746  1.00 14.74 ? 48  PRO A O   1 
ATOM   357  C CB  . PRO A 1 50  ? 5.895   -1.127  -6.313  1.00 11.32 ? 48  PRO A CB  1 
ATOM   358  C CG  . PRO A 1 50  ? 5.146   -1.177  -5.030  1.00 12.39 ? 48  PRO A CG  1 
ATOM   359  C CD  . PRO A 1 50  ? 3.991   -0.251  -5.380  1.00 13.04 ? 48  PRO A CD  1 
ATOM   360  N N   . ARG A 1 51  ? 6.805   1.239   -8.711  1.00 13.57 ? 49  ARG A N   1 
ATOM   361  C CA  . ARG A 1 51  ? 6.863   1.640   -10.043 1.00 12.94 ? 49  ARG A CA  1 
ATOM   362  C C   . ARG A 1 51  ? 8.086   0.979   -10.705 1.00 14.66 ? 49  ARG A C   1 
ATOM   363  O O   . ARG A 1 51  ? 9.258   1.282   -10.319 1.00 16.05 ? 49  ARG A O   1 
ATOM   364  C CB  . ARG A 1 51  ? 7.055   3.151   -10.153 1.00 13.47 ? 49  ARG A CB  1 
ATOM   365  C CG  . ARG A 1 51  ? 5.869   3.915   -9.596  1.00 15.92 ? 49  ARG A CG  1 
ATOM   366  C CD  . ARG A 1 51  ? 5.968   5.424   -9.806  1.00 17.20 ? 49  ARG A CD  1 
ATOM   367  N NE  . ARG A 1 51  ? 4.764   6.110   -9.300  1.00 18.32 ? 49  ARG A NE  1 
ATOM   368  C CZ  . ARG A 1 51  ? 4.663   7.445   -9.193  1.00 18.03 ? 49  ARG A CZ  1 
ATOM   369  N NH1 . ARG A 1 51  ? 5.645   8.213   -9.609  1.00 20.23 ? 49  ARG A NH1 1 
ATOM   370  N NH2 . ARG A 1 51  ? 3.545   8.010   -8.743  1.00 16.45 ? 49  ARG A NH2 1 
ATOM   371  N N   . PHE A 1 52  ? 7.793   0.144   -11.694 1.00 16.59 ? 50  PHE A N   1 
ATOM   372  C CA  . PHE A 1 52  ? 8.814   -0.492  -12.551 1.00 18.76 ? 50  PHE A CA  1 
ATOM   373  C C   . PHE A 1 52  ? 9.287   0.498   -13.595 1.00 20.34 ? 50  PHE A C   1 
ATOM   374  O O   . PHE A 1 52  ? 10.490  0.703   -13.752 1.00 22.68 ? 50  PHE A O   1 
ATOM   375  C CB  . PHE A 1 52  ? 8.233   -1.721  -13.255 1.00 16.11 ? 50  PHE A CB  1 
ATOM   376  C CG  . PHE A 1 52  ? 7.878   -2.839  -12.333 1.00 16.88 ? 50  PHE A CG  1 
ATOM   377  C CD1 . PHE A 1 52  ? 8.856   -3.669  -11.838 1.00 18.13 ? 50  PHE A CD1 1 
ATOM   378  C CD2 . PHE A 1 52  ? 6.561   -3.058  -11.975 1.00 16.99 ? 50  PHE A CD2 1 
ATOM   379  C CE1 . PHE A 1 52  ? 8.565   -4.674  -10.915 1.00 19.66 ? 50  PHE A CE1 1 
ATOM   380  C CE2 . PHE A 1 52  ? 6.247   -4.077  -11.073 1.00 17.79 ? 50  PHE A CE2 1 
ATOM   381  C CZ  . PHE A 1 52  ? 7.238   -4.874  -10.543 1.00 17.36 ? 50  PHE A CZ  1 
ATOM   382  N N   . ASP A 1 53  ? 8.341   1.041   -14.350 1.00 20.14 ? 51  ASP A N   1 
ATOM   383  C CA  . ASP A 1 53  ? 8.559   2.246   -15.160 1.00 24.55 ? 51  ASP A CA  1 
ATOM   384  C C   . ASP A 1 53  ? 7.328   3.079   -15.303 1.00 21.33 ? 51  ASP A C   1 
ATOM   385  O O   . ASP A 1 53  ? 6.491   2.834   -16.194 1.00 19.55 ? 51  ASP A O   1 
ATOM   386  C CB  . ASP A 1 53  ? 9.036   1.888   -16.568 1.00 27.44 ? 51  ASP A CB  1 
ATOM   387  C CG  . ASP A 1 53  ? 9.213   3.126   -17.450 1.00 37.16 ? 51  ASP A CG  1 
ATOM   388  O OD1 . ASP A 1 53  ? 9.528   4.221   -16.915 1.00 38.06 ? 51  ASP A OD1 1 
ATOM   389  O OD2 . ASP A 1 53  ? 9.025   2.984   -18.694 1.00 51.02 ? 51  ASP A OD2 1 
ATOM   390  N N   . HIS A 1 54  ? 7.230   4.103   -14.448 1.00 19.94 ? 52  HIS A N   1 
ATOM   391  C CA  . HIS A 1 54  ? 6.000   4.875   -14.429 1.00 21.36 ? 52  HIS A CA  1 
ATOM   392  C C   . HIS A 1 54  ? 6.285   6.238   -13.921 1.00 17.86 ? 52  HIS A C   1 
ATOM   393  O O   . HIS A 1 54  ? 7.041   6.426   -13.004 1.00 17.63 ? 52  HIS A O   1 
ATOM   394  C CB  . HIS A 1 54  ? 4.941   4.112   -13.584 1.00 21.88 ? 52  HIS A CB  1 
ATOM   395  C CG  . HIS A 1 54  ? 3.647   4.833   -13.475 1.00 26.74 ? 52  HIS A CG  1 
ATOM   396  N ND1 . HIS A 1 54  ? 2.872   5.153   -14.569 1.00 27.26 ? 52  HIS A ND1 1 
ATOM   397  C CD2 . HIS A 1 54  ? 2.973   5.281   -12.388 1.00 27.16 ? 52  HIS A CD2 1 
ATOM   398  C CE1 . HIS A 1 54  ? 1.801   5.819   -14.162 1.00 27.67 ? 52  HIS A CE1 1 
ATOM   399  N NE2 . HIS A 1 54  ? 1.820   5.873   -12.844 1.00 29.03 ? 52  HIS A NE2 1 
ATOM   400  N N   . GLU A 1 55  ? 5.721   7.233   -14.581 1.00 23.60 ? 53  GLU A N   1 
ATOM   401  C CA  . GLU A 1 55  ? 5.951   8.649   -14.223 1.00 22.48 ? 53  GLU A CA  1 
ATOM   402  C C   . GLU A 1 55  ? 7.426   8.994   -14.118 1.00 22.84 ? 53  GLU A C   1 
ATOM   403  O O   . GLU A 1 55  ? 7.773   9.786   -13.291 1.00 25.17 ? 53  GLU A O   1 
ATOM   404  C CB  . GLU A 1 55  ? 5.225   9.025   -12.902 1.00 22.34 ? 53  GLU A CB  1 
ATOM   405  C CG  . GLU A 1 55  ? 3.736   8.756   -12.897 1.00 25.05 ? 53  GLU A CG  1 
ATOM   406  C CD  . GLU A 1 55  ? 2.905   9.822   -13.612 1.00 28.75 ? 53  GLU A CD  1 
ATOM   407  O OE1 . GLU A 1 55  ? 1.653   9.744   -13.558 1.00 32.28 ? 53  GLU A OE1 1 
ATOM   408  O OE2 . GLU A 1 55  ? 3.490   10.765  -14.164 1.00 28.87 ? 53  GLU A OE2 1 
ATOM   409  N N   . GLY A 1 56  ? 8.288   8.409   -14.970 1.00 25.73 ? 54  GLY A N   1 
ATOM   410  C CA  . GLY A 1 56  ? 9.758   8.613   -14.930 1.00 24.96 ? 54  GLY A CA  1 
ATOM   411  C C   . GLY A 1 56  ? 10.562  7.921   -13.820 1.00 25.17 ? 54  GLY A C   1 
ATOM   412  O O   . GLY A 1 56  ? 11.819  8.093   -13.703 1.00 22.71 ? 54  GLY A O   1 
ATOM   413  N N   . ASP A 1 57  ? 9.867   7.089   -13.025 1.00 22.67 ? 55  ASP A N   1 
ATOM   414  C CA  . ASP A 1 57  ? 10.470  6.378   -11.900 1.00 21.67 ? 55  ASP A CA  1 
ATOM   415  C C   . ASP A 1 57  ? 10.696  4.921   -12.332 1.00 21.84 ? 55  ASP A C   1 
ATOM   416  O O   . ASP A 1 57  ? 9.782   4.340   -12.967 1.00 24.27 ? 55  ASP A O   1 
ATOM   417  C CB  . ASP A 1 57  ? 9.574   6.422   -10.661 1.00 21.58 ? 55  ASP A CB  1 
ATOM   418  C CG  . ASP A 1 57  ? 9.415   7.802   -10.136 1.00 22.86 ? 55  ASP A CG  1 
ATOM   419  O OD1 . ASP A 1 57  ? 10.411  8.540   -10.057 1.00 20.21 ? 55  ASP A OD1 1 
ATOM   420  O OD2 . ASP A 1 57  ? 8.259   8.163   -9.872  1.00 20.45 ? 55  ASP A OD2 1 
ATOM   421  N N   . THR A 1 58  ? 11.925  4.411   -12.118 1.00 21.31 ? 56  THR A N   1 
ATOM   422  C CA  . THR A 1 58  ? 12.347  3.042   -12.403 0.50 21.39 ? 56  THR A CA  1 
ATOM   423  C C   . THR A 1 58  ? 12.763  2.348   -11.117 1.00 23.03 ? 56  THR A C   1 
ATOM   424  O O   . THR A 1 58  ? 13.710  2.774   -10.423 1.00 21.02 ? 56  THR A O   1 
ATOM   425  C CB  . THR A 1 58  ? 13.547  3.003   -13.396 1.00 26.86 ? 56  THR A CB  1 
ATOM   426  O OG1 . THR A 1 58  ? 13.087  3.491   -14.668 1.00 27.23 ? 56  THR A OG1 1 
ATOM   427  C CG2 . THR A 1 58  ? 14.072  1.504   -13.552 1.00 29.94 ? 56  THR A CG2 1 
ATOM   428  N N   . ASN A 1 59  ? 12.046  1.268   -10.759 1.00 21.13 ? 57  ASN A N   1 
ATOM   429  C CA  . ASN A 1 59  ? 12.304  0.548   -9.529  1.00 22.10 ? 57  ASN A CA  1 
ATOM   430  C C   . ASN A 1 59  ? 12.367  1.392   -8.278  1.00 21.03 ? 57  ASN A C   1 
ATOM   431  O O   . ASN A 1 59  ? 13.323  1.285   -7.485  1.00 18.55 ? 57  ASN A O   1 
ATOM   432  C CB  . ASN A 1 59  ? 13.550  -0.374  -9.681  1.00 24.62 ? 57  ASN A CB  1 
ATOM   433  C CG  . ASN A 1 59  ? 13.397  -1.388  -10.843 1.00 24.96 ? 57  ASN A CG  1 
ATOM   434  O OD1 . ASN A 1 59  ? 12.331  -1.548  -11.435 1.00 27.87 ? 57  ASN A OD1 1 
ATOM   435  N ND2 . ASN A 1 59  ? 14.478  -2.065  -11.159 1.00 25.41 ? 57  ASN A ND2 1 
ATOM   436  N N   . LYS A 1 60  ? 11.314  2.236   -8.101  1.00 17.51 ? 58  LYS A N   1 
ATOM   437  C CA  . LYS A 1 60  ? 11.187  2.999   -6.865  1.00 19.08 ? 58  LYS A CA  1 
ATOM   438  C C   . LYS A 1 60  ? 9.814   2.680   -6.322  1.00 14.47 ? 58  LYS A C   1 
ATOM   439  O O   . LYS A 1 60  ? 8.907   2.450   -7.075  1.00 18.54 ? 58  LYS A O   1 
ATOM   440  C CB  . LYS A 1 60  ? 11.231  4.509   -7.115  1.00 19.64 ? 58  LYS A CB  1 
ATOM   441  C CG  . LYS A 1 60  ? 12.466  5.001   -7.899  1.00 22.24 ? 58  LYS A CG  1 
ATOM   442  C CD  . LYS A 1 60  ? 13.668  4.967   -7.010  1.00 20.67 ? 58  LYS A CD  1 
ATOM   443  C CE  . LYS A 1 60  ? 14.919  5.462   -7.756  1.00 22.45 ? 58  LYS A CE  1 
ATOM   444  N NZ  . LYS A 1 60  ? 15.510  4.300   -8.476  1.00 22.26 ? 58  LYS A NZ  1 
ATOM   445  N N   . ILE A 1 61  ? 9.651   2.798   -5.022  1.00 16.47 ? 59  ILE A N   1 
ATOM   446  C CA  . ILE A 1 61  ? 8.354   2.817   -4.437  1.00 15.84 ? 59  ILE A CA  1 
ATOM   447  C C   . ILE A 1 61  ? 7.980   4.300   -4.138  1.00 15.39 ? 59  ILE A C   1 
ATOM   448  O O   . ILE A 1 61  ? 8.686   4.983   -3.346  1.00 16.47 ? 59  ILE A O   1 
ATOM   449  C CB  . ILE A 1 61  ? 8.284   2.049   -3.130  1.00 14.69 ? 59  ILE A CB  1 
ATOM   450  C CG1 . ILE A 1 61  ? 8.717   0.584   -3.328  1.00 15.94 ? 59  ILE A CG1 1 
ATOM   451  C CG2 . ILE A 1 61  ? 6.861   2.114   -2.604  1.00 18.92 ? 59  ILE A CG2 1 
ATOM   452  C CD1 . ILE A 1 61  ? 8.741   -0.187  -2.044  1.00 15.84 ? 59  ILE A CD1 1 
ATOM   453  N N   . ILE A 1 62  ? 6.864   4.745   -4.709  1.00 14.74 ? 60  ILE A N   1 
ATOM   454  C CA  . ILE A 1 62  ? 6.394   6.109   -4.373  1.00 15.64 ? 60  ILE A CA  1 
ATOM   455  C C   . ILE A 1 62  ? 5.261   5.885   -3.394  1.00 14.22 ? 60  ILE A C   1 
ATOM   456  O O   . ILE A 1 62  ? 4.405   5.043   -3.653  1.00 13.97 ? 60  ILE A O   1 
ATOM   457  C CB  . ILE A 1 62  ? 5.858   6.779   -5.612  1.00 16.26 ? 60  ILE A CB  1 
ATOM   458  C CG1 . ILE A 1 62  ? 7.005   7.303   -6.467  1.00 20.16 ? 60  ILE A CG1 1 
ATOM   459  C CG2 . ILE A 1 62  ? 4.957   7.972   -5.252  1.00 17.53 ? 60  ILE A CG2 1 
ATOM   460  C CD1 . ILE A 1 62  ? 8.214   6.411   -6.656  1.00 22.44 ? 60  ILE A CD1 1 
ATOM   461  N N   . CYS A 1 63  ? 5.285   6.525   -2.220  1.00 15.06 ? 61  CYS A N   1 
ATOM   462  C CA  . CYS A 1 63  ? 4.116   6.525   -1.328  1.00 15.45 ? 61  CYS A CA  1 
ATOM   463  C C   . CYS A 1 63  ? 3.574   7.945   -1.199  1.00 14.29 ? 61  CYS A C   1 
ATOM   464  O O   . CYS A 1 63  ? 4.306   8.951   -1.280  1.00 15.10 ? 61  CYS A O   1 
ATOM   465  C CB  . CYS A 1 63  ? 4.507   6.043   0.047   1.00 14.28 ? 61  CYS A CB  1 
ATOM   466  S SG  . CYS A 1 63  ? 4.975   4.265   0.031   1.00 19.42 ? 61  CYS A SG  1 
ATOM   467  N N   . ASN A 1 64  ? 2.276   8.042   -0.997  1.00 13.25 ? 62  ASN A N   1 
ATOM   468  C CA  . ASN A 1 64  ? 1.670   9.312   -0.713  1.00 13.39 ? 62  ASN A CA  1 
ATOM   469  C C   . ASN A 1 64  ? 0.380   9.114   0.056   1.00 13.24 ? 62  ASN A C   1 
ATOM   470  O O   . ASN A 1 64  ? -0.077  8.011   0.231   1.00 18.32 ? 62  ASN A O   1 
ATOM   471  C CB  . ASN A 1 64  ? 1.349   10.024  -2.040  1.00 13.14 ? 62  ASN A CB  1 
ATOM   472  C CG  . ASN A 1 64  ? 1.342   11.559  -1.893  1.00 13.53 ? 62  ASN A CG  1 
ATOM   473  O OD1 . ASN A 1 64  ? 1.210   12.088  -0.842  1.00 11.90 ? 62  ASN A OD1 1 
ATOM   474  N ND2 . ASN A 1 64  ? 1.367   12.253  -2.981  1.00 13.38 ? 62  ASN A ND2 1 
ATOM   475  N N   . SER A 1 65  ? -0.161  10.181  0.569   1.00 14.00 ? 63  SER A N   1 
ATOM   476  C CA  . SER A 1 65  ? -1.477  10.211  1.179   1.00 13.71 ? 63  SER A CA  1 
ATOM   477  C C   . SER A 1 65  ? -2.451  10.868  0.250   1.00 14.86 ? 63  SER A C   1 
ATOM   478  O O   . SER A 1 65  ? -2.045  11.661  -0.629  1.00 13.68 ? 63  SER A O   1 
ATOM   479  C CB  . SER A 1 65  ? -1.425  11.008  2.506   1.00 14.01 ? 63  SER A CB  1 
ATOM   480  O OG  . SER A 1 65  ? -0.967  12.356  2.354   1.00 14.63 ? 63  SER A OG  1 
ATOM   481  N N   . LYS A 1 66  ? -3.743  10.719  0.504   1.00 13.14 ? 64  LYS A N   1 
ATOM   482  C CA  . LYS A 1 66  ? -4.722  11.449  -0.270  1.00 14.75 ? 64  LYS A CA  1 
ATOM   483  C C   . LYS A 1 66  ? -5.814  11.814  0.711   1.00 16.32 ? 64  LYS A C   1 
ATOM   484  O O   . LYS A 1 66  ? -6.421  10.919  1.286   1.00 17.31 ? 64  LYS A O   1 
ATOM   485  C CB  . LYS A 1 66  ? -5.281  10.642  -1.439  1.00 14.62 ? 64  LYS A CB  1 
ATOM   486  C CG  . LYS A 1 66  ? -6.155  11.504  -2.405  1.00 16.75 ? 64  LYS A CG  1 
ATOM   487  C CD  . LYS A 1 66  ? -6.722  10.733  -3.551  1.00 16.91 ? 64  LYS A CD  1 
ATOM   488  C CE  . LYS A 1 66  ? -7.684  9.681   -3.128  1.00 16.06 ? 64  LYS A CE  1 
ATOM   489  N NZ  . LYS A 1 66  ? -8.587  9.244   -4.219  1.00 16.25 ? 64  LYS A NZ  1 
ATOM   490  N N   . GLU A 1 67  ? -6.092  13.085  0.834   1.00 15.81 ? 65  GLU A N   1 
ATOM   491  C CA  . GLU A 1 67  ? -7.109  13.582  1.784   1.00 17.35 ? 65  GLU A CA  1 
ATOM   492  C C   . GLU A 1 67  ? -8.128  14.370  0.986   1.00 16.33 ? 65  GLU A C   1 
ATOM   493  O O   . GLU A 1 67  ? -7.788  15.353  0.330   1.00 13.11 ? 65  GLU A O   1 
ATOM   494  C CB  . GLU A 1 67  ? -6.429  14.475  2.788   1.00 20.80 ? 65  GLU A CB  1 
ATOM   495  C CG  . GLU A 1 67  ? -7.284  14.842  3.986   1.00 27.62 ? 65  GLU A CG  1 
ATOM   496  C CD  . GLU A 1 67  ? -6.395  15.284  5.164   1.00 33.61 ? 65  GLU A CD  1 
ATOM   497  O OE1 . GLU A 1 67  ? -6.816  16.131  5.930   1.00 36.19 ? 65  GLU A OE1 1 
ATOM   498  O OE2 . GLU A 1 67  ? -5.249  14.765  5.312   1.00 49.94 ? 65  GLU A OE2 1 
ATOM   499  N N   . GLU A 1 68  ? -9.355  13.922  1.036   1.00 15.56 ? 66  GLU A N   1 
ATOM   500  C CA  . GLU A 1 68  ? -10.492 14.500  0.324   1.00 18.63 ? 66  GLU A CA  1 
ATOM   501  C C   . GLU A 1 68  ? -10.081 14.706  -1.127  1.00 17.45 ? 66  GLU A C   1 
ATOM   502  O O   . GLU A 1 68  ? -10.291 15.794  -1.747  1.00 14.03 ? 66  GLU A O   1 
ATOM   503  C CB  . GLU A 1 68  ? -11.021 15.780  1.039   1.00 24.52 ? 66  GLU A CB  1 
ATOM   504  C CG  . GLU A 1 68  ? -11.845 15.418  2.278   1.00 27.37 ? 66  GLU A CG  1 
ATOM   505  C CD  . GLU A 1 68  ? -13.173 14.704  1.967   1.00 34.17 ? 66  GLU A CD  1 
ATOM   506  O OE1 . GLU A 1 68  ? -14.207 15.443  1.889   1.00 40.28 ? 66  GLU A OE1 1 
ATOM   507  O OE2 . GLU A 1 68  ? -13.235 13.441  1.814   1.00 32.40 ? 66  GLU A OE2 1 
ATOM   508  N N   . ASN A 1 69  ? -9.524  13.622  -1.630  1.00 15.62 ? 67  ASN A N   1 
ATOM   509  C CA  . ASN A 1 69  ? -9.062  13.577  -3.066  1.00 16.18 ? 67  ASN A CA  1 
ATOM   510  C C   . ASN A 1 69  ? -7.860  14.392  -3.476  1.00 15.35 ? 67  ASN A C   1 
ATOM   511  O O   . ASN A 1 69  ? -7.495  14.425  -4.670  1.00 17.92 ? 67  ASN A O   1 
ATOM   512  C CB  . ASN A 1 69  ? -10.181 13.827  -4.032  1.00 19.04 ? 67  ASN A CB  1 
ATOM   513  C CG  . ASN A 1 69  ? -10.978 12.599  -4.277  1.00 24.03 ? 67  ASN A CG  1 
ATOM   514  O OD1 . ASN A 1 69  ? -10.424 11.481  -4.306  1.00 24.64 ? 67  ASN A OD1 1 
ATOM   515  N ND2 . ASN A 1 69  ? -12.258 12.757  -4.383  1.00 26.61 ? 67  ASN A ND2 1 
ATOM   516  N N   . SER A 1 70  ? -7.207  15.055  -2.542  1.00 14.46 ? 68  SER A N   1 
ATOM   517  C CA  . SER A 1 70  ? -5.970  15.782  -2.782  1.00 17.02 ? 68  SER A CA  1 
ATOM   518  C C   . SER A 1 70  ? -4.749  14.981  -2.394  1.00 15.88 ? 68  SER A C   1 
ATOM   519  O O   . SER A 1 70  ? -4.580  14.694  -1.209  1.00 15.07 ? 68  SER A O   1 
ATOM   520  C CB  . SER A 1 70  ? -5.930  17.063  -1.903  1.00 20.20 ? 68  SER A CB  1 
ATOM   521  O OG  . SER A 1 70  ? -6.803  18.047  -2.430  1.00 24.24 ? 68  SER A OG  1 
ATOM   522  N N   . TRP A 1 71  ? -3.838  14.717  -3.343  1.00 15.89 ? 69  TRP A N   1 
ATOM   523  C CA  . TRP A 1 71  ? -2.537  14.136  -2.991  1.00 16.54 ? 69  TRP A CA  1 
ATOM   524  C C   . TRP A 1 71  ? -1.742  14.993  -1.966  1.00 16.19 ? 69  TRP A C   1 
ATOM   525  O O   . TRP A 1 71  ? -1.651  16.226  -2.074  1.00 16.32 ? 69  TRP A O   1 
ATOM   526  C CB  . TRP A 1 71  ? -1.660  13.853  -4.228  1.00 17.85 ? 69  TRP A CB  1 
ATOM   527  C CG  . TRP A 1 71  ? -2.210  12.850  -5.163  1.00 16.15 ? 69  TRP A CG  1 
ATOM   528  C CD1 . TRP A 1 71  ? -2.649  13.059  -6.487  1.00 16.43 ? 69  TRP A CD1 1 
ATOM   529  C CD2 . TRP A 1 71  ? -2.479  11.486  -4.881  1.00 14.64 ? 69  TRP A CD2 1 
ATOM   530  N NE1 . TRP A 1 71  ? -3.121  11.895  -6.989  1.00 20.98 ? 69  TRP A NE1 1 
ATOM   531  C CE2 . TRP A 1 71  ? -2.971  10.900  -6.057  1.00 17.21 ? 69  TRP A CE2 1 
ATOM   532  C CE3 . TRP A 1 71  ? -2.186  10.660  -3.812  1.00 14.79 ? 69  TRP A CE3 1 
ATOM   533  C CZ2 . TRP A 1 71  ? -3.323  9.536   -6.124  1.00 17.42 ? 69  TRP A CZ2 1 
ATOM   534  C CZ3 . TRP A 1 71  ? -2.508  9.324   -3.888  1.00 15.57 ? 69  TRP A CZ3 1 
ATOM   535  C CH2 . TRP A 1 71  ? -3.055  8.774   -4.990  1.00 14.72 ? 69  TRP A CH2 1 
ATOM   536  N N   . GLY A 1 72  ? -1.091  14.339  -1.004  1.00 15.62 ? 70  GLY A N   1 
ATOM   537  C CA  . GLY A 1 72  ? -0.110  14.968  -0.165  1.00 14.92 ? 70  GLY A CA  1 
ATOM   538  C C   . GLY A 1 72  ? 1.294   15.039  -0.736  1.00 15.71 ? 70  GLY A C   1 
ATOM   539  O O   . GLY A 1 72  ? 1.484   15.054  -1.950  1.00 13.50 ? 70  GLY A O   1 
ATOM   540  N N   . THR A 1 73  ? 2.258   15.102  0.136   1.00 16.62 ? 71  THR A N   1 
ATOM   541  C CA  . THR A 1 73  ? 3.684   15.089  -0.238  1.00 19.71 ? 71  THR A CA  1 
ATOM   542  C C   . THR A 1 73  ? 4.197   13.653  -0.494  1.00 18.47 ? 71  THR A C   1 
ATOM   543  O O   . THR A 1 73  ? 4.102   12.809  0.414   1.00 16.05 ? 71  THR A O   1 
ATOM   544  C CB  . THR A 1 73  ? 4.507   15.742  0.885   1.00 21.64 ? 71  THR A CB  1 
ATOM   545  O OG1 . THR A 1 73  ? 4.044   17.098  1.030   1.00 27.01 ? 71  THR A OG1 1 
ATOM   546  C CG2 . THR A 1 73  ? 6.026   15.787  0.548   1.00 23.36 ? 71  THR A CG2 1 
ATOM   547  N N   . GLU A 1 74  ? 4.796   13.386  -1.688  1.00 16.60 ? 72  GLU A N   1 
ATOM   548  C CA  . GLU A 1 74  ? 5.295   12.038  -1.933  1.00 20.14 ? 72  GLU A CA  1 
ATOM   549  C C   . GLU A 1 74  ? 6.489   11.679  -1.075  1.00 21.62 ? 72  GLU A C   1 
ATOM   550  O O   . GLU A 1 74  ? 7.323   12.545  -0.799  1.00 21.62 ? 72  GLU A O   1 
ATOM   551  C CB  . GLU A 1 74  ? 5.748   11.888  -3.385  1.00 19.91 ? 72  GLU A CB  1 
ATOM   552  C CG  . GLU A 1 74  ? 4.644   11.807  -4.390  1.00 20.58 ? 72  GLU A CG  1 
ATOM   553  C CD  . GLU A 1 74  ? 5.122   11.688  -5.854  1.00 21.64 ? 72  GLU A CD  1 
ATOM   554  O OE1 . GLU A 1 74  ? 6.319   11.700  -6.155  1.00 27.23 ? 72  GLU A OE1 1 
ATOM   555  O OE2 . GLU A 1 74  ? 4.271   11.526  -6.692  1.00 18.43 ? 72  GLU A OE2 1 
ATOM   556  N N   . GLN A 1 75  ? 6.565   10.398  -0.720  1.00 21.78 ? 73  GLN A N   1 
ATOM   557  C CA  . GLN A 1 75  ? 7.736   9.789   -0.081  1.00 21.50 ? 73  GLN A CA  1 
ATOM   558  C C   . GLN A 1 75  ? 8.296   8.737   -1.084  1.00 24.98 ? 73  GLN A C   1 
ATOM   559  O O   . GLN A 1 75  ? 7.574   7.879   -1.596  1.00 25.23 ? 73  GLN A O   1 
ATOM   560  C CB  . GLN A 1 75  ? 7.359   9.190   1.282   1.00 23.27 ? 73  GLN A CB  1 
ATOM   561  C CG  . GLN A 1 75  ? 8.548   8.723   2.076   1.00 23.99 ? 73  GLN A CG  1 
ATOM   562  C CD  . GLN A 1 75  ? 8.144   8.173   3.431   1.00 25.01 ? 73  GLN A CD  1 
ATOM   563  O OE1 . GLN A 1 75  ? 7.596   8.906   4.277   1.00 24.10 ? 73  GLN A OE1 1 
ATOM   564  N NE2 . GLN A 1 75  ? 8.394   6.896   3.639   1.00 24.52 ? 73  GLN A NE2 1 
ATOM   565  N N   . ARG A 1 76  ? 9.575   8.875   -1.423  1.00 23.06 ? 74  ARG A N   1 
ATOM   566  C CA  . ARG A 1 76  ? 10.211  7.985   -2.372  1.00 24.35 ? 74  ARG A CA  1 
ATOM   567  C C   . ARG A 1 76  ? 11.180  7.000   -1.651  1.00 24.29 ? 74  ARG A C   1 
ATOM   568  O O   . ARG A 1 76  ? 12.078  7.407   -0.881  1.00 20.59 ? 74  ARG A O   1 
ATOM   569  C CB  . ARG A 1 76  ? 10.910  8.760   -3.498  1.00 27.36 ? 74  ARG A CB  1 
ATOM   570  C CG  . ARG A 1 76  ? 10.180  8.773   -4.837  1.00 34.46 ? 74  ARG A CG  1 
ATOM   571  C CD  . ARG A 1 76  ? 10.844  9.640   -5.945  1.00 39.99 ? 74  ARG A CD  1 
ATOM   572  N NE  . ARG A 1 76  ? 9.916   9.832   -7.095  1.00 37.02 ? 74  ARG A NE  1 
ATOM   573  C CZ  . ARG A 1 76  ? 8.872   10.675  -7.111  1.00 32.91 ? 74  ARG A CZ  1 
ATOM   574  N NH1 . ARG A 1 76  ? 8.664   11.480  -6.057  1.00 33.91 ? 74  ARG A NH1 1 
ATOM   575  N NH2 . ARG A 1 76  ? 8.068   10.770  -8.203  1.00 27.23 ? 74  ARG A NH2 1 
ATOM   576  N N   . GLU A 1 77  ? 10.980  5.694   -1.875  1.00 19.86 ? 75  GLU A N   1 
ATOM   577  C CA  . GLU A 1 77  ? 11.887  4.677   -1.345  1.00 19.49 ? 75  GLU A CA  1 
ATOM   578  C C   . GLU A 1 77  ? 12.648  3.960   -2.476  1.00 20.28 ? 75  GLU A C   1 
ATOM   579  O O   . GLU A 1 77  ? 12.026  3.555   -3.397  1.00 19.86 ? 75  GLU A O   1 
ATOM   580  C CB  . GLU A 1 77  ? 11.055  3.661   -0.543  1.00 19.67 ? 75  GLU A CB  1 
ATOM   581  C CG  . GLU A 1 77  ? 10.207  4.275   0.544   1.00 21.29 ? 75  GLU A CG  1 
ATOM   582  C CD  . GLU A 1 77  ? 10.999  4.753   1.738   1.00 25.76 ? 75  GLU A CD  1 
ATOM   583  O OE1 . GLU A 1 77  ? 12.096  4.204   2.042   1.00 24.96 ? 75  GLU A OE1 1 
ATOM   584  O OE2 . GLU A 1 77  ? 10.505  5.672   2.434   1.00 28.66 ? 75  GLU A OE2 1 
ATOM   585  N N   . ASN A 1 78  ? 13.984  3.841   -2.377  1.00 19.16 ? 76  ASN A N   1 
ATOM   586  C CA  . ASN A 1 78  ? 14.814  3.035   -3.260  1.00 20.50 ? 76  ASN A CA  1 
ATOM   587  C C   . ASN A 1 78  ? 14.674  1.505   -2.992  1.00 21.81 ? 76  ASN A C   1 
ATOM   588  O O   . ASN A 1 78  ? 14.965  0.714   -3.834  1.00 25.58 ? 76  ASN A O   1 
ATOM   589  C CB  . ASN A 1 78  ? 16.336  3.399   -3.248  1.00 18.74 ? 76  ASN A CB  1 
ATOM   590  C CG  . ASN A 1 78  ? 16.612  4.801   -3.741  1.00 18.50 ? 76  ASN A CG  1 
ATOM   591  O OD1 . ASN A 1 78  ? 15.723  5.470   -4.261  1.00 19.55 ? 76  ASN A OD1 1 
ATOM   592  N ND2 . ASN A 1 78  ? 17.857  5.270   -3.596  1.00 19.10 ? 76  ASN A ND2 1 
ATOM   593  N N   . VAL A 1 79  ? 14.148  1.075   -1.858  1.00 22.46 ? 77  VAL A N   1 
ATOM   594  C CA  . VAL A 1 79  ? 13.991  -0.376  -1.690  1.00 24.13 ? 77  VAL A CA  1 
ATOM   595  C C   . VAL A 1 79  ? 13.003  -0.885  -2.726  1.00 23.11 ? 77  VAL A C   1 
ATOM   596  O O   . VAL A 1 79  ? 11.997  -0.230  -2.997  1.00 19.12 ? 77  VAL A O   1 
ATOM   597  C CB  . VAL A 1 79  ? 13.513  -0.728  -0.289  1.00 25.91 ? 77  VAL A CB  1 
ATOM   598  C CG1 . VAL A 1 79  ? 12.113  -0.268  -0.056  1.00 25.18 ? 77  VAL A CG1 1 
ATOM   599  C CG2 . VAL A 1 79  ? 13.553  -2.237  -0.087  1.00 31.74 ? 77  VAL A CG2 1 
ATOM   600  N N   . PHE A 1 80  ? 13.274  -2.060  -3.292  1.00 20.56 ? 78  PHE A N   1 
ATOM   601  C CA  . PHE A 1 80  ? 12.426  -2.580  -4.370  1.00 18.71 ? 78  PHE A CA  1 
ATOM   602  C C   . PHE A 1 80  ? 12.610  -4.071  -4.583  1.00 19.52 ? 78  PHE A C   1 
ATOM   603  O O   . PHE A 1 80  ? 13.228  -4.493  -5.570  1.00 20.80 ? 78  PHE A O   1 
ATOM   604  C CB  . PHE A 1 80  ? 12.739  -1.835  -5.665  1.00 16.88 ? 78  PHE A CB  1 
ATOM   605  C CG  . PHE A 1 80  ? 11.628  -1.864  -6.683  1.00 17.72 ? 78  PHE A CG  1 
ATOM   606  C CD1 . PHE A 1 80  ? 10.589  -0.953  -6.607  1.00 17.54 ? 78  PHE A CD1 1 
ATOM   607  C CD2 . PHE A 1 80  ? 11.621  -2.743  -7.771  1.00 15.94 ? 78  PHE A CD2 1 
ATOM   608  C CE1 . PHE A 1 80  ? 9.560   -0.953  -7.549  1.00 16.10 ? 78  PHE A CE1 1 
ATOM   609  C CE2 . PHE A 1 80  ? 10.561  -2.792  -8.676  1.00 18.45 ? 78  PHE A CE2 1 
ATOM   610  C CZ  . PHE A 1 80  ? 9.508   -1.864  -8.566  1.00 17.45 ? 78  PHE A CZ  1 
ATOM   611  N N   . PRO A 1 81  ? 12.045  -4.867  -3.710  1.00 22.05 ? 79  PRO A N   1 
ATOM   612  C CA  . PRO A 1 81  ? 12.139  -6.333  -3.851  1.00 24.86 ? 79  PRO A CA  1 
ATOM   613  C C   . PRO A 1 81  ? 11.091  -6.946  -4.768  1.00 25.82 ? 79  PRO A C   1 
ATOM   614  O O   . PRO A 1 81  ? 10.588  -8.049  -4.477  1.00 31.80 ? 79  PRO A O   1 
ATOM   615  C CB  . PRO A 1 81  ? 11.815  -6.786  -2.455  1.00 20.82 ? 79  PRO A CB  1 
ATOM   616  C CG  . PRO A 1 81  ? 10.826  -5.791  -2.003  1.00 22.88 ? 79  PRO A CG  1 
ATOM   617  C CD  . PRO A 1 81  ? 11.320  -4.479  -2.503  1.00 21.72 ? 79  PRO A CD  1 
ATOM   618  N N   . PHE A 1 82  ? 10.656  -6.237  -5.788  1.00 22.19 ? 80  PHE A N   1 
ATOM   619  C CA  . PHE A 1 82  ? 9.575   -6.738  -6.612  1.00 20.78 ? 80  PHE A CA  1 
ATOM   620  C C   . PHE A 1 82  ? 10.093  -7.186  -7.986  1.00 21.13 ? 80  PHE A C   1 
ATOM   621  O O   . PHE A 1 82  ? 11.106  -6.707  -8.421  1.00 24.91 ? 80  PHE A O   1 
ATOM   622  C CB  . PHE A 1 82  ? 8.445   -5.675  -6.748  1.00 21.01 ? 80  PHE A CB  1 
ATOM   623  C CG  . PHE A 1 82  ? 8.007   -5.084  -5.443  1.00 17.19 ? 80  PHE A CG  1 
ATOM   624  C CD1 . PHE A 1 82  ? 7.108   -5.758  -4.647  1.00 18.15 ? 80  PHE A CD1 1 
ATOM   625  C CD2 . PHE A 1 82  ? 8.430   -3.799  -5.049  1.00 17.55 ? 80  PHE A CD2 1 
ATOM   626  C CE1 . PHE A 1 82  ? 6.735   -5.228  -3.449  1.00 17.34 ? 80  PHE A CE1 1 
ATOM   627  C CE2 . PHE A 1 82  ? 8.017   -3.249  -3.871  1.00 19.18 ? 80  PHE A CE2 1 
ATOM   628  C CZ  . PHE A 1 82  ? 7.163   -3.966  -3.088  1.00 18.70 ? 80  PHE A CZ  1 
ATOM   629  N N   . GLN A 1 83  ? 9.439   -8.203  -8.573  1.00 22.66 ? 81  GLN A N   1 
ATOM   630  C CA  . GLN A 1 83  ? 9.649   -8.623  -9.956  1.00 24.00 ? 81  GLN A CA  1 
ATOM   631  C C   . GLN A 1 83  ? 8.324   -8.727  -10.671 1.00 23.80 ? 81  GLN A C   1 
ATOM   632  O O   . GLN A 1 83  ? 7.312   -9.151  -10.119 1.00 21.22 ? 81  GLN A O   1 
ATOM   633  C CB  . GLN A 1 83  ? 10.321  -10.018 -10.017 1.00 30.78 ? 81  GLN A CB  1 
ATOM   634  C CG  . GLN A 1 83  ? 11.209  -10.303 -8.815  1.00 35.90 ? 81  GLN A CG  1 
ATOM   635  C CD  . GLN A 1 83  ? 12.071  -11.560 -8.936  1.00 43.84 ? 81  GLN A CD  1 
ATOM   636  O OE1 . GLN A 1 83  ? 11.631  -12.606 -9.432  1.00 47.99 ? 81  GLN A OE1 1 
ATOM   637  N NE2 . GLN A 1 83  ? 13.307  -11.462 -8.446  1.00 47.71 ? 81  GLN A NE2 1 
ATOM   638  N N   . GLN A 1 84  ? 8.350   -8.380  -11.945 1.00 21.91 ? 82  GLN A N   1 
ATOM   639  C CA  . GLN A 1 84  ? 7.216   -8.534  -12.811 1.00 23.29 ? 82  GLN A CA  1 
ATOM   640  C C   . GLN A 1 84  ? 7.035   -10.015 -13.068 1.00 24.44 ? 82  GLN A C   1 
ATOM   641  O O   . GLN A 1 84  ? 8.022   -10.752 -13.100 1.00 23.92 ? 82  GLN A O   1 
ATOM   642  C CB  . GLN A 1 84  ? 7.463   -7.828  -14.155 1.00 26.55 ? 82  GLN A CB  1 
ATOM   643  C CG  . GLN A 1 84  ? 7.545   -6.312  -14.066 1.00 26.07 ? 82  GLN A CG  1 
ATOM   644  C CD  . GLN A 1 84  ? 8.304   -5.717  -15.236 1.00 30.06 ? 82  GLN A CD  1 
ATOM   645  O OE1 . GLN A 1 84  ? 9.411   -6.162  -15.520 1.00 36.87 ? 82  GLN A OE1 1 
ATOM   646  N NE2 . GLN A 1 84  ? 7.723   -4.738  -15.925 1.00 29.03 ? 82  GLN A NE2 1 
ATOM   647  N N   . GLY A 1 85  ? 5.790   -10.450 -13.180 1.00 22.87 ? 83  GLY A N   1 
ATOM   648  C CA  . GLY A 1 85  ? 5.497   -11.874 -13.340 1.00 24.29 ? 83  GLY A CA  1 
ATOM   649  C C   . GLY A 1 85  ? 5.810   -12.771 -12.152 1.00 26.13 ? 83  GLY A C   1 
ATOM   650  O O   . GLY A 1 85  ? 6.261   -13.928 -12.325 1.00 23.28 ? 83  GLY A O   1 
ATOM   651  N N   . ALA A 1 86  ? 5.547   -12.257 -10.953 1.00 22.88 ? 84  ALA A N   1 
ATOM   652  C CA  . ALA A 1 86  ? 5.822   -12.956 -9.724  1.00 24.21 ? 84  ALA A CA  1 
ATOM   653  C C   . ALA A 1 86  ? 4.827   -12.548 -8.657  1.00 24.76 ? 84  ALA A C   1 
ATOM   654  O O   . ALA A 1 86  ? 4.263   -11.460 -8.716  1.00 21.63 ? 84  ALA A O   1 
ATOM   655  C CB  . ALA A 1 86  ? 7.217   -12.633 -9.221  1.00 24.07 ? 84  ALA A CB  1 
ATOM   656  N N   . GLU A 1 87  ? 4.714   -13.406 -7.651  1.00 23.13 ? 85  GLU A N   1 
ATOM   657  C CA  . GLU A 1 87  ? 3.982   -13.113 -6.436  1.00 24.41 ? 85  GLU A CA  1 
ATOM   658  C C   . GLU A 1 87  ? 4.780   -12.196 -5.507  1.00 21.80 ? 85  GLU A C   1 
ATOM   659  O O   . GLU A 1 87  ? 6.035   -12.210 -5.514  1.00 20.21 ? 85  GLU A O   1 
ATOM   660  C CB  . GLU A 1 87  ? 3.656   -14.433 -5.722  1.00 27.78 ? 85  GLU A CB  1 
ATOM   661  C CG  . GLU A 1 87  ? 2.463   -14.369 -4.784  1.00 30.84 ? 85  GLU A CG  1 
ATOM   662  C CD  . GLU A 1 87  ? 1.809   -15.743 -4.589  1.00 33.74 ? 85  GLU A CD  1 
ATOM   663  O OE1 . GLU A 1 87  ? 2.517   -16.693 -4.254  1.00 37.21 ? 85  GLU A OE1 1 
ATOM   664  O OE2 . GLU A 1 87  ? 0.609   -15.885 -4.809  1.00 42.29 ? 85  GLU A OE2 1 
ATOM   665  N N   . THR A 1 88  ? 4.061   -11.358 -4.760  1.00 19.64 ? 86  THR A N   1 
ATOM   666  C CA  . THR A 1 88  ? 4.650   -10.568 -3.713  1.00 19.36 ? 86  THR A CA  1 
ATOM   667  C C   . THR A 1 88  ? 3.702   -10.550 -2.520  1.00 18.99 ? 86  THR A C   1 
ATOM   668  O O   . THR A 1 88  ? 2.555   -10.806 -2.698  1.00 19.96 ? 86  THR A O   1 
ATOM   669  C CB  . THR A 1 88  ? 4.998   -9.152  -4.176  1.00 22.72 ? 86  THR A CB  1 
ATOM   670  O OG1 . THR A 1 88  ? 5.792   -8.533  -3.143  1.00 25.28 ? 86  THR A OG1 1 
ATOM   671  C CG2 . THR A 1 88  ? 3.704   -8.350  -4.488  1.00 22.99 ? 86  THR A CG2 1 
ATOM   672  N N   . SER A 1 89  ? 4.226   -10.294 -1.323  1.00 20.00 ? 87  SER A N   1 
ATOM   673  C CA  . SER A 1 89  ? 3.437   -10.148 -0.094  1.00 22.16 ? 87  SER A CA  1 
ATOM   674  C C   . SER A 1 89  ? 3.948   -8.927  0.649   1.00 21.15 ? 87  SER A C   1 
ATOM   675  O O   . SER A 1 89  ? 5.169   -8.695  0.739   1.00 21.38 ? 87  SER A O   1 
ATOM   676  C CB  . SER A 1 89  ? 3.512   -11.427 0.769   1.00 23.78 ? 87  SER A CB  1 
ATOM   677  O OG  . SER A 1 89  ? 4.802   -11.578 1.265   1.00 35.56 ? 87  SER A OG  1 
ATOM   678  N N   . ILE A 1 90  ? 3.045   -8.067  1.123   1.00 20.76 ? 88  ILE A N   1 
ATOM   679  C CA  . ILE A 1 90  ? 3.417   -6.865  1.868   1.00 20.48 ? 88  ILE A CA  1 
ATOM   680  C C   . ILE A 1 90  ? 2.532   -6.799  3.123   1.00 21.08 ? 88  ILE A C   1 
ATOM   681  O O   . ILE A 1 90  ? 1.306   -7.133  2.990   1.00 21.02 ? 88  ILE A O   1 
ATOM   682  C CB  . ILE A 1 90  ? 3.198   -5.602  0.979   1.00 21.09 ? 88  ILE A CB  1 
ATOM   683  C CG1 . ILE A 1 90  ? 3.976   -5.721  -0.355  1.00 22.86 ? 88  ILE A CG1 1 
ATOM   684  C CG2 . ILE A 1 90  ? 3.534   -4.313  1.730   1.00 20.44 ? 88  ILE A CG2 1 
ATOM   685  C CD1 . ILE A 1 90  ? 3.090   -5.688  -1.567  1.00 21.61 ? 88  ILE A CD1 1 
ATOM   686  N N   . CYS A 1 91  ? 3.083   -6.364  4.282   1.00 19.50 ? 89  CYS A N   1 
ATOM   687  C CA  A CYS A 1 91  ? 2.258   -6.151  5.540   0.50 21.62 ? 89  CYS A CA  1 
ATOM   688  C CA  B CYS A 1 91  ? 2.284   -6.156  5.485   0.50 21.61 ? 89  CYS A CA  1 
ATOM   689  C C   . CYS A 1 91  ? 2.240   -4.665  5.841   1.00 19.12 ? 89  CYS A C   1 
ATOM   690  O O   . CYS A 1 91  ? 3.263   -3.971  5.828   1.00 19.72 ? 89  CYS A O   1 
ATOM   691  C CB  A CYS A 1 91  ? 2.654   -6.939  6.857   0.50 25.07 ? 89  CYS A CB  1 
ATOM   692  C CB  B CYS A 1 91  ? 2.863   -6.976  6.623   0.50 24.13 ? 89  CYS A CB  1 
ATOM   693  S SG  A CYS A 1 91  ? 1.133   -7.495  7.742   0.50 29.93 ? 89  CYS A SG  1 
ATOM   694  S SG  B CYS A 1 91  ? 2.667   -8.747  6.413   0.50 32.28 ? 89  CYS A SG  1 
ATOM   695  N N   . PHE A 1 92  ? 1.068   -4.172  6.119   1.00 17.64 ? 90  PHE A N   1 
ATOM   696  C CA  . PHE A 1 92  ? 0.874   -2.788  6.572   1.00 16.83 ? 90  PHE A CA  1 
ATOM   697  C C   . PHE A 1 92  ? 0.484   -2.805  8.034   1.00 19.47 ? 90  PHE A C   1 
ATOM   698  O O   . PHE A 1 92  ? -0.555  -3.329  8.321   1.00 18.21 ? 90  PHE A O   1 
ATOM   699  C CB  . PHE A 1 92  ? -0.195  -2.130  5.710   1.00 17.51 ? 90  PHE A CB  1 
ATOM   700  C CG  . PHE A 1 92  ? 0.130   -2.149  4.231   1.00 16.98 ? 90  PHE A CG  1 
ATOM   701  C CD1 . PHE A 1 92  ? 0.704   -1.044  3.618   1.00 18.46 ? 90  PHE A CD1 1 
ATOM   702  C CD2 . PHE A 1 92  ? -0.247  -3.243  3.472   1.00 17.62 ? 90  PHE A CD2 1 
ATOM   703  C CE1 . PHE A 1 92  ? 0.964   -1.074  2.251   1.00 18.95 ? 90  PHE A CE1 1 
ATOM   704  C CE2 . PHE A 1 92  ? 0.019   -3.280  2.143   1.00 19.26 ? 90  PHE A CE2 1 
ATOM   705  C CZ  . PHE A 1 92  ? 0.635   -2.182  1.533   1.00 19.43 ? 90  PHE A CZ  1 
ATOM   706  N N   . GLU A 1 93  ? 1.344   -2.301  8.931   1.00 19.26 ? 91  GLU A N   1 
ATOM   707  C CA  . GLU A 1 93  ? 1.103   -2.321  10.363  1.00 20.44 ? 91  GLU A CA  1 
ATOM   708  C C   . GLU A 1 93  ? 0.663   -0.929  10.751  1.00 20.08 ? 91  GLU A C   1 
ATOM   709  O O   . GLU A 1 93  ? 1.335   0.055   10.390  1.00 15.98 ? 91  GLU A O   1 
ATOM   710  C CB  . GLU A 1 93  ? 2.372   -2.697  11.126  1.00 22.87 ? 91  GLU A CB  1 
ATOM   711  C CG  . GLU A 1 93  ? 2.238   -2.525  12.627  1.00 24.06 ? 91  GLU A CG  1 
ATOM   712  C CD  . GLU A 1 93  ? 3.525   -2.839  13.377  1.00 26.99 ? 91  GLU A CD  1 
ATOM   713  O OE1 . GLU A 1 93  ? 4.247   -3.732  12.914  1.00 30.52 ? 91  GLU A OE1 1 
ATOM   714  O OE2 . GLU A 1 93  ? 3.771   -2.198  14.439  1.00 35.58 ? 91  GLU A OE2 1 
ATOM   715  N N   . TYR A 1 94  ? -0.452  -0.857  11.462  1.00 18.83 ? 92  TYR A N   1 
ATOM   716  C CA  . TYR A 1 94  ? -1.013  0.425   11.940  1.00 20.14 ? 92  TYR A CA  1 
ATOM   717  C C   . TYR A 1 94  ? -0.573  0.812   13.371  1.00 21.91 ? 92  TYR A C   1 
ATOM   718  O O   . TYR A 1 94  ? -0.910  0.127   14.350  1.00 24.14 ? 92  TYR A O   1 
ATOM   719  C CB  . TYR A 1 94  ? -2.560  0.330   11.821  1.00 22.01 ? 92  TYR A CB  1 
ATOM   720  C CG  . TYR A 1 94  ? -3.397  1.505   12.293  1.00 20.80 ? 92  TYR A CG  1 
ATOM   721  C CD1 . TYR A 1 94  ? -2.850  2.784   12.561  1.00 24.14 ? 92  TYR A CD1 1 
ATOM   722  C CD2 . TYR A 1 94  ? -4.742  1.348   12.470  1.00 20.66 ? 92  TYR A CD2 1 
ATOM   723  C CE1 . TYR A 1 94  ? -3.662  3.831   13.023  1.00 25.54 ? 92  TYR A CE1 1 
ATOM   724  C CE2 . TYR A 1 94  ? -5.527  2.362   12.932  1.00 21.43 ? 92  TYR A CE2 1 
ATOM   725  C CZ  . TYR A 1 94  ? -5.006  3.615   13.182  1.00 21.80 ? 92  TYR A CZ  1 
ATOM   726  O OH  . TYR A 1 94  ? -5.856  4.627   13.673  1.00 23.86 ? 92  TYR A OH  1 
ATOM   727  N N   . GLN A 1 95  ? 0.242   1.868   13.463  1.00 20.79 ? 93  GLN A N   1 
ATOM   728  C CA  . GLN A 1 95  ? 0.581   2.519   14.739  1.00 24.01 ? 93  GLN A CA  1 
ATOM   729  C C   . GLN A 1 95  ? -0.023  3.909   14.818  1.00 25.57 ? 93  GLN A C   1 
ATOM   730  O O   . GLN A 1 95  ? -0.535  4.450   13.824  1.00 28.76 ? 93  GLN A O   1 
ATOM   731  C CB  . GLN A 1 95  ? 2.117   2.574   14.933  1.00 26.03 ? 93  GLN A CB  1 
ATOM   732  C CG  . GLN A 1 95  ? 2.756   1.172   14.992  1.00 28.09 ? 93  GLN A CG  1 
ATOM   733  C CD  . GLN A 1 95  ? 2.238   0.353   16.193  1.00 34.70 ? 93  GLN A CD  1 
ATOM   734  O OE1 . GLN A 1 95  ? 1.780   0.921   17.198  1.00 36.04 ? 93  GLN A OE1 1 
ATOM   735  N NE2 . GLN A 1 95  ? 2.298   -0.968  16.092  1.00 32.76 ? 93  GLN A NE2 1 
ATOM   736  N N   . ALA A 1 96  ? 0.002   4.463   16.030  1.00 27.65 ? 94  ALA A N   1 
ATOM   737  C CA  . ALA A 1 96  ? -0.706  5.698   16.318  1.00 33.57 ? 94  ALA A CA  1 
ATOM   738  C C   . ALA A 1 96  ? -0.546  6.752   15.229  1.00 32.09 ? 94  ALA A C   1 
ATOM   739  O O   . ALA A 1 96  ? -1.561  7.235   14.707  1.00 35.64 ? 94  ALA A O   1 
ATOM   740  C CB  . ALA A 1 96  ? -0.240  6.255   17.666  1.00 33.77 ? 94  ALA A CB  1 
ATOM   741  N N   . ASP A 1 97  ? 0.716   7.035   14.854  1.00 29.37 ? 95  ASP A N   1 
ATOM   742  C CA  . ASP A 1 97  ? 1.113   8.172   13.951  1.00 27.87 ? 95  ASP A CA  1 
ATOM   743  C C   . ASP A 1 97  ? 1.861   7.789   12.681  1.00 22.54 ? 95  ASP A C   1 
ATOM   744  O O   . ASP A 1 97  ? 2.395   8.638   11.951  1.00 21.26 ? 95  ASP A O   1 
ATOM   745  C CB  . ASP A 1 97  ? 1.952   9.226   14.750  1.00 32.11 ? 95  ASP A CB  1 
ATOM   746  C CG  . ASP A 1 97  ? 3.356   8.727   15.185  1.00 38.01 ? 95  ASP A CG  1 
ATOM   747  O OD1 . ASP A 1 97  ? 3.810   7.592   14.891  1.00 36.84 ? 95  ASP A OD1 1 
ATOM   748  O OD2 . ASP A 1 97  ? 4.041   9.514   15.873  1.00 40.75 ? 95  ASP A OD2 1 
ATOM   749  N N   . HIS A 1 98  ? 1.908   6.497   12.392  1.00 21.65 ? 96  HIS A N   1 
ATOM   750  C CA  . HIS A 1 98  ? 2.507   6.048   11.162  1.00 19.61 ? 96  HIS A CA  1 
ATOM   751  C C   . HIS A 1 98  ? 2.116   4.618   10.877  1.00 18.43 ? 96  HIS A C   1 
ATOM   752  O O   . HIS A 1 98  ? 1.639   3.852   11.765  1.00 21.74 ? 96  HIS A O   1 
ATOM   753  C CB  . HIS A 1 98  ? 4.028   6.070   11.195  1.00 20.76 ? 96  HIS A CB  1 
ATOM   754  C CG  . HIS A 1 98  ? 4.630   5.076   12.138  1.00 21.62 ? 96  HIS A CG  1 
ATOM   755  N ND1 . HIS A 1 98  ? 4.602   5.242   13.505  1.00 25.95 ? 96  HIS A ND1 1 
ATOM   756  C CD2 . HIS A 1 98  ? 5.300   3.933   11.911  1.00 21.56 ? 96  HIS A CD2 1 
ATOM   757  C CE1 . HIS A 1 98  ? 5.205   4.219   14.080  1.00 24.65 ? 96  HIS A CE1 1 
ATOM   758  N NE2 . HIS A 1 98  ? 5.677   3.434   13.133  1.00 25.40 ? 96  HIS A NE2 1 
ATOM   759  N N   . LEU A 1 99  ? 2.259   4.311   9.597   1.00 17.94 ? 97  LEU A N   1 
ATOM   760  C CA  . LEU A 1 99  ? 2.129   2.925   9.135   1.00 18.87 ? 97  LEU A CA  1 
ATOM   761  C C   . LEU A 1 99  ? 3.528   2.425   8.951   1.00 19.69 ? 97  LEU A C   1 
ATOM   762  O O   . LEU A 1 99  ? 4.409   3.152   8.537   1.00 24.59 ? 97  LEU A O   1 
ATOM   763  C CB  . LEU A 1 99  ? 1.391   2.801   7.822   1.00 20.04 ? 97  LEU A CB  1 
ATOM   764  C CG  . LEU A 1 99  ? -0.057  3.294   7.732   1.00 24.93 ? 97  LEU A CG  1 
ATOM   765  C CD1 . LEU A 1 99  ? -0.542  2.805   6.391   1.00 27.11 ? 97  LEU A CD1 1 
ATOM   766  C CD2 . LEU A 1 99  ? -0.912  2.768   8.877   1.00 25.88 ? 97  LEU A CD2 1 
ATOM   767  N N   . LYS A 1 100 ? 3.732   1.180   9.308   1.00 18.22 ? 98  LYS A N   1 
ATOM   768  C CA  . LYS A 1 100 ? 4.978   0.509   9.047   1.00 18.03 ? 98  LYS A CA  1 
ATOM   769  C C   . LYS A 1 100 ? 4.703   -0.460  7.917   1.00 17.76 ? 98  LYS A C   1 
ATOM   770  O O   . LYS A 1 100 ? 3.777   -1.300  8.019   1.00 17.02 ? 98  LYS A O   1 
ATOM   771  C CB  . LYS A 1 100 ? 5.470   -0.201  10.336  1.00 21.43 ? 98  LYS A CB  1 
ATOM   772  C CG  . LYS A 1 100 ? 6.686   -1.078  10.151  1.00 29.73 ? 98  LYS A CG  1 
ATOM   773  C CD  . LYS A 1 100 ? 6.953   -1.834  11.459  1.00 36.83 ? 98  LYS A CD  1 
ATOM   774  C CE  . LYS A 1 100 ? 8.330   -1.528  12.004  1.00 41.07 ? 98  LYS A CE  1 
ATOM   775  N NZ  . LYS A 1 100 ? 8.483   -0.079  12.316  1.00 43.17 ? 98  LYS A NZ  1 
ATOM   776  N N   . VAL A 1 101 ? 5.483   -0.350  6.836   1.00 16.80 ? 99  VAL A N   1 
ATOM   777  C CA  . VAL A 1 101 ? 5.297   -1.181  5.641   1.00 17.66 ? 99  VAL A CA  1 
ATOM   778  C C   . VAL A 1 101 ? 6.395   -2.218  5.680   1.00 17.03 ? 99  VAL A C   1 
ATOM   779  O O   . VAL A 1 101 ? 7.577   -1.828  5.729   1.00 17.80 ? 99  VAL A O   1 
ATOM   780  C CB  . VAL A 1 101 ? 5.457   -0.405  4.377   1.00 17.71 ? 99  VAL A CB  1 
ATOM   781  C CG1 . VAL A 1 101 ? 5.317   -1.289  3.146   1.00 17.51 ? 99  VAL A CG1 1 
ATOM   782  C CG2 . VAL A 1 101 ? 4.447   0.786   4.348   1.00 19.46 ? 99  VAL A CG2 1 
ATOM   783  N N   . LYS A 1 102 ? 5.996   -3.475  5.672   1.00 15.78 ? 100 LYS A N   1 
ATOM   784  C CA  . LYS A 1 102 ? 6.979   -4.623  5.812   1.00 19.35 ? 100 LYS A CA  1 
ATOM   785  C C   . LYS A 1 102 ? 6.956   -5.445  4.539   1.00 17.04 ? 100 LYS A C   1 
ATOM   786  O O   . LYS A 1 102 ? 5.918   -5.977  4.117   1.00 16.62 ? 100 LYS A O   1 
ATOM   787  C CB  . LYS A 1 102 ? 6.596   -5.502  7.036   1.00 21.28 ? 100 LYS A CB  1 
ATOM   788  C CG  . LYS A 1 102 ? 6.273   -4.778  8.300   1.00 28.22 ? 100 LYS A CG  1 
ATOM   789  C CD  . LYS A 1 102 ? 5.922   -5.778  9.408   1.00 34.16 ? 100 LYS A CD  1 
ATOM   790  C CE  . LYS A 1 102 ? 5.221   -5.120  10.564  1.00 40.29 ? 100 LYS A CE  1 
ATOM   791  N NZ  . LYS A 1 102 ? 4.377   -6.111  11.277  1.00 45.36 ? 100 LYS A NZ  1 
ATOM   792  N N   . LEU A 1 103 ? 8.123   -5.564  3.902   1.00 16.86 ? 101 LEU A N   1 
ATOM   793  C CA  . LEU A 1 103 ? 8.304   -6.203  2.659   1.00 18.24 ? 101 LEU A CA  1 
ATOM   794  C C   . LEU A 1 103 ? 8.807   -7.647  2.874   1.00 18.94 ? 101 LEU A C   1 
ATOM   795  O O   . LEU A 1 103 ? 9.321   -7.998  3.986   1.00 20.36 ? 101 LEU A O   1 
ATOM   796  C CB  . LEU A 1 103 ? 9.253   -5.404  1.812   1.00 19.20 ? 101 LEU A CB  1 
ATOM   797  C CG  . LEU A 1 103 ? 8.790   -3.946  1.571   1.00 20.56 ? 101 LEU A CG  1 
ATOM   798  C CD1 . LEU A 1 103 ? 9.855   -3.169  0.845   1.00 20.65 ? 101 LEU A CD1 1 
ATOM   799  C CD2 . LEU A 1 103 ? 7.442   -3.926  0.852   1.00 18.42 ? 101 LEU A CD2 1 
ATOM   800  N N   . SER A 1 104 ? 8.658   -8.425  1.808   1.00 24.43 ? 102 SER A N   1 
ATOM   801  C CA  . SER A 1 104 ? 8.898   -9.865  1.780   1.00 26.46 ? 102 SER A CA  1 
ATOM   802  C C   . SER A 1 104 ? 10.333  -10.236 2.061   1.00 24.19 ? 102 SER A C   1 
ATOM   803  O O   . SER A 1 104 ? 10.588  -11.323 2.535   1.00 24.80 ? 102 SER A O   1 
ATOM   804  C CB  . SER A 1 104 ? 8.514   -10.451 0.395   1.00 28.62 ? 102 SER A CB  1 
ATOM   805  O OG  . SER A 1 104 ? 9.244   -9.814  -0.700  1.00 27.78 ? 102 SER A OG  1 
ATOM   806  N N   . ASP A 1 105 ? 11.270  -9.357  1.763   1.00 23.30 ? 103 ASP A N   1 
ATOM   807  C CA  . ASP A 1 105 ? 12.691  -9.570  2.016   1.00 23.29 ? 103 ASP A CA  1 
ATOM   808  C C   . ASP A 1 105 ? 13.163  -9.017  3.368   1.00 21.50 ? 103 ASP A C   1 
ATOM   809  O O   . ASP A 1 105 ? 14.333  -8.843  3.596   1.00 25.26 ? 103 ASP A O   1 
ATOM   810  C CB  . ASP A 1 105 ? 13.528  -8.985  0.829   1.00 28.36 ? 103 ASP A CB  1 
ATOM   811  C CG  . ASP A 1 105 ? 13.520  -7.453  0.796   1.00 28.51 ? 103 ASP A CG  1 
ATOM   812  O OD1 . ASP A 1 105 ? 14.381  -6.801  0.133   1.00 30.35 ? 103 ASP A OD1 1 
ATOM   813  O OD2 . ASP A 1 105 ? 12.667  -6.867  1.482   1.00 24.12 ? 103 ASP A OD2 1 
ATOM   814  N N   . GLY A 1 106 ? 12.231  -8.695  4.270   1.00 20.33 ? 104 GLY A N   1 
ATOM   815  C CA  . GLY A 1 106 ? 12.548  -8.138  5.527   1.00 19.28 ? 104 GLY A CA  1 
ATOM   816  C C   . GLY A 1 106 ? 12.732  -6.628  5.624   1.00 20.38 ? 104 GLY A C   1 
ATOM   817  O O   . GLY A 1 106 ? 12.788  -6.093  6.742   1.00 20.65 ? 104 GLY A O   1 
ATOM   818  N N   . GLN A 1 107 ? 12.870  -5.932  4.502   1.00 20.64 ? 105 GLN A N   1 
ATOM   819  C CA  . GLN A 1 107 ? 13.034  -4.482  4.524   1.00 20.42 ? 105 GLN A CA  1 
ATOM   820  C C   . GLN A 1 107 ? 11.735  -3.853  4.925   1.00 19.13 ? 105 GLN A C   1 
ATOM   821  O O   . GLN A 1 107 ? 10.707  -4.368  4.571   1.00 17.75 ? 105 GLN A O   1 
ATOM   822  C CB  . GLN A 1 107 ? 13.486  -3.993  3.153   1.00 26.28 ? 105 GLN A CB  1 
ATOM   823  C CG  . GLN A 1 107 ? 14.862  -4.548  2.841   1.00 32.10 ? 105 GLN A CG  1 
ATOM   824  C CD  . GLN A 1 107 ? 15.712  -3.545  2.092   1.00 38.55 ? 105 GLN A CD  1 
ATOM   825  O OE1 . GLN A 1 107 ? 16.243  -2.578  2.683   1.00 40.51 ? 105 GLN A OE1 1 
ATOM   826  N NE2 . GLN A 1 107 ? 15.846  -3.767  0.780   1.00 42.66 ? 105 GLN A NE2 1 
ATOM   827  N N   . GLU A 1 108 ? 11.815  -2.753  5.663   1.00 21.22 ? 106 GLU A N   1 
ATOM   828  C CA  . GLU A 1 108 ? 10.649  -2.095  6.235   1.00 23.72 ? 106 GLU A CA  1 
ATOM   829  C C   . GLU A 1 108 ? 10.839  -0.577  6.140   1.00 26.40 ? 106 GLU A C   1 
ATOM   830  O O   . GLU A 1 108 ? 11.989  -0.091  6.256   1.00 27.17 ? 106 GLU A O   1 
ATOM   831  C CB  . GLU A 1 108 ? 10.579  -2.383  7.723   1.00 27.02 ? 106 GLU A CB  1 
ATOM   832  C CG  . GLU A 1 108 ? 10.218  -3.784  8.153   1.00 32.06 ? 106 GLU A CG  1 
ATOM   833  C CD  . GLU A 1 108 ? 10.373  -3.930  9.658   1.00 37.95 ? 106 GLU A CD  1 
ATOM   834  O OE1 . GLU A 1 108 ? 10.727  -2.909  10.293  1.00 41.01 ? 106 GLU A OE1 1 
ATOM   835  O OE2 . GLU A 1 108 ? 10.113  -5.029  10.195  1.00 43.49 ? 106 GLU A OE2 1 
ATOM   836  N N   . PHE A 1 109 ? 9.742   0.189   6.077   1.00 21.33 ? 107 PHE A N   1 
ATOM   837  C CA  . PHE A 1 109 ? 9.866   1.634   6.206   0.50 19.97 ? 107 PHE A CA  1 
ATOM   838  C C   . PHE A 1 109 ? 8.575   2.160   6.762   1.00 21.70 ? 107 PHE A C   1 
ATOM   839  O O   . PHE A 1 109 ? 7.578   1.446   6.780   1.00 21.70 ? 107 PHE A O   1 
ATOM   840  C CB  . PHE A 1 109 ? 10.242  2.264   4.852   1.00 21.49 ? 107 PHE A CB  1 
ATOM   841  C CG  . PHE A 1 109 ? 9.155   2.154   3.781   1.00 19.26 ? 107 PHE A CG  1 
ATOM   842  C CD1 . PHE A 1 109 ? 8.137   3.124   3.665   1.00 18.79 ? 107 PHE A CD1 1 
ATOM   843  C CD2 . PHE A 1 109 ? 9.174   1.099   2.869   1.00 19.65 ? 107 PHE A CD2 1 
ATOM   844  C CE1 . PHE A 1 109 ? 7.161   2.993   2.655   1.00 19.38 ? 107 PHE A CE1 1 
ATOM   845  C CE2 . PHE A 1 109 ? 8.226   1.017   1.839   1.00 19.59 ? 107 PHE A CE2 1 
ATOM   846  C CZ  . PHE A 1 109 ? 7.196   1.937   1.765   1.00 19.81 ? 107 PHE A CZ  1 
ATOM   847  N N   . ASN A 1 110 ? 8.606   3.360   7.320   1.00 21.27 ? 108 ASN A N   1 
ATOM   848  C CA  . ASN A 1 110 ? 7.425   3.940   7.923   1.00 22.54 ? 108 ASN A CA  1 
ATOM   849  C C   . ASN A 1 110 ? 6.954   5.056   7.053   1.00 19.53 ? 108 ASN A C   1 
ATOM   850  O O   . ASN A 1 110 ? 7.751   5.773   6.462   1.00 18.90 ? 108 ASN A O   1 
ATOM   851  C CB  . ASN A 1 110 ? 7.705   4.530   9.310   1.00 25.66 ? 108 ASN A CB  1 
ATOM   852  C CG  . ASN A 1 110 ? 8.202   3.494   10.286  1.00 26.22 ? 108 ASN A CG  1 
ATOM   853  O OD1 . ASN A 1 110 ? 7.717   2.383   10.317  1.00 23.77 ? 108 ASN A OD1 1 
ATOM   854  N ND2 . ASN A 1 110 ? 9.204   3.861   11.045  1.00 29.37 ? 108 ASN A ND2 1 
ATOM   855  N N   . PHE A 1 111 ? 5.674   5.290   7.123   1.00 17.97 ? 109 PHE A N   1 
ATOM   856  C CA  . PHE A 1 111 ? 4.982   6.357   6.419   1.00 17.95 ? 109 PHE A CA  1 
ATOM   857  C C   . PHE A 1 111 ? 4.078   7.101   7.393   1.00 18.83 ? 109 PHE A C   1 
ATOM   858  O O   . PHE A 1 111 ? 3.267   6.509   8.047   1.00 17.87 ? 109 PHE A O   1 
ATOM   859  C CB  . PHE A 1 111 ? 4.164   5.798   5.220   1.00 18.75 ? 109 PHE A CB  1 
ATOM   860  C CG  . PHE A 1 111 ? 3.584   6.877   4.330   1.00 16.97 ? 109 PHE A CG  1 
ATOM   861  C CD1 . PHE A 1 111 ? 4.376   7.543   3.397   1.00 16.65 ? 109 PHE A CD1 1 
ATOM   862  C CD2 . PHE A 1 111 ? 2.231   7.202   4.411   1.00 16.09 ? 109 PHE A CD2 1 
ATOM   863  C CE1 . PHE A 1 111 ? 3.840   8.539   2.600   1.00 17.65 ? 109 PHE A CE1 1 
ATOM   864  C CE2 . PHE A 1 111 ? 1.693   8.244   3.637   1.00 16.54 ? 109 PHE A CE2 1 
ATOM   865  C CZ  . PHE A 1 111 ? 2.508   8.894   2.724   1.00 15.28 ? 109 PHE A CZ  1 
ATOM   866  N N   . PRO A 1 112 ? 4.201   8.417   7.462   1.00 19.51 ? 110 PRO A N   1 
ATOM   867  C CA  . PRO A 1 112 ? 3.455   9.123   8.461   0.50 17.71 ? 110 PRO A CA  1 
ATOM   868  C C   . PRO A 1 112 ? 1.948   9.156   8.218   1.00 18.62 ? 110 PRO A C   1 
ATOM   869  O O   . PRO A 1 112 ? 1.472   9.187   7.085   1.00 16.50 ? 110 PRO A O   1 
ATOM   870  C CB  . PRO A 1 112 ? 4.067   10.514  8.399   1.00 22.19 ? 110 PRO A CB  1 
ATOM   871  C CG  . PRO A 1 112 ? 4.524   10.685  7.027   1.00 20.92 ? 110 PRO A CG  1 
ATOM   872  C CD  . PRO A 1 112 ? 4.981   9.324   6.611   1.00 20.94 ? 110 PRO A CD  1 
ATOM   873  N N   . ILE A 1 113 ? 1.168   9.180   9.299   1.00 18.36 ? 111 ILE A N   1 
ATOM   874  C CA  . ILE A 1 113 ? -0.282  9.300   9.192   1.00 19.96 ? 111 ILE A CA  1 
ATOM   875  C C   . ILE A 1 113 ? -0.608  10.777  9.461   1.00 19.04 ? 111 ILE A C   1 
ATOM   876  O O   . ILE A 1 113 ? -0.264  11.289  10.540  1.00 21.75 ? 111 ILE A O   1 
ATOM   877  C CB  . ILE A 1 113 ? -1.073  8.439   10.202  1.00 23.12 ? 111 ILE A CB  1 
ATOM   878  C CG1 . ILE A 1 113 ? -0.961  6.923   9.944   1.00 25.44 ? 111 ILE A CG1 1 
ATOM   879  C CG2 . ILE A 1 113 ? -2.537  8.827   10.117  1.00 22.63 ? 111 ILE A CG2 1 
ATOM   880  C CD1 . ILE A 1 113 ? -1.577  6.092   11.063  1.00 28.48 ? 111 ILE A CD1 1 
ATOM   881  N N   . ARG A 1 114 ? -1.285  11.381  8.488   1.00 20.75 ? 112 ARG A N   1 
ATOM   882  C CA  . ARG A 1 114 ? -1.364  12.821  8.247   1.00 22.18 ? 112 ARG A CA  1 
ATOM   883  C C   . ARG A 1 114 ? -2.775  13.325  8.422   1.00 22.26 ? 112 ARG A C   1 
ATOM   884  O O   . ARG A 1 114 ? -3.107  14.497  8.099   1.00 19.31 ? 112 ARG A O   1 
ATOM   885  C CB  . ARG A 1 114 ? -1.007  13.048  6.757   1.00 21.30 ? 112 ARG A CB  1 
ATOM   886  C CG  . ARG A 1 114 ? 0.449   12.720  6.451   1.00 22.49 ? 112 ARG A CG  1 
ATOM   887  C CD  . ARG A 1 114 ? 0.731   12.776  4.941   1.00 21.05 ? 112 ARG A CD  1 
ATOM   888  N NE  . ARG A 1 114 ? 2.137   12.882  4.711   1.00 20.14 ? 112 ARG A NE  1 
ATOM   889  C CZ  . ARG A 1 114 ? 2.720   12.716  3.504   1.00 20.18 ? 112 ARG A CZ  1 
ATOM   890  N NH1 . ARG A 1 114 ? 2.001   12.437  2.428   1.00 16.33 ? 112 ARG A NH1 1 
ATOM   891  N NH2 . ARG A 1 114 ? 4.011   12.881  3.397   1.00 22.68 ? 112 ARG A NH2 1 
ATOM   892  N N   . MET A 1 115 ? -3.633  12.424  8.845   1.00 21.48 ? 113 MET A N   1 
ATOM   893  C CA  . MET A 1 115 ? -5.061  12.695  8.806   1.00 21.54 ? 113 MET A CA  1 
ATOM   894  C C   . MET A 1 115 ? -5.694  12.011  10.006  1.00 19.41 ? 113 MET A C   1 
ATOM   895  O O   . MET A 1 115 ? -5.073  11.112  10.583  1.00 17.82 ? 113 MET A O   1 
ATOM   896  C CB  . MET A 1 115 ? -5.716  12.259  7.503   1.00 25.10 ? 113 MET A CB  1 
ATOM   897  C CG  . MET A 1 115 ? -5.773  10.748  7.192   1.00 25.73 ? 113 MET A CG  1 
ATOM   898  S SD  . MET A 1 115 ? -6.593  10.413  5.607   1.00 35.05 ? 113 MET A SD  1 
ATOM   899  C CE  . MET A 1 115 ? -5.271  10.983  4.546   1.00 25.63 ? 113 MET A CE  1 
ATOM   900  N N   . PRO A 1 116 ? -6.899  12.488  10.399  1.00 20.78 ? 114 PRO A N   1 
ATOM   901  C CA  . PRO A 1 116 ? -7.586  11.886  11.499  1.00 21.27 ? 114 PRO A CA  1 
ATOM   902  C C   . PRO A 1 116 ? -8.000  10.491  11.154  1.00 20.42 ? 114 PRO A C   1 
ATOM   903  O O   . PRO A 1 116 ? -8.543  10.258  10.062  1.00 23.41 ? 114 PRO A O   1 
ATOM   904  C CB  . PRO A 1 116 ? -8.838  12.757  11.701  1.00 24.12 ? 114 PRO A CB  1 
ATOM   905  C CG  . PRO A 1 116 ? -8.685  13.928  10.807  1.00 24.77 ? 114 PRO A CG  1 
ATOM   906  C CD  . PRO A 1 116 ? -7.676  13.566  9.769   1.00 22.71 ? 114 PRO A CD  1 
ATOM   907  N N   . LEU A 1 117 ? -7.800  9.576   12.106  1.00 20.95 ? 115 LEU A N   1 
ATOM   908  C CA  . LEU A 1 117 ? -8.007  8.158   11.878  1.00 23.20 ? 115 LEU A CA  1 
ATOM   909  C C   . LEU A 1 117 ? -8.287  7.410   13.181  1.00 24.11 ? 115 LEU A C   1 
ATOM   910  O O   . LEU A 1 117 ? -7.489  7.475   14.124  1.00 24.90 ? 115 LEU A O   1 
ATOM   911  C CB  . LEU A 1 117 ? -6.736  7.569   11.176  1.00 21.45 ? 115 LEU A CB  1 
ATOM   912  C CG  . LEU A 1 117 ? -6.734  6.125   10.751  1.00 21.08 ? 115 LEU A CG  1 
ATOM   913  C CD1 . LEU A 1 117 ? -7.740  5.862   9.635   1.00 20.22 ? 115 LEU A CD1 1 
ATOM   914  C CD2 . LEU A 1 117 ? -5.364  5.649   10.305  1.00 20.77 ? 115 LEU A CD2 1 
ATOM   915  N N   . ASP A 1 118 ? -9.387  6.655   13.194  1.00 24.20 ? 116 ASP A N   1 
ATOM   916  C CA  . ASP A 1 118 ? -9.751  5.768   14.313  1.00 30.97 ? 116 ASP A CA  1 
ATOM   917  C C   . ASP A 1 118 ? -9.277  4.350   13.883  1.00 27.53 ? 116 ASP A C   1 
ATOM   918  O O   . ASP A 1 118 ? -8.332  3.806   14.439  1.00 26.45 ? 116 ASP A O   1 
ATOM   919  C CB  . ASP A 1 118 ? -11.298 5.894   14.538  1.00 34.44 ? 116 ASP A CB  1 
ATOM   920  C CG  . ASP A 1 118 ? -11.873 4.943   15.612  1.00 41.65 ? 116 ASP A CG  1 
ATOM   921  O OD1 . ASP A 1 118 ? -11.358 4.928   16.747  1.00 47.69 ? 116 ASP A OD1 1 
ATOM   922  O OD2 . ASP A 1 118 ? -12.904 4.270   15.325  1.00 41.80 ? 116 ASP A OD2 1 
ATOM   923  N N   . THR A 1 119 ? -10.026 3.762   12.951  1.00 23.39 ? 117 THR A N   1 
ATOM   924  C CA  . THR A 1 119 ? -9.733  2.463   12.322  1.00 23.03 ? 117 THR A CA  1 
ATOM   925  C C   . THR A 1 119 ? -9.519  2.631   10.805  1.00 19.49 ? 117 THR A C   1 
ATOM   926  O O   . THR A 1 119 ? -10.162 3.513   10.190  1.00 19.53 ? 117 THR A O   1 
ATOM   927  C CB  . THR A 1 119 ? -10.975 1.590   12.503  1.00 26.62 ? 117 THR A CB  1 
ATOM   928  O OG1 . THR A 1 119 ? -11.323 1.622   13.891  1.00 30.67 ? 117 THR A OG1 1 
ATOM   929  C CG2 . THR A 1 119 ? -10.699 0.219   12.197  1.00 29.55 ? 117 THR A CG2 1 
ATOM   930  N N   . ILE A 1 120 ? -8.655  1.792   10.242  1.00 17.49 ? 118 ILE A N   1 
ATOM   931  C CA  . ILE A 1 120 ? -8.616  1.596   8.792   1.00 17.77 ? 118 ILE A CA  1 
ATOM   932  C C   . ILE A 1 120 ? -9.734  0.672   8.350   1.00 15.75 ? 118 ILE A C   1 
ATOM   933  O O   . ILE A 1 120 ? -9.818  -0.498  8.771   1.00 15.41 ? 118 ILE A O   1 
ATOM   934  C CB  . ILE A 1 120 ? -7.237  1.160   8.312   1.00 16.93 ? 118 ILE A CB  1 
ATOM   935  C CG1 . ILE A 1 120 ? -6.265  2.335   8.541   1.00 18.78 ? 118 ILE A CG1 1 
ATOM   936  C CG2 . ILE A 1 120 ? -7.284  0.703   6.833   1.00 17.89 ? 118 ILE A CG2 1 
ATOM   937  C CD1 . ILE A 1 120 ? -4.814  2.005   8.514   1.00 21.08 ? 118 ILE A CD1 1 
ATOM   938  N N   . THR A 1 121 ? -10.545 1.201   7.437   1.00 15.10 ? 119 THR A N   1 
ATOM   939  C CA  . THR A 1 121 ? -11.716 0.493   6.953   1.00 16.32 ? 119 THR A CA  1 
ATOM   940  C C   . THR A 1 121 ? -11.804 0.323   5.428   1.00 14.87 ? 119 THR A C   1 
ATOM   941  O O   . THR A 1 121 ? -12.779 -0.204  4.955   1.00 16.23 ? 119 THR A O   1 
ATOM   942  C CB  . THR A 1 121 ? -13.000 1.196   7.447   1.00 16.08 ? 119 THR A CB  1 
ATOM   943  O OG1 . THR A 1 121 ? -13.056 2.517   6.861   1.00 18.77 ? 119 THR A OG1 1 
ATOM   944  C CG2 . THR A 1 121 ? -12.975 1.208   8.969   1.00 18.01 ? 119 THR A CG2 1 
ATOM   945  N N   . PHE A 1 122 ? -10.809 0.786   4.696   1.00 15.16 ? 120 PHE A N   1 
ATOM   946  C CA  . PHE A 1 122 ? -10.861 0.775   3.264   1.00 13.24 ? 120 PHE A CA  1 
ATOM   947  C C   . PHE A 1 122 ? -9.530  0.338   2.644   1.00 12.96 ? 120 PHE A C   1 
ATOM   948  O O   . PHE A 1 122 ? -8.490  0.790   3.072   1.00 12.88 ? 120 PHE A O   1 
ATOM   949  C CB  . PHE A 1 122 ? -11.220 2.171   2.726   1.00 14.73 ? 120 PHE A CB  1 
ATOM   950  C CG  . PHE A 1 122 ? -11.300 2.255   1.195   1.00 14.36 ? 120 PHE A CG  1 
ATOM   951  C CD1 . PHE A 1 122 ? -10.208 2.640   0.459   1.00 16.22 ? 120 PHE A CD1 1 
ATOM   952  C CD2 . PHE A 1 122 ? -12.487 1.993   0.549   1.00 16.04 ? 120 PHE A CD2 1 
ATOM   953  C CE1 . PHE A 1 122 ? -10.274 2.787   -0.912  1.00 16.81 ? 120 PHE A CE1 1 
ATOM   954  C CE2 . PHE A 1 122 ? -12.580 2.139   -0.846  1.00 17.75 ? 120 PHE A CE2 1 
ATOM   955  C CZ  . PHE A 1 122 ? -11.452 2.466   -1.564  1.00 17.63 ? 120 PHE A CZ  1 
ATOM   956  N N   . LEU A 1 123 ? -9.630  -0.472  1.628   1.00 13.17 ? 121 LEU A N   1 
ATOM   957  C CA  . LEU A 1 123 ? -8.516  -0.960  0.866   1.00 14.44 ? 121 LEU A CA  1 
ATOM   958  C C   . LEU A 1 123 ? -8.868  -0.940  -0.619  1.00 14.02 ? 121 LEU A C   1 
ATOM   959  O O   . LEU A 1 123 ? -9.963  -1.336  -1.059  1.00 15.83 ? 121 LEU A O   1 
ATOM   960  C CB  . LEU A 1 123 ? -8.224  -2.383  1.280   1.00 15.09 ? 121 LEU A CB  1 
ATOM   961  C CG  . LEU A 1 123 ? -7.193  -3.150  0.431   1.00 17.60 ? 121 LEU A CG  1 
ATOM   962  C CD1 . LEU A 1 123 ? -7.457  -3.631  -0.992  1.00 20.26 ? 121 LEU A CD1 1 
ATOM   963  C CD2 . LEU A 1 123 ? -5.853  -2.543  0.458   1.00 22.17 ? 121 LEU A CD2 1 
ATOM   964  N N   . SER A 1 124 ? -7.950  -0.485  -1.444  1.00 15.29 ? 122 SER A N   1 
ATOM   965  C CA  . SER A 1 124 ? -8.147  -0.758  -2.886  1.00 13.61 ? 122 SER A CA  1 
ATOM   966  C C   . SER A 1 124 ? -6.804  -1.084  -3.528  1.00 15.72 ? 122 SER A C   1 
ATOM   967  O O   . SER A 1 124 ? -5.759  -0.789  -3.022  1.00 14.30 ? 122 SER A O   1 
ATOM   968  C CB  . SER A 1 124 ? -8.853  0.380   -3.636  1.00 14.58 ? 122 SER A CB  1 
ATOM   969  O OG  . SER A 1 124 ? -8.065  1.570   -3.646  1.00 15.90 ? 122 SER A OG  1 
ATOM   970  N N   . MET A 1 125 ? -6.847  -1.733  -4.656  1.00 17.26 ? 123 MET A N   1 
ATOM   971  C CA  . MET A 1 125 ? -5.576  -2.046  -5.313  1.00 20.23 ? 123 MET A CA  1 
ATOM   972  C C   . MET A 1 125 ? -5.769  -2.081  -6.815  1.00 19.59 ? 123 MET A C   1 
ATOM   973  O O   . MET A 1 125 ? -6.883  -2.324  -7.327  1.00 21.02 ? 123 MET A O   1 
ATOM   974  C CB  . MET A 1 125 ? -5.009  -3.331  -4.769  1.00 24.24 ? 123 MET A CB  1 
ATOM   975  C CG  . MET A 1 125 ? -5.882  -4.525  -5.067  1.00 27.29 ? 123 MET A CG  1 
ATOM   976  S SD  . MET A 1 125 ? -5.376  -5.943  -4.096  1.00 35.16 ? 123 MET A SD  1 
ATOM   977  C CE  . MET A 1 125 ? -4.692  -7.079  -5.279  1.00 34.85 ? 123 MET A CE  1 
ATOM   978  N N   . ASP A 1 126 ? -4.684  -1.880  -7.537  1.00 18.62 ? 124 ASP A N   1 
ATOM   979  C CA  . ASP A 1 126 ? -4.752  -1.733  -8.977  1.00 22.03 ? 124 ASP A CA  1 
ATOM   980  C C   . ASP A 1 126 ? -3.396  -2.239  -9.530  1.00 16.96 ? 124 ASP A C   1 
ATOM   981  O O   . ASP A 1 126 ? -2.369  -2.007  -8.942  1.00 17.94 ? 124 ASP A O   1 
ATOM   982  C CB  . ASP A 1 126 ? -4.988  -0.258  -9.333  1.00 28.81 ? 124 ASP A CB  1 
ATOM   983  C CG  . ASP A 1 126 ? -5.256  -0.011  -10.824 1.00 38.28 ? 124 ASP A CG  1 
ATOM   984  O OD1 . ASP A 1 126 ? -5.795  -0.890  -11.591 1.00 44.75 ? 124 ASP A OD1 1 
ATOM   985  O OD2 . ASP A 1 126 ? -4.936  1.119   -11.231 1.00 48.30 ? 124 ASP A OD2 1 
ATOM   986  N N   . GLY A 1 127 ? -3.422  -2.999  -10.603 1.00 18.71 ? 125 GLY A N   1 
ATOM   987  C CA  . GLY A 1 127 ? -2.188  -3.445  -11.230 1.00 18.28 ? 125 GLY A CA  1 
ATOM   988  C C   . GLY A 1 127 ? -1.566  -4.710  -10.644 1.00 19.34 ? 125 GLY A C   1 
ATOM   989  O O   . GLY A 1 127 ? -0.473  -5.108  -11.057 1.00 20.18 ? 125 GLY A O   1 
ATOM   990  N N   . ILE A 1 128 ? -2.254  -5.307  -9.670  1.00 18.86 ? 126 ILE A N   1 
ATOM   991  C CA  . ILE A 1 128 ? -1.774  -6.482  -8.976  1.00 21.75 ? 126 ILE A CA  1 
ATOM   992  C C   . ILE A 1 128 ? -2.983  -7.383  -8.753  1.00 22.74 ? 126 ILE A C   1 
ATOM   993  O O   . ILE A 1 128 ? -4.007  -6.901  -8.338  1.00 23.43 ? 126 ILE A O   1 
ATOM   994  C CB  . ILE A 1 128 ? -0.990  -6.124  -7.648  1.00 22.14 ? 126 ILE A CB  1 
ATOM   995  C CG1 . ILE A 1 128 ? -0.496  -7.393  -6.957  1.00 23.30 ? 126 ILE A CG1 1 
ATOM   996  C CG2 . ILE A 1 128 ? -1.801  -5.258  -6.681  1.00 22.64 ? 126 ILE A CG2 1 
ATOM   997  C CD1 . ILE A 1 128 ? 0.360   -7.114  -5.747  1.00 22.52 ? 126 ILE A CD1 1 
ATOM   998  N N   . GLU A 1 129 ? -2.836  -8.670  -8.994  1.00 23.16 ? 127 GLU A N   1 
ATOM   999  C CA  . GLU A 1 129 ? -3.948  -9.602  -8.889  1.00 25.95 ? 127 GLU A CA  1 
ATOM   1000 C C   . GLU A 1 129 ? -4.018  -10.149 -7.473  1.00 24.37 ? 127 GLU A C   1 
ATOM   1001 O O   . GLU A 1 129 ? -3.045  -10.634 -6.952  1.00 24.74 ? 127 GLU A O   1 
ATOM   1002 C CB  . GLU A 1 129 ? -3.822  -10.702 -9.937  1.00 28.58 ? 127 GLU A CB  1 
ATOM   1003 C CG  . GLU A 1 129 ? -3.785  -10.108 -11.338 1.00 34.01 ? 127 GLU A CG  1 
ATOM   1004 C CD  . GLU A 1 129 ? -3.760  -11.149 -12.449 1.00 42.16 ? 127 GLU A CD  1 
ATOM   1005 O OE1 . GLU A 1 129 ? -4.577  -12.116 -12.359 1.00 42.19 ? 127 GLU A OE1 1 
ATOM   1006 O OE2 . GLU A 1 129 ? -2.923  -10.998 -13.409 1.00 47.02 ? 127 GLU A OE2 1 
ATOM   1007 N N   . LEU A 1 130 ? -5.191  -10.107 -6.862  1.00 22.95 ? 128 LEU A N   1 
ATOM   1008 C CA  . LEU A 1 130 ? -5.289  -10.590 -5.494  1.00 22.33 ? 128 LEU A CA  1 
ATOM   1009 C C   . LEU A 1 130 ? -5.037  -12.082 -5.458  1.00 19.74 ? 128 LEU A C   1 
ATOM   1010 O O   . LEU A 1 130 ? -5.597  -12.861 -6.257  1.00 19.22 ? 128 LEU A O   1 
ATOM   1011 C CB  . LEU A 1 130 ? -6.688  -10.303 -4.930  1.00 24.24 ? 128 LEU A CB  1 
ATOM   1012 C CG  . LEU A 1 130 ? -7.041  -10.812 -3.574  1.00 26.60 ? 128 LEU A CG  1 
ATOM   1013 C CD1 . LEU A 1 130 ? -6.224  -10.197 -2.453  1.00 28.32 ? 128 LEU A CD1 1 
ATOM   1014 C CD2 . LEU A 1 130 ? -8.541  -10.520 -3.380  1.00 28.03 ? 128 LEU A CD2 1 
ATOM   1015 N N   . LYS A 1 131 ? -4.261  -12.492 -4.468  1.00 16.60 ? 129 LYS A N   1 
ATOM   1016 C CA  . LYS A 1 131 ? -4.140  -13.916 -4.125  1.00 18.26 ? 129 LYS A CA  1 
ATOM   1017 C C   . LYS A 1 131 ? -4.748  -14.080 -2.727  1.00 16.29 ? 129 LYS A C   1 
ATOM   1018 O O   . LYS A 1 131 ? -5.591  -14.932 -2.566  1.00 15.75 ? 129 LYS A O   1 
ATOM   1019 C CB  . LYS A 1 131 ? -2.663  -14.379 -4.200  1.00 19.30 ? 129 LYS A CB  1 
ATOM   1020 C CG  . LYS A 1 131 ? -2.322  -15.750 -3.597  1.00 23.64 ? 129 LYS A CG  1 
ATOM   1021 C CD  . LYS A 1 131 ? -3.095  -16.911 -4.167  1.00 28.05 ? 129 LYS A CD  1 
ATOM   1022 C CE  . LYS A 1 131 ? -3.039  -18.115 -3.205  1.00 34.35 ? 129 LYS A CE  1 
ATOM   1023 N NZ  . LYS A 1 131 ? -3.092  -17.745 -1.726  1.00 39.91 ? 129 LYS A NZ  1 
ATOM   1024 N N   . ALA A 1 132 ? -4.347  -13.287 -1.737  1.00 19.24 ? 130 ALA A N   1 
ATOM   1025 C CA  . ALA A 1 132 ? -4.885  -13.423 -0.384  1.00 18.44 ? 130 ALA A CA  1 
ATOM   1026 C C   . ALA A 1 132 ? -4.777  -12.091 0.370   1.00 21.54 ? 130 ALA A C   1 
ATOM   1027 O O   . ALA A 1 132 ? -3.809  -11.313 0.166   1.00 17.73 ? 130 ALA A O   1 
ATOM   1028 C CB  . ALA A 1 132 ? -4.146  -14.489 0.395   1.00 19.05 ? 130 ALA A CB  1 
ATOM   1029 N N   . ILE A 1 133 ? -5.724  -11.879 1.287   1.00 22.94 ? 131 ILE A N   1 
ATOM   1030 C CA  . ILE A 1 133 ? -5.590  -10.835 2.326   1.00 24.69 ? 131 ILE A CA  1 
ATOM   1031 C C   . ILE A 1 133 ? -5.793  -11.450 3.702   1.00 24.76 ? 131 ILE A C   1 
ATOM   1032 O O   . ILE A 1 133 ? -6.671  -12.309 3.894   1.00 22.26 ? 131 ILE A O   1 
ATOM   1033 C CB  . ILE A 1 133 ? -6.595  -9.666  2.113   1.00 29.55 ? 131 ILE A CB  1 
ATOM   1034 C CG1 . ILE A 1 133 ? -6.193  -8.913  0.837   1.00 37.00 ? 131 ILE A CG1 1 
ATOM   1035 C CG2 . ILE A 1 133 ? -6.613  -8.689  3.326   1.00 26.89 ? 131 ILE A CG2 1 
ATOM   1036 C CD1 . ILE A 1 133 ? -7.219  -7.972  0.237   1.00 39.90 ? 131 ILE A CD1 1 
ATOM   1037 N N   . SER A 1 134 ? -5.008  -11.013 4.688   1.00 21.19 ? 132 SER A N   1 
ATOM   1038 C CA  . SER A 1 134 ? -5.273  -11.464 6.043   1.00 23.74 ? 132 SER A CA  1 
ATOM   1039 C C   . SER A 1 134 ? -5.002  -10.387 7.083   1.00 22.84 ? 132 SER A C   1 
ATOM   1040 O O   . SER A 1 134 ? -4.134  -9.497  6.882   1.00 23.77 ? 132 SER A O   1 
ATOM   1041 C CB  . SER A 1 134 ? -4.503  -12.751 6.350   1.00 26.50 ? 132 SER A CB  1 
ATOM   1042 O OG  . SER A 1 134 ? -3.133  -12.483 6.359   1.00 30.45 ? 132 SER A OG  1 
ATOM   1043 N N   . LEU A 1 135 ? -5.741  -10.444 8.202   1.00 20.93 ? 133 LEU A N   1 
ATOM   1044 C CA  . LEU A 1 135 ? -5.580  -9.463  9.269   1.00 24.15 ? 133 LEU A CA  1 
ATOM   1045 C C   . LEU A 1 135 ? -4.891  -10.097 10.455  1.00 25.25 ? 133 LEU A C   1 
ATOM   1046 O O   . LEU A 1 135 ? -5.234  -11.210 10.868  1.00 24.40 ? 133 LEU A O   1 
ATOM   1047 C CB  . LEU A 1 135 ? -6.917  -8.892  9.692   1.00 24.56 ? 133 LEU A CB  1 
ATOM   1048 C CG  . LEU A 1 135 ? -7.711  -8.404  8.500   1.00 26.65 ? 133 LEU A CG  1 
ATOM   1049 C CD1 . LEU A 1 135 ? -9.149  -8.074  8.934   1.00 29.89 ? 133 LEU A CD1 1 
ATOM   1050 C CD2 . LEU A 1 135 ? -7.030  -7.228  7.802   1.00 28.85 ? 133 LEU A CD2 1 
ATOM   1051 N N   . HIS A 1 136 ? -3.889  -9.419  10.984  1.00 27.73 ? 134 HIS A N   1 
ATOM   1052 C CA  . HIS A 1 136 ? -3.173  -9.919  12.159  1.00 28.94 ? 134 HIS A CA  1 
ATOM   1053 C C   . HIS A 1 136 ? -3.323  -8.875  13.253  1.00 30.03 ? 134 HIS A C   1 
ATOM   1054 O O   . HIS A 1 136 ? -4.376  -8.801  13.914  1.00 27.90 ? 134 HIS A O   1 
ATOM   1055 C CB  . HIS A 1 136 ? -1.722  -10.192 11.804  1.00 31.26 ? 134 HIS A CB  1 
ATOM   1056 C CG  . HIS A 1 136 ? -1.565  -11.031 10.567  1.00 36.20 ? 134 HIS A CG  1 
ATOM   1057 N ND1 . HIS A 1 136 ? -1.665  -12.406 10.590  1.00 37.72 ? 134 HIS A ND1 1 
ATOM   1058 C CD2 . HIS A 1 136 ? -1.362  -10.690 9.273   1.00 39.19 ? 134 HIS A CD2 1 
ATOM   1059 C CE1 . HIS A 1 136 ? -1.500  -12.875 9.368   1.00 39.11 ? 134 HIS A CE1 1 
ATOM   1060 N NE2 . HIS A 1 136 ? -1.317  -11.857 8.549   1.00 39.56 ? 134 HIS A NE2 1 
ATOM   1061 O OXT . HIS A 1 136 ? -2.441  -8.040  13.433  1.00 25.63 ? 134 HIS A OXT 1 
HETATM 1062 C C1  . GLC B 2 .   ? 4.700   14.263  -10.343 1.00 23.44 ? 1   GLC B C1  1 
HETATM 1063 C C2  . GLC B 2 .   ? 5.262   12.917  -9.941  1.00 18.08 ? 1   GLC B C2  1 
HETATM 1064 C C3  . GLC B 2 .   ? 4.349   11.735  -10.044 1.00 18.41 ? 1   GLC B C3  1 
HETATM 1065 C C4  . GLC B 2 .   ? 2.846   12.093  -10.002 1.00 16.24 ? 1   GLC B C4  1 
HETATM 1066 C C5  . GLC B 2 .   ? 2.480   13.261  -10.917 1.00 18.37 ? 1   GLC B C5  1 
HETATM 1067 C C6  . GLC B 2 .   ? 1.135   13.827  -10.597 1.00 21.47 ? 1   GLC B C6  1 
HETATM 1068 O O1  . GLC B 2 .   ? 5.634   15.113  -10.958 1.00 20.38 ? 1   GLC B O1  1 
HETATM 1069 O O2  . GLC B 2 .   ? 6.561   12.601  -10.396 1.00 19.10 ? 1   GLC B O2  1 
HETATM 1070 O O3  . GLC B 2 .   ? 4.764   10.836  -9.007  1.00 16.31 ? 1   GLC B O3  1 
HETATM 1071 O O4  . GLC B 2 .   ? 2.208   10.951  -10.451 1.00 17.28 ? 1   GLC B O4  1 
HETATM 1072 O O5  . GLC B 2 .   ? 3.360   14.341  -10.787 1.00 19.67 ? 1   GLC B O5  1 
HETATM 1073 O O6  . GLC B 2 .   ? 0.928   14.863  -11.553 1.00 32.04 ? 1   GLC B O6  1 
HETATM 1074 C C1  . GAL B 2 .   ? 1.118   10.587  -9.558  1.00 17.14 ? 2   GAL B C1  1 
HETATM 1075 C C2  . GAL B 2 .   ? 0.336   9.417   -10.139 1.00 19.74 ? 2   GAL B C2  1 
HETATM 1076 C C3  . GAL B 2 .   ? -0.772  8.904   -9.220  1.00 16.22 ? 2   GAL B C3  1 
HETATM 1077 C C4  . GAL B 2 .   ? -0.184  8.705   -7.816  1.00 17.27 ? 2   GAL B C4  1 
HETATM 1078 C C5  . GAL B 2 .   ? 0.563   9.975   -7.384  1.00 15.40 ? 2   GAL B C5  1 
HETATM 1079 C C6  . GAL B 2 .   ? 1.209   9.914   -6.017  1.00 14.87 ? 2   GAL B C6  1 
HETATM 1080 O O2  . GAL B 2 .   ? -0.289  9.818   -11.351 1.00 19.09 ? 2   GAL B O2  1 
HETATM 1081 O O3  . GAL B 2 .   ? -1.361  7.750   -9.792  1.00 17.40 ? 2   GAL B O3  1 
HETATM 1082 O O4  . GAL B 2 .   ? 0.724   7.595   -7.819  1.00 16.75 ? 2   GAL B O4  1 
HETATM 1083 O O5  . GAL B 2 .   ? 1.636   10.321  -8.269  1.00 15.01 ? 2   GAL B O5  1 
HETATM 1084 O O6  . GAL B 2 .   ? 1.874   11.105  -5.643  1.00 16.76 ? 2   GAL B O6  1 
HETATM 1085 S S   . SO4 C 3 .   ? 4.176   6.287   -17.891 1.00 50.70 ? 203 SO4 A S   1 
HETATM 1086 O O1  . SO4 C 3 .   ? 5.466   6.225   -18.640 1.00 50.06 ? 203 SO4 A O1  1 
HETATM 1087 O O2  . SO4 C 3 .   ? 4.298   7.336   -16.852 1.00 44.05 ? 203 SO4 A O2  1 
HETATM 1088 O O3  . SO4 C 3 .   ? 3.012   6.607   -18.757 1.00 47.42 ? 203 SO4 A O3  1 
HETATM 1089 O O4  . SO4 C 3 .   ? 3.799   4.957   -17.307 1.00 49.34 ? 203 SO4 A O4  1 
HETATM 1090 O O   . HOH D 4 .   ? -1.067  9.545   5.797   1.00 16.79 ? 401 HOH A O   1 
HETATM 1091 O O   . HOH D 4 .   ? 0.367   5.531   -10.027 1.00 19.88 ? 402 HOH A O   1 
HETATM 1092 O O   . HOH D 4 .   ? -5.111  16.355  7.976   1.00 20.31 ? 403 HOH A O   1 
HETATM 1093 O O   . HOH D 4 .   ? 11.241  10.879  -0.603  1.00 26.07 ? 404 HOH A O   1 
HETATM 1094 O O   . HOH D 4 .   ? 7.890   -9.993  -6.468  1.00 26.13 ? 405 HOH A O   1 
HETATM 1095 O O   . HOH D 4 .   ? -7.873  -5.127  13.493  1.00 27.68 ? 406 HOH A O   1 
HETATM 1096 O O   . HOH D 4 .   ? 7.298   -7.307  -0.698  1.00 24.78 ? 407 HOH A O   1 
HETATM 1097 O O   . HOH D 4 .   ? -9.830  3.538   -4.585  1.00 21.89 ? 408 HOH A O   1 
HETATM 1098 O O   . HOH D 4 .   ? 14.031  6.162   -11.138 1.00 23.69 ? 409 HOH A O   1 
HETATM 1099 O O   . HOH D 4 .   ? -4.488  10.014  13.091  1.00 24.33 ? 410 HOH A O   1 
HETATM 1100 O O   . HOH D 4 .   ? 6.186   -15.969 -8.389  1.00 27.55 ? 411 HOH A O   1 
HETATM 1101 O O   . HOH D 4 .   ? -3.772  16.358  -5.710  1.00 23.91 ? 412 HOH A O   1 
HETATM 1102 O O   . HOH D 4 .   ? -11.282 6.169   11.293  1.00 33.67 ? 413 HOH A O   1 
HETATM 1103 O O   . HOH D 4 .   ? -15.674 7.520   5.048   1.00 30.21 ? 414 HOH A O   1 
HETATM 1104 O O   . HOH D 4 .   ? -4.588  3.894   -6.925  1.00 27.87 ? 415 HOH A O   1 
HETATM 1105 O O   . HOH D 4 .   ? -1.870  1.620   -10.516 1.00 41.37 ? 416 HOH A O   1 
HETATM 1106 O O   . HOH D 4 .   ? 7.060   12.289  -12.587 1.00 40.22 ? 417 HOH A O   1 
HETATM 1107 O O   . HOH D 4 .   ? 5.903   -3.159  -19.363 1.00 39.97 ? 418 HOH A O   1 
HETATM 1108 O O   . HOH D 4 .   ? -2.065  -18.296 0.550   1.00 47.38 ? 419 HOH A O   1 
HETATM 1109 O O   . HOH D 4 .   ? -15.081 2.523   4.927   1.00 31.86 ? 420 HOH A O   1 
HETATM 1110 O O   . HOH D 4 .   ? 3.695   -15.427 1.922   1.00 41.18 ? 421 HOH A O   1 
HETATM 1111 O O   . HOH D 4 .   ? 0.728   -1.587  -15.524 1.00 36.59 ? 422 HOH A O   1 
HETATM 1112 O O   . HOH D 4 .   ? 0.226   -3.993  -13.668 1.00 28.00 ? 423 HOH A O   1 
HETATM 1113 O O   . HOH D 4 .   ? -9.620  12.595  5.928   1.00 34.20 ? 424 HOH A O   1 
HETATM 1114 O O   . HOH D 4 .   ? -15.179 8.759   -1.317  1.00 41.25 ? 425 HOH A O   1 
HETATM 1115 O O   . HOH D 4 .   ? 7.939   6.505   -17.092 1.00 28.83 ? 426 HOH A O   1 
HETATM 1116 O O   . HOH D 4 .   ? 16.362  2.310   -10.931 1.00 26.09 ? 427 HOH A O   1 
HETATM 1117 O O   . HOH D 4 .   ? -5.974  18.338  -5.209  1.00 32.77 ? 428 HOH A O   1 
HETATM 1118 O O   . HOH D 4 .   ? 8.231   -8.947  -2.799  1.00 39.71 ? 429 HOH A O   1 
HETATM 1119 O O   . HOH D 4 .   ? 15.408  -8.114  -1.973  1.00 44.04 ? 430 HOH A O   1 
HETATM 1120 O O   . HOH D 4 .   ? 14.707  -2.136  6.566   1.00 28.10 ? 431 HOH A O   1 
HETATM 1121 O O   . HOH D 4 .   ? 5.913   3.374   -19.109 1.00 33.67 ? 432 HOH A O   1 
HETATM 1122 O O   . HOH D 4 .   ? -7.494  1.431   16.453  1.00 32.22 ? 433 HOH A O   1 
HETATM 1123 O O   . HOH D 4 .   ? 16.189  -3.289  -3.186  1.00 29.97 ? 434 HOH A O   1 
HETATM 1124 O O   . HOH D 4 .   ? -6.584  -1.104  19.150  1.00 40.24 ? 435 HOH A O   1 
HETATM 1125 O O   . HOH D 4 .   ? 7.166   -16.207 -11.003 1.00 34.02 ? 436 HOH A O   1 
HETATM 1126 O O   . HOH D 4 .   ? 9.195   -9.947  5.826   1.00 28.44 ? 437 HOH A O   1 
HETATM 1127 O O   . HOH D 4 .   ? 11.232  4.768   7.687   1.00 36.77 ? 438 HOH A O   1 
HETATM 1128 O O   . HOH D 4 .   ? -0.370  -15.827 -7.616  1.00 32.62 ? 439 HOH A O   1 
HETATM 1129 O O   . HOH D 4 .   ? 6.157   -13.470 -1.380  1.00 37.01 ? 440 HOH A O   1 
HETATM 1130 O O   . HOH D 4 .   ? 5.570   -9.473  4.313   1.00 37.81 ? 441 HOH A O   1 
HETATM 1131 O O   . HOH D 4 .   ? -12.569 -6.660  10.069  1.00 30.31 ? 442 HOH A O   1 
HETATM 1132 O O   . HOH D 4 .   ? 13.309  8.640   -9.137  1.00 39.17 ? 443 HOH A O   1 
HETATM 1133 O O   . HOH D 4 .   ? 16.309  -0.363  -5.801  1.00 37.49 ? 444 HOH A O   1 
HETATM 1134 O O   . HOH D 4 .   ? -15.301 4.669   -0.789  1.00 25.78 ? 445 HOH A O   1 
HETATM 1135 O O   . HOH D 4 .   ? -11.510 4.238   8.230   1.00 35.89 ? 446 HOH A O   1 
HETATM 1136 O O   . HOH D 4 .   ? -5.236  6.830   16.242  1.00 47.12 ? 447 HOH A O   1 
HETATM 1137 O O   . HOH D 4 .   ? -3.659  -1.145  -14.228 1.00 36.52 ? 448 HOH A O   1 
HETATM 1138 O O   . HOH D 4 .   ? -6.001  -3.840  -11.676 1.00 43.68 ? 449 HOH A O   1 
# 
